data_6S7U
#
_entry.id   6S7U
#
_cell.length_a   175.258
_cell.length_b   96.662
_cell.length_c   124.259
_cell.angle_alpha   90.000
_cell.angle_beta   102.750
_cell.angle_gamma   90.000
#
_symmetry.space_group_name_H-M   'C 1 2 1'
#
loop_
_entity.id
_entity.type
_entity.pdbx_description
1 polymer 'Fumarate hydratase class II'
2 non-polymer ~{N}-[5-(azepan-1-ylsulfonyl)-2-methoxy-phenyl]-2-(1~{H}-indol-3-yl)ethanamide
3 non-polymer 'FORMIC ACID'
4 non-polymer 'MAGNESIUM ION'
5 water water
#
_entity_poly.entity_id   1
_entity_poly.type   'polypeptide(L)'
_entity_poly.pdbx_seq_one_letter_code
;MAVDADSANYRIEHDTMGEVRVPAKALWRAQTQRAVENFPISGRGLERTQIRALGLLKGACAQVNSDLGLLAPEKADAII
AAAAEIADGQHDDQFPIDVFQTGSGTSSNMNTNEVIASIAAKGGVTLHPNDDVNMSQSSNDTFPTATHIAATEAAVAHLI
PALQQLHDALAAKALDWHTVVKSGRTHLMDAVPVTLGQEFSGYARQIEAGIERVRACLPRLGELAIGGTAVGTGLNAPDD
FGVRVVAVLVAQTGLSELRTAANSFEAQAARDGLVEASGALRTIAVSLTKIANDIRWMGSGPLTGLAEIQLPDLQPGSSI
MPGKVNPVLPEAVTQVAAQVIGNDAAIAWGGANGAFELNVYIPMMARNILESFKLLTNVSRLFAQRCIAGLTANVEHLRR
LAESSPSIVTPLNSAIGYEEAAAVAKQALKERKTIRQTVIDRGLIGDRLSIEDLDRRLDVLAMAKAEQLDSDRL
;
_entity_poly.pdbx_strand_id   A,B,C,D
#
loop_
_chem_comp.id
_chem_comp.type
_chem_comp.name
_chem_comp.formula
FMT non-polymer 'FORMIC ACID' 'C H2 O2'
KZK non-polymer ~{N}-[5-(azepan-1-ylsulfonyl)-2-methoxy-phenyl]-2-(1~{H}-indol-3-yl)ethanamide 'C23 H27 N3 O4 S'
MG non-polymer 'MAGNESIUM ION' 'Mg 2'
#
# COMPACT_ATOMS: atom_id res chain seq x y z
N TYR A 10 44.08 8.83 -5.79
CA TYR A 10 43.49 10.11 -5.34
C TYR A 10 43.83 11.22 -6.35
N ARG A 11 43.53 11.02 -7.65
CA ARG A 11 43.83 11.99 -8.74
C ARG A 11 42.97 13.26 -8.63
N ILE A 12 43.41 14.38 -9.19
CA ILE A 12 42.67 15.66 -9.00
C ILE A 12 42.10 16.22 -10.31
N GLU A 13 40.84 16.63 -10.31
CA GLU A 13 40.20 17.18 -11.54
C GLU A 13 39.73 18.62 -11.33
N HIS A 14 39.59 19.35 -12.43
CA HIS A 14 39.13 20.76 -12.37
C HIS A 14 37.76 20.80 -13.03
N ASP A 15 36.80 21.43 -12.36
CA ASP A 15 35.38 21.51 -12.79
C ASP A 15 35.08 22.96 -13.19
N THR A 16 33.83 23.25 -13.54
CA THR A 16 33.31 24.62 -13.78
C THR A 16 33.27 25.40 -12.45
N MET A 17 33.10 24.67 -11.35
CA MET A 17 32.96 25.24 -9.99
C MET A 17 34.26 25.06 -9.19
N GLY A 18 35.28 24.41 -9.74
CA GLY A 18 36.48 24.30 -8.87
C GLY A 18 37.28 23.03 -9.01
N GLU A 19 37.77 22.51 -7.89
CA GLU A 19 38.61 21.29 -7.97
C GLU A 19 37.99 20.13 -7.19
N VAL A 20 38.02 18.94 -7.78
CA VAL A 20 37.49 17.76 -7.06
C VAL A 20 38.49 16.61 -7.20
N ARG A 21 38.67 15.84 -6.12
CA ARG A 21 39.58 14.67 -6.15
C ARG A 21 38.76 13.44 -6.53
N VAL A 22 39.28 12.65 -7.46
CA VAL A 22 38.59 11.43 -7.93
C VAL A 22 39.51 10.25 -7.65
N PRO A 23 39.03 9.07 -7.21
CA PRO A 23 39.88 7.90 -7.05
C PRO A 23 40.74 7.60 -8.31
N ALA A 24 41.98 7.16 -8.09
CA ALA A 24 42.93 6.94 -9.20
C ALA A 24 42.41 5.95 -10.25
N LYS A 25 41.82 4.83 -9.83
CA LYS A 25 41.38 3.76 -10.75
C LYS A 25 39.91 3.99 -11.16
N ALA A 26 39.31 5.11 -10.75
CA ALA A 26 37.93 5.49 -11.18
C ALA A 26 38.00 5.98 -12.62
N LEU A 27 37.05 5.52 -13.42
CA LEU A 27 36.92 5.95 -14.84
C LEU A 27 35.88 7.07 -14.93
N TRP A 28 35.22 7.40 -13.82
CA TRP A 28 34.28 8.54 -13.84
C TRP A 28 35.05 9.86 -13.70
N ARG A 29 34.38 10.97 -13.98
CA ARG A 29 35.05 12.28 -13.95
C ARG A 29 34.40 13.24 -12.96
N ALA A 30 34.58 14.53 -13.17
CA ALA A 30 34.15 15.56 -12.19
C ALA A 30 32.65 15.56 -11.94
N GLN A 31 31.82 15.44 -12.97
CA GLN A 31 30.36 15.51 -12.76
C GLN A 31 29.89 14.34 -11.88
N THR A 32 30.41 13.15 -12.13
CA THR A 32 30.03 11.99 -11.29
C THR A 32 30.49 12.21 -9.84
N GLN A 33 31.71 12.71 -9.67
CA GLN A 33 32.24 12.92 -8.30
C GLN A 33 31.38 13.93 -7.54
N ARG A 34 30.89 14.96 -8.24
CA ARG A 34 30.02 15.99 -7.60
C ARG A 34 28.72 15.31 -7.14
N ALA A 35 28.16 14.43 -7.99
CA ALA A 35 26.92 13.69 -7.68
C ALA A 35 27.16 12.80 -6.46
N VAL A 36 28.34 12.20 -6.35
CA VAL A 36 28.69 11.33 -5.19
C VAL A 36 28.65 12.20 -3.93
N GLU A 37 29.20 13.40 -4.02
CA GLU A 37 29.18 14.35 -2.89
C GLU A 37 27.77 14.88 -2.55
N ASN A 38 26.94 15.10 -3.57
N ASN A 38 26.94 15.11 -3.57
CA ASN A 38 25.59 15.68 -3.31
CA ASN A 38 25.59 15.67 -3.32
C ASN A 38 24.55 14.66 -2.80
C ASN A 38 24.56 14.67 -2.80
N PHE A 39 24.71 13.38 -3.12
CA PHE A 39 23.64 12.41 -2.79
C PHE A 39 24.12 11.26 -1.91
N PRO A 40 24.75 11.48 -0.75
CA PRO A 40 25.10 10.36 0.14
C PRO A 40 23.89 9.90 1.00
N ILE A 41 22.96 9.20 0.36
CA ILE A 41 21.61 8.97 0.93
C ILE A 41 21.46 7.52 1.29
N SER A 42 21.57 6.61 0.35
CA SER A 42 21.30 5.16 0.53
C SER A 42 22.58 4.37 0.56
N GLY A 43 23.63 4.85 -0.08
CA GLY A 43 24.85 4.04 -0.29
C GLY A 43 24.64 2.88 -1.28
N ARG A 44 23.57 2.90 -2.07
CA ARG A 44 23.28 1.87 -3.08
C ARG A 44 23.14 2.63 -4.41
N GLY A 45 23.88 2.18 -5.41
CA GLY A 45 23.85 2.77 -6.75
C GLY A 45 23.06 1.88 -7.69
N LEU A 46 23.22 2.13 -8.97
CA LEU A 46 22.53 1.36 -10.03
C LEU A 46 22.96 -0.11 -9.92
N GLU A 47 22.05 -0.96 -10.29
CA GLU A 47 22.26 -2.42 -10.44
C GLU A 47 22.83 -2.75 -11.82
N ARG A 48 23.42 -3.93 -11.91
CA ARG A 48 24.03 -4.45 -13.15
C ARG A 48 23.08 -4.21 -14.33
N THR A 49 21.78 -4.49 -14.20
CA THR A 49 20.88 -4.49 -15.41
C THR A 49 20.76 -3.07 -15.94
N GLN A 50 20.66 -2.07 -15.07
N GLN A 50 20.51 -2.12 -15.07
CA GLN A 50 20.56 -0.66 -15.46
CA GLN A 50 20.42 -0.71 -15.48
C GLN A 50 21.89 -0.17 -16.09
C GLN A 50 21.82 -0.14 -15.99
N ILE A 51 23.02 -0.55 -15.51
CA ILE A 51 24.33 -0.18 -16.06
C ILE A 51 24.48 -0.80 -17.45
N ARG A 52 24.12 -2.08 -17.58
CA ARG A 52 24.19 -2.76 -18.90
C ARG A 52 23.35 -1.98 -19.90
N ALA A 53 22.13 -1.60 -19.53
CA ALA A 53 21.22 -0.97 -20.49
C ALA A 53 21.80 0.40 -20.89
N LEU A 54 22.37 1.14 -19.96
CA LEU A 54 22.98 2.46 -20.31
C LEU A 54 24.13 2.21 -21.31
N GLY A 55 24.91 1.17 -21.13
CA GLY A 55 25.93 0.82 -22.15
C GLY A 55 25.32 0.48 -23.50
N LEU A 56 24.27 -0.36 -23.50
CA LEU A 56 23.61 -0.73 -24.77
C LEU A 56 23.14 0.57 -25.46
N LEU A 57 22.48 1.45 -24.71
CA LEU A 57 21.87 2.65 -25.30
C LEU A 57 22.98 3.53 -25.89
N LYS A 58 24.06 3.78 -25.17
CA LYS A 58 25.11 4.70 -25.66
C LYS A 58 25.79 4.13 -26.89
N GLY A 59 25.99 2.84 -26.97
CA GLY A 59 26.51 2.19 -28.19
C GLY A 59 25.59 2.37 -29.37
N ALA A 60 24.27 2.18 -29.17
CA ALA A 60 23.32 2.33 -30.29
C ALA A 60 23.23 3.77 -30.72
N CYS A 61 23.26 4.73 -29.80
CA CYS A 61 23.21 6.15 -30.14
C CYS A 61 24.43 6.50 -30.99
N ALA A 62 25.62 6.03 -30.60
CA ALA A 62 26.84 6.37 -31.36
C ALA A 62 26.71 5.75 -32.76
N GLN A 63 26.17 4.54 -32.84
CA GLN A 63 26.06 3.86 -34.15
C GLN A 63 25.18 4.70 -35.08
N VAL A 64 24.08 5.21 -34.56
CA VAL A 64 23.12 5.99 -35.37
C VAL A 64 23.74 7.35 -35.73
N ASN A 65 24.35 8.06 -34.79
CA ASN A 65 25.02 9.35 -35.05
C ASN A 65 26.10 9.15 -36.13
N SER A 66 26.81 8.04 -36.08
CA SER A 66 27.80 7.66 -37.14
C SER A 66 27.07 7.46 -38.49
N ASP A 67 26.03 6.62 -38.50
CA ASP A 67 25.26 6.30 -39.74
C ASP A 67 24.70 7.58 -40.36
N LEU A 68 24.29 8.58 -39.58
CA LEU A 68 23.69 9.82 -40.08
C LEU A 68 24.77 10.86 -40.45
N GLY A 69 26.06 10.51 -40.32
CA GLY A 69 27.18 11.43 -40.63
C GLY A 69 27.29 12.59 -39.65
N LEU A 70 26.79 12.46 -38.42
CA LEU A 70 26.86 13.51 -37.36
C LEU A 70 28.08 13.38 -36.46
N LEU A 71 28.66 12.20 -36.38
CA LEU A 71 29.76 11.84 -35.47
C LEU A 71 30.85 11.16 -36.28
N ALA A 72 32.09 11.61 -36.17
CA ALA A 72 33.24 11.00 -36.87
C ALA A 72 33.33 9.53 -36.53
N PRO A 73 33.58 8.66 -37.51
CA PRO A 73 33.62 7.22 -37.24
C PRO A 73 34.66 6.72 -36.20
N GLU A 74 35.85 7.33 -36.08
CA GLU A 74 36.90 6.99 -35.07
C GLU A 74 36.30 7.19 -33.65
N LYS A 75 35.56 8.27 -33.46
CA LYS A 75 34.88 8.57 -32.18
C LYS A 75 33.73 7.58 -31.98
N ALA A 76 32.90 7.36 -33.01
CA ALA A 76 31.77 6.41 -32.88
C ALA A 76 32.30 5.03 -32.51
N ASP A 77 33.36 4.55 -33.20
CA ASP A 77 33.95 3.22 -32.93
C ASP A 77 34.45 3.15 -31.47
N ALA A 78 35.08 4.20 -30.98
CA ALA A 78 35.60 4.23 -29.60
C ALA A 78 34.43 4.16 -28.60
N ILE A 79 33.34 4.87 -28.90
CA ILE A 79 32.15 4.84 -28.00
C ILE A 79 31.57 3.44 -28.03
N ILE A 80 31.38 2.87 -29.21
CA ILE A 80 30.77 1.53 -29.36
C ILE A 80 31.62 0.50 -28.60
N ALA A 81 32.98 0.55 -28.73
CA ALA A 81 33.81 -0.44 -28.01
C ALA A 81 33.69 -0.24 -26.48
N ALA A 82 33.75 0.99 -26.00
CA ALA A 82 33.61 1.31 -24.56
C ALA A 82 32.21 0.87 -24.08
N ALA A 83 31.17 1.16 -24.85
CA ALA A 83 29.79 0.86 -24.42
C ALA A 83 29.61 -0.65 -24.37
N ALA A 84 30.26 -1.41 -25.25
CA ALA A 84 30.14 -2.88 -25.23
C ALA A 84 30.72 -3.43 -23.93
N GLU A 85 31.85 -2.87 -23.45
CA GLU A 85 32.47 -3.32 -22.18
C GLU A 85 31.50 -3.05 -21.04
N ILE A 86 30.86 -1.88 -21.01
CA ILE A 86 29.83 -1.57 -19.97
C ILE A 86 28.68 -2.58 -20.07
N ALA A 87 28.16 -2.81 -21.27
CA ALA A 87 27.02 -3.73 -21.50
C ALA A 87 27.40 -5.15 -21.07
N ASP A 88 28.69 -5.51 -21.17
CA ASP A 88 29.19 -6.86 -20.83
C ASP A 88 29.48 -6.99 -19.32
N GLY A 89 29.24 -5.96 -18.53
CA GLY A 89 29.36 -6.01 -17.07
C GLY A 89 30.79 -5.79 -16.59
N GLN A 90 31.66 -5.21 -17.40
CA GLN A 90 33.10 -5.11 -17.05
C GLN A 90 33.33 -3.89 -16.16
N HIS A 91 32.36 -3.00 -15.99
CA HIS A 91 32.59 -1.70 -15.30
C HIS A 91 31.49 -1.41 -14.29
N ASP A 92 30.92 -2.44 -13.67
CA ASP A 92 29.84 -2.29 -12.67
C ASP A 92 30.36 -1.49 -11.46
N ASP A 93 31.69 -1.45 -11.23
CA ASP A 93 32.28 -0.66 -10.11
C ASP A 93 32.52 0.81 -10.49
N GLN A 94 32.11 1.26 -11.67
CA GLN A 94 32.41 2.64 -12.11
C GLN A 94 31.17 3.54 -12.05
N PHE A 95 30.14 3.09 -11.33
CA PHE A 95 28.81 3.78 -11.25
C PHE A 95 28.47 4.00 -9.78
N PRO A 96 29.10 5.00 -9.13
CA PRO A 96 29.01 5.11 -7.68
C PRO A 96 27.87 6.02 -7.22
N ILE A 97 27.14 6.65 -8.13
CA ILE A 97 26.08 7.60 -7.75
C ILE A 97 24.89 6.92 -7.07
N ASP A 98 24.38 7.50 -6.00
CA ASP A 98 23.18 6.98 -5.32
C ASP A 98 22.00 6.84 -6.28
N VAL A 99 21.14 5.87 -6.01
CA VAL A 99 19.79 5.82 -6.63
C VAL A 99 19.06 7.13 -6.39
N PHE A 100 19.18 7.71 -5.20
CA PHE A 100 18.40 8.89 -4.82
C PHE A 100 19.16 10.11 -5.28
N GLN A 101 19.03 10.37 -6.57
CA GLN A 101 19.72 11.46 -7.29
C GLN A 101 18.66 12.32 -7.98
N THR A 102 19.06 13.29 -8.77
CA THR A 102 18.12 14.11 -9.57
C THR A 102 17.15 13.16 -10.28
N GLY A 103 15.89 13.51 -10.31
CA GLY A 103 14.84 12.56 -10.64
C GLY A 103 14.74 12.19 -12.10
N SER A 104 15.47 12.88 -13.01
CA SER A 104 15.55 12.51 -14.42
C SER A 104 16.58 11.41 -14.64
N GLY A 105 17.45 11.14 -13.67
CA GLY A 105 18.60 10.25 -13.86
C GLY A 105 19.70 10.91 -14.66
N THR A 106 19.67 12.24 -14.79
CA THR A 106 20.75 12.98 -15.48
C THR A 106 22.11 12.62 -14.88
N SER A 107 22.26 12.54 -13.57
CA SER A 107 23.59 12.26 -12.96
C SER A 107 24.13 10.95 -13.47
N SER A 108 23.30 9.91 -13.51
CA SER A 108 23.77 8.59 -14.01
C SER A 108 24.02 8.64 -15.52
N ASN A 109 23.23 9.41 -16.25
CA ASN A 109 23.51 9.58 -17.69
C ASN A 109 24.94 10.15 -17.88
N MET A 110 25.27 11.18 -17.12
CA MET A 110 26.58 11.85 -17.23
C MET A 110 27.68 10.88 -16.75
N ASN A 111 27.39 10.03 -15.76
CA ASN A 111 28.32 8.99 -15.26
C ASN A 111 28.68 8.07 -16.42
N THR A 112 27.68 7.66 -17.21
CA THR A 112 27.95 6.77 -18.35
C THR A 112 28.83 7.50 -19.37
N ASN A 113 28.50 8.75 -19.67
CA ASN A 113 29.23 9.56 -20.69
C ASN A 113 30.69 9.67 -20.23
N GLU A 114 30.91 9.94 -18.94
CA GLU A 114 32.28 10.16 -18.43
C GLU A 114 33.08 8.88 -18.48
N VAL A 115 32.51 7.74 -18.10
CA VAL A 115 33.20 6.43 -18.06
C VAL A 115 33.58 6.04 -19.49
N ILE A 116 32.64 6.22 -20.44
CA ILE A 116 32.96 5.90 -21.86
C ILE A 116 34.15 6.78 -22.29
N ALA A 117 34.14 8.08 -22.01
CA ALA A 117 35.24 8.97 -22.46
C ALA A 117 36.56 8.46 -21.83
N SER A 118 36.54 8.07 -20.57
CA SER A 118 37.79 7.63 -19.87
C SER A 118 38.26 6.30 -20.47
N ILE A 119 37.35 5.40 -20.82
CA ILE A 119 37.75 4.10 -21.44
C ILE A 119 38.37 4.41 -22.81
N ALA A 120 37.78 5.31 -23.56
CA ALA A 120 38.25 5.67 -24.92
C ALA A 120 39.65 6.32 -24.82
N ALA A 121 39.84 7.26 -23.89
CA ALA A 121 41.13 7.95 -23.64
C ALA A 121 42.27 6.94 -23.53
N LYS A 122 42.04 5.79 -22.89
CA LYS A 122 43.07 4.73 -22.67
C LYS A 122 43.46 4.07 -23.98
N GLY A 123 42.57 4.08 -24.98
CA GLY A 123 42.80 3.53 -26.32
C GLY A 123 43.23 4.61 -27.29
N GLY A 124 43.52 5.81 -26.78
CA GLY A 124 44.11 6.91 -27.54
C GLY A 124 43.13 7.80 -28.27
N VAL A 125 41.84 7.78 -27.90
CA VAL A 125 40.80 8.57 -28.61
C VAL A 125 40.16 9.52 -27.60
N THR A 126 40.14 10.79 -27.92
CA THR A 126 39.54 11.87 -27.13
C THR A 126 38.06 12.04 -27.49
N LEU A 127 37.17 11.82 -26.51
CA LEU A 127 35.70 11.99 -26.61
C LEU A 127 35.31 13.07 -25.60
N HIS A 128 34.49 14.01 -26.02
CA HIS A 128 33.79 14.91 -25.09
C HIS A 128 32.59 14.16 -24.54
N PRO A 129 32.44 14.02 -23.21
CA PRO A 129 31.26 13.33 -22.67
C PRO A 129 29.93 13.86 -23.20
N ASN A 130 29.73 15.19 -23.17
CA ASN A 130 28.45 15.77 -23.58
C ASN A 130 28.37 15.79 -25.12
N ASP A 131 29.34 16.42 -25.77
CA ASP A 131 29.20 16.79 -27.20
C ASP A 131 29.29 15.54 -28.07
N ASP A 132 30.01 14.51 -27.64
CA ASP A 132 30.20 13.29 -28.43
C ASP A 132 29.35 12.16 -27.84
N VAL A 133 29.49 11.85 -26.57
CA VAL A 133 28.84 10.62 -26.06
C VAL A 133 27.35 10.90 -25.89
N ASN A 134 26.98 12.13 -25.62
CA ASN A 134 25.56 12.49 -25.42
C ASN A 134 24.98 13.12 -26.70
N MET A 135 25.67 13.02 -27.83
CA MET A 135 25.16 13.67 -29.07
C MET A 135 23.73 13.19 -29.42
N SER A 136 22.85 14.12 -29.74
CA SER A 136 21.46 13.86 -30.18
C SER A 136 20.58 13.44 -29.00
N GLN A 137 21.11 13.46 -27.80
CA GLN A 137 20.39 12.95 -26.61
C GLN A 137 20.17 14.08 -25.62
N SER A 138 19.24 13.88 -24.72
CA SER A 138 19.16 14.86 -23.64
C SER A 138 19.35 14.21 -22.30
N SER A 139 19.29 15.11 -21.32
CA SER A 139 19.37 14.76 -19.91
C SER A 139 18.11 13.99 -19.47
N ASN A 140 17.00 13.87 -20.29
CA ASN A 140 15.63 13.39 -19.94
C ASN A 140 15.06 12.20 -20.73
N ASP A 141 15.56 11.87 -21.93
CA ASP A 141 15.04 10.74 -22.74
C ASP A 141 15.97 9.51 -22.62
N THR A 142 17.15 9.65 -22.05
CA THR A 142 18.21 8.60 -21.97
C THR A 142 17.96 7.66 -20.78
N PHE A 143 17.88 8.16 -19.56
CA PHE A 143 17.76 7.29 -18.38
C PHE A 143 16.46 6.48 -18.48
N PRO A 144 15.29 7.07 -18.78
CA PRO A 144 14.06 6.26 -18.87
C PRO A 144 14.13 5.22 -19.99
N THR A 145 14.80 5.54 -21.11
CA THR A 145 15.01 4.54 -22.17
C THR A 145 15.79 3.37 -21.57
N ALA A 146 16.91 3.64 -20.92
CA ALA A 146 17.74 2.56 -20.35
C ALA A 146 16.88 1.74 -19.36
N THR A 147 16.05 2.43 -18.56
CA THR A 147 15.17 1.74 -17.57
C THR A 147 14.24 0.77 -18.28
N HIS A 148 13.64 1.19 -19.38
CA HIS A 148 12.68 0.34 -20.09
C HIS A 148 13.42 -0.76 -20.86
N ILE A 149 14.64 -0.53 -21.37
CA ILE A 149 15.46 -1.63 -21.97
C ILE A 149 15.71 -2.69 -20.90
N ALA A 150 16.16 -2.23 -19.71
CA ALA A 150 16.53 -3.15 -18.62
C ALA A 150 15.30 -3.95 -18.19
N ALA A 151 14.15 -3.29 -18.03
CA ALA A 151 12.93 -3.99 -17.55
C ALA A 151 12.43 -4.98 -18.61
N THR A 152 12.48 -4.60 -19.87
CA THR A 152 12.01 -5.46 -20.97
C THR A 152 12.91 -6.69 -21.05
N GLU A 153 14.21 -6.50 -21.01
CA GLU A 153 15.15 -7.63 -20.99
C GLU A 153 14.94 -8.51 -19.75
N ALA A 154 14.74 -7.92 -18.60
CA ALA A 154 14.50 -8.68 -17.35
C ALA A 154 13.24 -9.54 -17.55
N ALA A 155 12.21 -8.98 -18.13
CA ALA A 155 10.91 -9.69 -18.32
C ALA A 155 11.07 -10.86 -19.28
N VAL A 156 11.67 -10.60 -20.45
CA VAL A 156 11.65 -11.54 -21.58
C VAL A 156 12.74 -12.58 -21.42
N ALA A 157 13.94 -12.15 -21.09
CA ALA A 157 15.12 -13.04 -21.07
C ALA A 157 15.27 -13.81 -19.75
N HIS A 158 14.76 -13.30 -18.61
CA HIS A 158 15.07 -13.81 -17.27
C HIS A 158 13.79 -14.24 -16.55
N LEU A 159 12.83 -13.36 -16.34
CA LEU A 159 11.67 -13.75 -15.50
C LEU A 159 10.80 -14.78 -16.21
N ILE A 160 10.45 -14.57 -17.48
CA ILE A 160 9.52 -15.54 -18.13
C ILE A 160 10.15 -16.92 -18.10
N PRO A 161 11.44 -17.13 -18.47
CA PRO A 161 12.01 -18.47 -18.39
C PRO A 161 12.04 -19.05 -16.99
N ALA A 162 12.25 -18.21 -15.96
CA ALA A 162 12.26 -18.67 -14.56
C ALA A 162 10.85 -19.12 -14.15
N LEU A 163 9.86 -18.37 -14.54
CA LEU A 163 8.45 -18.74 -14.25
C LEU A 163 8.11 -20.01 -15.03
N GLN A 164 8.58 -20.16 -16.26
CA GLN A 164 8.26 -21.38 -17.01
C GLN A 164 8.89 -22.57 -16.30
N GLN A 165 10.11 -22.44 -15.77
CA GLN A 165 10.77 -23.53 -15.01
C GLN A 165 9.88 -23.90 -13.81
N LEU A 166 9.40 -22.91 -13.06
CA LEU A 166 8.52 -23.20 -11.88
C LEU A 166 7.21 -23.80 -12.36
N HIS A 167 6.59 -23.26 -13.38
CA HIS A 167 5.37 -23.88 -13.95
C HIS A 167 5.63 -25.35 -14.23
N ASP A 168 6.71 -25.64 -14.95
CA ASP A 168 6.96 -27.03 -15.40
C ASP A 168 7.22 -27.93 -14.18
N ALA A 169 7.83 -27.43 -13.11
CA ALA A 169 8.08 -28.23 -11.88
C ALA A 169 6.73 -28.52 -11.23
N LEU A 170 5.89 -27.50 -11.10
CA LEU A 170 4.55 -27.72 -10.48
C LEU A 170 3.72 -28.71 -11.33
N ALA A 171 3.74 -28.58 -12.63
CA ALA A 171 2.95 -29.43 -13.55
C ALA A 171 3.46 -30.89 -13.45
N ALA A 172 4.76 -31.08 -13.29
CA ALA A 172 5.37 -32.44 -13.20
C ALA A 172 4.87 -33.06 -11.90
N LYS A 173 4.82 -32.29 -10.82
CA LYS A 173 4.28 -32.79 -9.53
C LYS A 173 2.81 -33.09 -9.69
N ALA A 174 2.03 -32.25 -10.36
CA ALA A 174 0.59 -32.49 -10.59
C ALA A 174 0.43 -33.87 -11.27
N LEU A 175 1.31 -34.18 -12.21
CA LEU A 175 1.15 -35.44 -12.99
C LEU A 175 1.56 -36.60 -12.10
N ASP A 176 2.68 -36.49 -11.40
CA ASP A 176 3.16 -37.56 -10.47
C ASP A 176 2.09 -37.88 -9.41
N TRP A 177 1.34 -36.87 -8.98
CA TRP A 177 0.39 -36.99 -7.84
C TRP A 177 -1.05 -37.02 -8.31
N HIS A 178 -1.27 -37.40 -9.55
CA HIS A 178 -2.58 -37.45 -10.20
C HIS A 178 -3.60 -38.26 -9.37
N THR A 179 -3.19 -39.36 -8.77
CA THR A 179 -4.11 -40.26 -8.03
C THR A 179 -3.88 -40.17 -6.53
N VAL A 180 -3.16 -39.15 -6.05
CA VAL A 180 -2.87 -39.03 -4.61
C VAL A 180 -4.04 -38.32 -3.94
N VAL A 181 -5.04 -39.10 -3.59
CA VAL A 181 -6.28 -38.57 -2.98
C VAL A 181 -6.04 -38.10 -1.56
N LYS A 182 -6.76 -37.05 -1.19
CA LYS A 182 -6.66 -36.45 0.15
C LYS A 182 -7.94 -35.67 0.40
N SER A 183 -8.11 -35.25 1.64
N SER A 183 -8.12 -35.22 1.63
CA SER A 183 -9.17 -34.33 2.10
CA SER A 183 -9.26 -34.38 2.00
C SER A 183 -8.99 -32.97 1.37
C SER A 183 -9.05 -32.96 1.46
N GLY A 184 -10.07 -32.42 0.81
CA GLY A 184 -10.12 -30.99 0.50
C GLY A 184 -10.19 -30.20 1.79
N ARG A 185 -9.91 -28.93 1.71
CA ARG A 185 -10.07 -28.03 2.88
C ARG A 185 -10.63 -26.72 2.37
N THR A 186 -11.71 -26.27 2.98
CA THR A 186 -12.34 -24.97 2.66
C THR A 186 -12.53 -24.29 4.01
N HIS A 187 -12.11 -23.05 4.14
CA HIS A 187 -12.24 -22.29 5.41
C HIS A 187 -11.32 -22.93 6.44
N LEU A 188 -10.37 -23.75 6.00
CA LEU A 188 -9.45 -24.58 6.84
C LEU A 188 -10.16 -25.82 7.39
N MET A 189 -11.39 -26.05 7.01
CA MET A 189 -12.19 -27.15 7.57
C MET A 189 -12.24 -28.28 6.55
N ASP A 190 -12.44 -29.48 7.07
CA ASP A 190 -12.47 -30.68 6.21
C ASP A 190 -13.57 -30.56 5.15
N ALA A 191 -13.27 -30.99 3.92
CA ALA A 191 -14.19 -30.89 2.78
C ALA A 191 -14.07 -32.17 1.96
N VAL A 192 -14.87 -32.29 0.93
CA VAL A 192 -14.83 -33.51 0.10
C VAL A 192 -13.47 -33.68 -0.58
N PRO A 193 -13.18 -34.91 -1.06
CA PRO A 193 -11.85 -35.24 -1.56
C PRO A 193 -11.40 -34.44 -2.79
N VAL A 194 -10.09 -34.22 -2.82
CA VAL A 194 -9.35 -33.76 -4.01
C VAL A 194 -8.13 -34.66 -4.17
N THR A 195 -7.31 -34.43 -5.17
CA THR A 195 -5.99 -35.04 -5.23
C THR A 195 -4.93 -33.94 -5.06
N LEU A 196 -3.76 -34.31 -4.52
N LEU A 196 -3.78 -34.34 -4.54
CA LEU A 196 -2.60 -33.38 -4.50
CA LEU A 196 -2.59 -33.47 -4.46
C LEU A 196 -2.35 -32.93 -5.94
C LEU A 196 -2.26 -33.00 -5.88
N GLY A 197 -2.47 -33.83 -6.90
CA GLY A 197 -2.26 -33.46 -8.30
C GLY A 197 -3.15 -32.32 -8.73
N GLN A 198 -4.43 -32.34 -8.36
CA GLN A 198 -5.38 -31.25 -8.73
C GLN A 198 -4.89 -29.95 -8.09
N GLU A 199 -4.55 -29.99 -6.83
CA GLU A 199 -4.06 -28.77 -6.14
C GLU A 199 -2.84 -28.21 -6.87
N PHE A 200 -1.88 -29.06 -7.23
CA PHE A 200 -0.66 -28.63 -7.94
C PHE A 200 -0.99 -28.14 -9.35
N SER A 201 -2.01 -28.72 -10.00
N SER A 201 -2.00 -28.69 -10.03
CA SER A 201 -2.52 -28.22 -11.30
CA SER A 201 -2.43 -28.13 -11.33
C SER A 201 -3.00 -26.76 -11.15
C SER A 201 -2.99 -26.71 -11.16
N GLY A 202 -3.64 -26.43 -10.03
CA GLY A 202 -4.06 -25.06 -9.73
C GLY A 202 -2.83 -24.14 -9.58
N TYR A 203 -1.84 -24.57 -8.79
CA TYR A 203 -0.60 -23.78 -8.62
C TYR A 203 0.02 -23.54 -9.98
N ALA A 204 0.15 -24.60 -10.80
CA ALA A 204 0.74 -24.47 -12.13
C ALA A 204 -0.05 -23.41 -12.91
N ARG A 205 -1.37 -23.45 -12.89
CA ARG A 205 -2.14 -22.46 -13.65
C ARG A 205 -1.83 -21.05 -13.13
N GLN A 206 -1.69 -20.87 -11.81
CA GLN A 206 -1.40 -19.51 -11.28
C GLN A 206 -0.10 -19.00 -11.92
N ILE A 207 0.91 -19.86 -12.07
CA ILE A 207 2.21 -19.43 -12.63
C ILE A 207 2.07 -19.22 -14.14
N GLU A 208 1.34 -20.09 -14.85
CA GLU A 208 1.06 -19.90 -16.29
C GLU A 208 0.30 -18.60 -16.53
N ALA A 209 -0.64 -18.24 -15.66
CA ALA A 209 -1.37 -16.95 -15.79
C ALA A 209 -0.40 -15.80 -15.50
N GLY A 210 0.52 -15.99 -14.57
CA GLY A 210 1.58 -15.00 -14.30
C GLY A 210 2.39 -14.69 -15.55
N ILE A 211 2.76 -15.74 -16.29
CA ILE A 211 3.52 -15.53 -17.54
C ILE A 211 2.63 -14.74 -18.48
N GLU A 212 1.35 -15.12 -18.61
CA GLU A 212 0.42 -14.39 -19.51
C GLU A 212 0.38 -12.91 -19.08
N ARG A 213 0.35 -12.63 -17.79
CA ARG A 213 0.26 -11.25 -17.29
C ARG A 213 1.53 -10.46 -17.70
N VAL A 214 2.69 -11.08 -17.59
CA VAL A 214 3.95 -10.37 -17.97
C VAL A 214 3.92 -10.15 -19.48
N ARG A 215 3.58 -11.21 -20.20
CA ARG A 215 3.45 -11.03 -21.67
CA ARG A 215 3.40 -11.02 -21.67
C ARG A 215 2.51 -9.83 -22.19
N ALA A 216 1.41 -9.74 -21.42
CA ALA A 216 0.38 -8.76 -21.75
C ALA A 216 0.89 -7.31 -21.53
N CYS A 217 1.87 -7.10 -20.65
CA CYS A 217 2.34 -5.73 -20.35
C CYS A 217 3.45 -5.32 -21.36
N LEU A 218 4.00 -6.26 -22.13
CA LEU A 218 5.23 -5.98 -22.93
C LEU A 218 4.98 -4.96 -24.02
N PRO A 219 3.77 -4.83 -24.63
CA PRO A 219 3.56 -3.80 -25.66
C PRO A 219 3.84 -2.38 -25.18
N ARG A 220 3.67 -2.13 -23.88
CA ARG A 220 3.88 -0.80 -23.29
C ARG A 220 5.14 -0.80 -22.48
N LEU A 221 5.56 -1.92 -21.90
CA LEU A 221 6.85 -1.91 -21.16
C LEU A 221 8.02 -1.63 -22.10
N GLY A 222 7.91 -2.14 -23.32
CA GLY A 222 8.99 -2.01 -24.30
C GLY A 222 9.08 -0.67 -24.99
N GLU A 223 8.15 0.25 -24.73
CA GLU A 223 8.18 1.58 -25.36
C GLU A 223 9.35 2.40 -24.79
N LEU A 224 10.18 2.95 -25.69
CA LEU A 224 11.39 3.74 -25.38
C LEU A 224 11.16 5.19 -25.77
N ALA A 225 11.65 6.10 -24.93
CA ALA A 225 11.51 7.56 -25.12
C ALA A 225 12.61 8.11 -26.04
N ILE A 226 13.66 7.35 -26.35
CA ILE A 226 14.85 7.90 -27.06
C ILE A 226 14.41 8.60 -28.36
N GLY A 227 14.96 9.79 -28.53
CA GLY A 227 14.65 10.65 -29.67
C GLY A 227 13.75 11.81 -29.26
N GLY A 228 13.07 11.75 -28.11
CA GLY A 228 12.16 12.83 -27.68
C GLY A 228 12.91 14.01 -27.12
N THR A 229 14.20 13.84 -26.81
CA THR A 229 15.09 14.88 -26.22
C THR A 229 14.39 15.54 -25.01
N ALA A 230 14.53 16.85 -24.80
CA ALA A 230 14.32 17.42 -23.44
C ALA A 230 12.84 17.32 -23.03
N VAL A 231 11.90 17.53 -23.90
CA VAL A 231 10.46 17.68 -23.51
C VAL A 231 9.57 16.73 -24.29
N GLY A 232 10.12 15.94 -25.23
CA GLY A 232 9.28 15.06 -26.05
C GLY A 232 9.20 15.45 -27.50
N THR A 233 9.66 16.64 -27.86
CA THR A 233 9.45 17.20 -29.20
C THR A 233 10.52 16.71 -30.18
N GLY A 234 11.64 16.22 -29.69
CA GLY A 234 12.75 15.77 -30.54
C GLY A 234 13.59 16.93 -31.01
N LEU A 235 13.37 18.14 -30.48
CA LEU A 235 14.28 19.28 -30.80
C LEU A 235 15.74 18.84 -30.52
N ASN A 236 16.65 19.20 -31.44
CA ASN A 236 18.12 18.95 -31.33
C ASN A 236 18.45 17.47 -31.53
N ALA A 237 17.53 16.65 -32.04
CA ALA A 237 17.84 15.29 -32.50
C ALA A 237 17.39 15.19 -33.93
N PRO A 238 18.03 14.30 -34.71
CA PRO A 238 17.42 13.91 -35.99
C PRO A 238 15.96 13.44 -35.86
N ASP A 239 15.13 13.69 -36.89
CA ASP A 239 13.69 13.38 -36.81
C ASP A 239 13.45 11.88 -36.64
N ASP A 240 14.32 11.06 -37.19
CA ASP A 240 14.18 9.60 -37.15
C ASP A 240 15.16 9.00 -36.15
N PHE A 241 15.68 9.78 -35.22
CA PHE A 241 16.73 9.24 -34.30
C PHE A 241 16.15 8.07 -33.50
N GLY A 242 14.96 8.24 -32.94
CA GLY A 242 14.27 7.21 -32.19
C GLY A 242 14.15 5.91 -32.95
N VAL A 243 13.55 5.96 -34.14
CA VAL A 243 13.30 4.66 -34.82
C VAL A 243 14.66 4.06 -35.19
N ARG A 244 15.65 4.90 -35.52
CA ARG A 244 16.97 4.31 -35.88
C ARG A 244 17.65 3.64 -34.68
N VAL A 245 17.63 4.28 -33.51
CA VAL A 245 18.28 3.73 -32.30
C VAL A 245 17.55 2.47 -31.86
N VAL A 246 16.21 2.47 -31.87
CA VAL A 246 15.44 1.27 -31.49
C VAL A 246 15.84 0.11 -32.42
N ALA A 247 15.95 0.38 -33.72
CA ALA A 247 16.22 -0.71 -34.68
C ALA A 247 17.60 -1.29 -34.40
N VAL A 248 18.58 -0.44 -34.07
CA VAL A 248 19.93 -0.94 -33.73
C VAL A 248 19.82 -1.79 -32.45
N LEU A 249 19.09 -1.32 -31.44
CA LEU A 249 18.98 -2.08 -30.16
C LEU A 249 18.33 -3.44 -30.45
N VAL A 250 17.30 -3.50 -31.28
CA VAL A 250 16.57 -4.77 -31.58
C VAL A 250 17.53 -5.68 -32.32
N ALA A 251 18.27 -5.14 -33.28
CA ALA A 251 19.22 -5.94 -34.09
C ALA A 251 20.30 -6.53 -33.18
N GLN A 252 20.82 -5.76 -32.23
CA GLN A 252 21.95 -6.20 -31.38
C GLN A 252 21.45 -7.16 -30.29
N THR A 253 20.30 -6.88 -29.64
CA THR A 253 19.86 -7.60 -28.41
C THR A 253 18.95 -8.78 -28.77
N GLY A 254 18.29 -8.77 -29.93
CA GLY A 254 17.23 -9.71 -30.27
C GLY A 254 15.93 -9.45 -29.52
N LEU A 255 15.81 -8.32 -28.80
CA LEU A 255 14.57 -8.01 -28.04
C LEU A 255 13.56 -7.28 -28.92
N SER A 256 12.75 -8.01 -29.67
CA SER A 256 11.84 -7.40 -30.63
C SER A 256 10.76 -6.62 -29.90
N GLU A 257 10.61 -6.82 -28.57
CA GLU A 257 9.59 -6.08 -27.81
C GLU A 257 9.95 -4.59 -27.66
N LEU A 258 11.20 -4.22 -27.93
CA LEU A 258 11.61 -2.79 -27.83
C LEU A 258 11.00 -2.05 -29.01
N ARG A 259 10.41 -0.90 -28.75
CA ARG A 259 9.72 -0.12 -29.80
C ARG A 259 9.77 1.35 -29.43
N THR A 260 9.66 2.22 -30.41
N THR A 260 9.64 2.23 -30.43
CA THR A 260 9.49 3.66 -30.15
CA THR A 260 9.56 3.69 -30.22
C THR A 260 8.19 3.80 -29.37
C THR A 260 8.17 3.97 -29.62
N ALA A 261 8.08 4.87 -28.62
CA ALA A 261 6.83 5.17 -27.93
C ALA A 261 5.72 5.58 -28.89
N ALA A 262 4.46 5.19 -28.59
CA ALA A 262 3.28 5.57 -29.40
C ALA A 262 3.17 7.08 -29.35
N ASN A 263 3.44 7.68 -28.18
CA ASN A 263 3.31 9.15 -28.01
C ASN A 263 4.54 9.63 -27.25
N SER A 264 5.35 10.48 -27.87
N SER A 264 5.24 10.59 -27.82
CA SER A 264 6.65 10.91 -27.29
CA SER A 264 6.56 11.04 -27.33
C SER A 264 6.43 11.66 -25.98
C SER A 264 6.45 11.88 -26.07
N PHE A 265 5.31 12.36 -25.83
N PHE A 265 5.28 12.48 -25.83
CA PHE A 265 5.03 13.20 -24.63
CA PHE A 265 5.01 13.26 -24.59
C PHE A 265 4.68 12.27 -23.47
C PHE A 265 4.67 12.29 -23.45
N GLU A 266 3.77 11.34 -23.69
CA GLU A 266 3.38 10.35 -22.67
C GLU A 266 4.64 9.58 -22.21
N ALA A 267 5.60 9.32 -23.09
CA ALA A 267 6.78 8.49 -22.74
C ALA A 267 7.80 9.23 -21.85
N GLN A 268 7.66 10.54 -21.69
CA GLN A 268 8.56 11.33 -20.83
C GLN A 268 7.82 11.95 -19.66
N ALA A 269 6.58 12.34 -19.86
CA ALA A 269 5.74 12.92 -18.78
C ALA A 269 5.35 11.83 -17.77
N ALA A 270 5.35 10.59 -18.18
CA ALA A 270 4.86 9.50 -17.33
C ALA A 270 5.76 8.29 -17.47
N ARG A 271 5.69 7.39 -16.50
CA ARG A 271 6.37 6.08 -16.48
C ARG A 271 5.30 5.01 -16.24
N ASP A 272 4.13 5.18 -16.87
CA ASP A 272 2.95 4.32 -16.62
C ASP A 272 3.26 2.88 -17.04
N GLY A 273 4.13 2.62 -18.01
CA GLY A 273 4.53 1.25 -18.36
C GLY A 273 5.18 0.51 -17.21
N LEU A 274 5.95 1.22 -16.37
CA LEU A 274 6.59 0.57 -15.20
C LEU A 274 5.52 0.27 -14.16
N VAL A 275 4.58 1.20 -13.96
CA VAL A 275 3.48 0.99 -13.02
C VAL A 275 2.71 -0.27 -13.48
N GLU A 276 2.41 -0.35 -14.76
CA GLU A 276 1.65 -1.48 -15.31
C GLU A 276 2.43 -2.78 -15.04
N ALA A 277 3.70 -2.80 -15.42
CA ALA A 277 4.52 -4.04 -15.24
C ALA A 277 4.60 -4.44 -13.77
N SER A 278 4.80 -3.45 -12.89
CA SER A 278 4.85 -3.74 -11.44
C SER A 278 3.55 -4.43 -11.02
N GLY A 279 2.39 -4.05 -11.56
CA GLY A 279 1.12 -4.72 -11.21
C GLY A 279 1.16 -6.20 -11.58
N ALA A 280 1.74 -6.54 -12.72
CA ALA A 280 1.89 -7.96 -13.11
C ALA A 280 2.81 -8.65 -12.08
N LEU A 281 3.94 -8.04 -11.69
CA LEU A 281 4.88 -8.66 -10.72
C LEU A 281 4.16 -8.82 -9.35
N ARG A 282 3.38 -7.83 -8.97
CA ARG A 282 2.61 -7.86 -7.69
C ARG A 282 1.60 -9.02 -7.74
N THR A 283 0.97 -9.28 -8.87
CA THR A 283 0.01 -10.38 -8.99
C THR A 283 0.77 -11.70 -8.84
N ILE A 284 1.95 -11.81 -9.45
CA ILE A 284 2.78 -13.03 -9.34
C ILE A 284 3.18 -13.23 -7.88
N ALA A 285 3.48 -12.14 -7.19
CA ALA A 285 3.87 -12.21 -5.78
C ALA A 285 2.66 -12.74 -4.95
N VAL A 286 1.46 -12.26 -5.25
CA VAL A 286 0.21 -12.76 -4.62
C VAL A 286 0.07 -14.27 -4.88
N SER A 287 0.23 -14.72 -6.10
CA SER A 287 0.11 -16.14 -6.47
C SER A 287 1.13 -16.93 -5.67
N LEU A 288 2.39 -16.52 -5.72
CA LEU A 288 3.48 -17.25 -5.06
C LEU A 288 3.23 -17.33 -3.57
N THR A 289 2.63 -16.31 -2.99
CA THR A 289 2.33 -16.34 -1.55
C THR A 289 1.38 -17.49 -1.27
N LYS A 290 0.31 -17.60 -2.02
CA LYS A 290 -0.67 -18.72 -1.85
C LYS A 290 0.02 -20.07 -2.03
N ILE A 291 0.82 -20.23 -3.07
CA ILE A 291 1.48 -21.52 -3.39
C ILE A 291 2.42 -21.87 -2.24
N ALA A 292 3.29 -20.96 -1.86
CA ALA A 292 4.32 -21.20 -0.84
C ALA A 292 3.66 -21.44 0.52
N ASN A 293 2.60 -20.70 0.86
N ASN A 293 2.58 -20.73 0.83
CA ASN A 293 1.90 -20.91 2.14
CA ASN A 293 1.95 -20.87 2.17
C ASN A 293 1.33 -22.33 2.17
C ASN A 293 1.20 -22.23 2.23
N ASP A 294 0.60 -22.70 1.14
CA ASP A 294 0.00 -24.05 1.11
C ASP A 294 1.09 -25.11 1.27
N ILE A 295 2.21 -24.94 0.60
CA ILE A 295 3.29 -25.98 0.65
C ILE A 295 3.87 -26.04 2.04
N ARG A 296 4.15 -24.92 2.72
CA ARG A 296 4.68 -25.02 4.07
C ARG A 296 3.62 -25.58 5.02
N TRP A 297 2.34 -25.27 4.85
CA TRP A 297 1.32 -25.91 5.70
C TRP A 297 1.24 -27.43 5.43
N MET A 298 1.33 -27.84 4.18
N MET A 298 1.28 -27.82 4.16
CA MET A 298 1.24 -29.29 3.87
CA MET A 298 1.27 -29.25 3.78
C MET A 298 2.46 -30.02 4.45
C MET A 298 2.42 -29.95 4.53
N GLY A 299 3.61 -29.33 4.56
CA GLY A 299 4.81 -29.93 5.18
C GLY A 299 4.87 -29.83 6.71
N SER A 300 3.92 -29.18 7.37
CA SER A 300 3.98 -28.86 8.81
C SER A 300 3.98 -30.16 9.64
N GLY A 301 4.69 -30.13 10.76
CA GLY A 301 4.75 -31.32 11.62
C GLY A 301 6.12 -31.52 12.21
N PRO A 302 6.61 -32.76 12.36
CA PRO A 302 6.02 -33.97 11.78
C PRO A 302 4.85 -34.60 12.53
N LEU A 303 4.51 -34.12 13.73
CA LEU A 303 3.45 -34.72 14.57
C LEU A 303 2.22 -33.83 14.64
N THR A 304 2.36 -32.57 14.99
CA THR A 304 1.18 -31.77 15.38
C THR A 304 0.62 -30.93 14.24
N GLY A 305 1.19 -31.03 13.06
CA GLY A 305 0.77 -30.30 11.86
C GLY A 305 -0.05 -31.17 10.91
N LEU A 306 -0.07 -30.78 9.65
CA LEU A 306 -0.89 -31.51 8.67
C LEU A 306 -0.17 -32.74 8.15
N ALA A 307 1.15 -32.74 8.08
CA ALA A 307 2.01 -33.90 7.69
C ALA A 307 1.53 -34.52 6.37
N GLU A 308 1.18 -33.73 5.38
CA GLU A 308 0.77 -34.22 4.06
C GLU A 308 1.97 -34.58 3.21
N ILE A 309 3.03 -33.78 3.27
CA ILE A 309 4.23 -33.91 2.42
C ILE A 309 5.44 -33.65 3.29
N GLN A 310 6.60 -34.05 2.76
CA GLN A 310 7.93 -33.71 3.32
C GLN A 310 8.66 -32.83 2.31
N LEU A 311 9.13 -31.67 2.78
CA LEU A 311 10.04 -30.82 1.99
C LEU A 311 11.46 -31.36 2.07
N PRO A 312 12.23 -31.21 0.98
CA PRO A 312 13.67 -31.51 1.03
C PRO A 312 14.38 -30.59 2.01
N ASP A 313 15.35 -31.19 2.72
CA ASP A 313 16.19 -30.59 3.79
C ASP A 313 17.34 -29.80 3.17
N LEU A 314 17.40 -28.50 3.44
CA LEU A 314 18.36 -27.55 2.84
C LEU A 314 19.34 -27.03 3.90
N GLN A 315 18.83 -26.75 5.10
CA GLN A 315 19.65 -26.15 6.19
C GLN A 315 19.86 -27.20 7.28
N LYS A 324 11.01 -32.64 9.92
CA LYS A 324 11.74 -31.72 10.84
C LYS A 324 12.42 -30.60 10.04
N VAL A 325 12.49 -30.69 8.72
CA VAL A 325 13.08 -29.62 7.88
C VAL A 325 12.24 -28.33 8.07
N ASN A 326 12.84 -27.19 8.38
CA ASN A 326 12.10 -25.90 8.27
C ASN A 326 11.83 -25.61 6.80
N PRO A 327 10.68 -24.99 6.50
CA PRO A 327 10.33 -24.64 5.11
C PRO A 327 11.04 -23.36 4.65
N VAL A 328 12.34 -23.42 4.58
CA VAL A 328 13.15 -22.20 4.35
C VAL A 328 12.86 -21.63 2.95
N LEU A 329 12.65 -22.43 1.90
N LEU A 329 12.67 -22.45 1.89
CA LEU A 329 12.41 -21.79 0.58
CA LEU A 329 12.39 -21.86 0.55
C LEU A 329 11.00 -21.19 0.52
C LEU A 329 11.02 -21.18 0.56
N PRO A 330 9.92 -21.81 1.06
CA PRO A 330 8.67 -21.07 1.21
C PRO A 330 8.85 -19.75 1.98
N GLU A 331 9.68 -19.70 3.02
CA GLU A 331 9.92 -18.43 3.76
C GLU A 331 10.65 -17.43 2.85
N ALA A 332 11.62 -17.87 2.06
CA ALA A 332 12.28 -16.94 1.12
C ALA A 332 11.23 -16.39 0.12
N VAL A 333 10.40 -17.27 -0.39
CA VAL A 333 9.41 -16.91 -1.42
C VAL A 333 8.44 -15.89 -0.82
N THR A 334 7.89 -16.14 0.37
CA THR A 334 6.89 -15.20 0.95
C THR A 334 7.55 -13.87 1.37
N GLN A 335 8.81 -13.89 1.76
CA GLN A 335 9.57 -12.64 2.03
C GLN A 335 9.80 -11.86 0.73
N VAL A 336 10.23 -12.54 -0.32
CA VAL A 336 10.39 -11.86 -1.62
C VAL A 336 9.05 -11.25 -2.04
N ALA A 337 7.93 -11.97 -1.87
CA ALA A 337 6.62 -11.48 -2.29
C ALA A 337 6.30 -10.19 -1.52
N ALA A 338 6.55 -10.13 -0.23
CA ALA A 338 6.34 -8.93 0.59
C ALA A 338 7.16 -7.79 0.00
N GLN A 339 8.42 -8.05 -0.37
CA GLN A 339 9.28 -7.00 -0.95
C GLN A 339 8.69 -6.49 -2.27
N VAL A 340 8.23 -7.40 -3.13
CA VAL A 340 7.63 -7.00 -4.41
C VAL A 340 6.41 -6.12 -4.17
N ILE A 341 5.56 -6.45 -3.19
N ILE A 341 5.61 -6.41 -3.16
CA ILE A 341 4.35 -5.65 -2.82
CA ILE A 341 4.39 -5.64 -2.85
C ILE A 341 4.82 -4.26 -2.39
C ILE A 341 4.78 -4.25 -2.34
N GLY A 342 5.82 -4.18 -1.52
CA GLY A 342 6.30 -2.85 -1.09
C GLY A 342 6.90 -2.05 -2.25
N ASN A 343 7.74 -2.68 -3.03
CA ASN A 343 8.33 -2.01 -4.21
C ASN A 343 7.23 -1.50 -5.16
N ASP A 344 6.16 -2.28 -5.32
CA ASP A 344 5.03 -1.94 -6.17
C ASP A 344 4.37 -0.66 -5.67
N ALA A 345 4.23 -0.50 -4.36
CA ALA A 345 3.65 0.73 -3.81
C ALA A 345 4.56 1.93 -4.08
N ALA A 346 5.87 1.78 -3.94
CA ALA A 346 6.82 2.88 -4.22
C ALA A 346 6.74 3.28 -5.69
N ILE A 347 6.69 2.27 -6.58
CA ILE A 347 6.61 2.56 -8.03
C ILE A 347 5.35 3.34 -8.37
N ALA A 348 4.20 2.95 -7.85
CA ALA A 348 2.94 3.66 -8.20
C ALA A 348 3.01 5.09 -7.67
N TRP A 349 3.57 5.30 -6.49
CA TRP A 349 3.70 6.63 -5.88
C TRP A 349 4.55 7.50 -6.81
N GLY A 350 5.70 7.01 -7.25
CA GLY A 350 6.53 7.82 -8.17
C GLY A 350 5.80 8.04 -9.46
N GLY A 351 5.12 7.03 -9.96
CA GLY A 351 4.45 7.17 -11.24
C GLY A 351 3.39 8.24 -11.28
N ALA A 352 2.67 8.44 -10.18
CA ALA A 352 1.53 9.37 -10.17
C ALA A 352 2.00 10.82 -10.17
N ASN A 353 3.26 11.07 -9.79
CA ASN A 353 3.67 12.41 -9.32
C ASN A 353 4.58 13.09 -10.32
N GLY A 354 4.46 12.73 -11.57
CA GLY A 354 5.07 13.54 -12.64
C GLY A 354 4.47 14.92 -12.73
N ALA A 355 5.17 15.83 -13.41
CA ALA A 355 4.62 17.16 -13.68
C ALA A 355 4.96 17.59 -15.08
N PHE A 356 3.96 18.05 -15.82
CA PHE A 356 4.14 18.62 -17.16
C PHE A 356 5.00 17.64 -17.97
N GLU A 357 6.15 18.08 -18.50
CA GLU A 357 6.87 17.31 -19.54
C GLU A 357 7.74 16.21 -18.95
N LEU A 358 7.85 16.04 -17.63
CA LEU A 358 8.81 15.05 -17.12
C LEU A 358 8.35 14.46 -15.79
N ASN A 359 8.32 13.13 -15.72
CA ASN A 359 8.27 12.43 -14.43
C ASN A 359 9.67 12.30 -13.82
N VAL A 360 9.87 12.93 -12.66
CA VAL A 360 11.20 13.00 -12.00
C VAL A 360 11.27 12.03 -10.82
N TYR A 361 10.77 10.82 -10.98
CA TYR A 361 10.93 9.75 -9.99
C TYR A 361 11.61 8.53 -10.62
N ILE A 362 12.31 8.72 -11.73
CA ILE A 362 12.75 7.58 -12.56
C ILE A 362 13.77 6.74 -11.82
N PRO A 363 14.85 7.28 -11.17
CA PRO A 363 15.81 6.40 -10.55
C PRO A 363 15.19 5.52 -9.46
N MET A 364 14.31 6.09 -8.66
CA MET A 364 13.60 5.30 -7.60
C MET A 364 12.72 4.22 -8.27
N MET A 365 11.95 4.61 -9.28
CA MET A 365 11.07 3.63 -9.96
C MET A 365 11.90 2.50 -10.54
N ALA A 366 13.01 2.85 -11.19
CA ALA A 366 13.92 1.88 -11.82
C ALA A 366 14.48 0.91 -10.78
N ARG A 367 14.95 1.42 -9.66
CA ARG A 367 15.49 0.54 -8.62
C ARG A 367 14.44 -0.50 -8.25
N ASN A 368 13.23 -0.01 -7.94
CA ASN A 368 12.16 -0.90 -7.42
C ASN A 368 11.71 -1.92 -8.45
N ILE A 369 11.52 -1.51 -9.70
N ILE A 369 11.53 -1.55 -9.71
CA ILE A 369 10.97 -2.43 -10.76
CA ILE A 369 10.98 -2.55 -10.65
C ILE A 369 12.05 -3.47 -11.06
C ILE A 369 12.08 -3.53 -11.01
N LEU A 370 13.31 -3.05 -11.18
CA LEU A 370 14.37 -4.00 -11.56
C LEU A 370 14.66 -4.95 -10.40
N GLU A 371 14.60 -4.48 -9.15
CA GLU A 371 14.72 -5.40 -8.02
C GLU A 371 13.59 -6.42 -8.06
N SER A 372 12.37 -5.98 -8.26
CA SER A 372 11.22 -6.91 -8.25
C SER A 372 11.47 -8.00 -9.31
N PHE A 373 11.93 -7.60 -10.50
CA PHE A 373 12.21 -8.62 -11.52
C PHE A 373 13.26 -9.59 -11.01
N LYS A 374 14.35 -9.10 -10.48
CA LYS A 374 15.48 -9.96 -10.05
C LYS A 374 15.04 -10.92 -8.94
N LEU A 375 14.37 -10.40 -7.90
CA LEU A 375 14.00 -11.28 -6.77
C LEU A 375 13.06 -12.36 -7.27
N LEU A 376 12.06 -12.02 -8.08
CA LEU A 376 11.10 -13.05 -8.52
C LEU A 376 11.81 -14.06 -9.42
N THR A 377 12.71 -13.62 -10.28
CA THR A 377 13.45 -14.55 -11.16
C THR A 377 14.23 -15.53 -10.30
N ASN A 378 15.03 -15.03 -9.38
CA ASN A 378 15.98 -15.89 -8.66
C ASN A 378 15.17 -16.80 -7.73
N VAL A 379 14.16 -16.29 -7.02
CA VAL A 379 13.51 -17.14 -6.01
C VAL A 379 12.64 -18.16 -6.72
N SER A 380 12.12 -17.88 -7.92
CA SER A 380 11.23 -18.82 -8.63
C SER A 380 12.08 -20.04 -9.05
N ARG A 381 13.29 -19.81 -9.52
CA ARG A 381 14.18 -20.94 -9.95
C ARG A 381 14.56 -21.76 -8.72
N LEU A 382 14.97 -21.12 -7.62
CA LEU A 382 15.35 -21.84 -6.39
C LEU A 382 14.14 -22.63 -5.89
N PHE A 383 12.96 -22.03 -5.88
CA PHE A 383 11.77 -22.75 -5.38
C PHE A 383 11.49 -23.98 -6.25
N ALA A 384 11.54 -23.81 -7.57
CA ALA A 384 11.32 -24.92 -8.51
C ALA A 384 12.30 -26.05 -8.24
N GLN A 385 13.58 -25.74 -8.18
CA GLN A 385 14.64 -26.77 -8.23
C GLN A 385 14.83 -27.38 -6.84
N ARG A 386 14.80 -26.59 -5.76
CA ARG A 386 15.30 -27.03 -4.45
C ARG A 386 14.16 -27.26 -3.47
N CYS A 387 12.93 -27.00 -3.88
CA CYS A 387 11.75 -27.28 -3.04
C CYS A 387 10.79 -28.15 -3.85
N ILE A 388 10.18 -27.64 -4.92
CA ILE A 388 9.08 -28.33 -5.59
C ILE A 388 9.57 -29.70 -6.08
N ALA A 389 10.66 -29.74 -6.82
CA ALA A 389 11.06 -30.99 -7.53
C ALA A 389 11.22 -32.16 -6.53
N GLY A 390 11.63 -31.90 -5.30
CA GLY A 390 11.96 -32.95 -4.31
C GLY A 390 10.88 -33.20 -3.28
N LEU A 391 9.70 -32.54 -3.35
CA LEU A 391 8.63 -32.85 -2.38
C LEU A 391 8.29 -34.34 -2.46
N THR A 392 7.96 -34.93 -1.33
N THR A 392 8.00 -34.91 -1.30
CA THR A 392 7.43 -36.32 -1.26
CA THR A 392 7.51 -36.30 -1.11
C THR A 392 6.17 -36.38 -0.41
C THR A 392 6.10 -36.23 -0.51
N ALA A 393 5.16 -37.07 -0.95
CA ALA A 393 3.81 -37.14 -0.37
C ALA A 393 3.73 -38.32 0.58
N ASN A 394 3.01 -38.14 1.69
CA ASN A 394 2.66 -39.27 2.60
C ASN A 394 1.38 -39.93 2.05
N VAL A 395 1.51 -40.71 1.01
CA VAL A 395 0.36 -41.11 0.16
C VAL A 395 -0.66 -41.90 1.00
N GLU A 396 -0.21 -42.93 1.69
CA GLU A 396 -1.15 -43.82 2.40
C GLU A 396 -1.83 -43.02 3.53
N HIS A 397 -1.08 -42.20 4.23
CA HIS A 397 -1.65 -41.34 5.27
C HIS A 397 -2.75 -40.42 4.69
N LEU A 398 -2.50 -39.75 3.58
CA LEU A 398 -3.48 -38.85 2.97
C LEU A 398 -4.77 -39.61 2.64
N ARG A 399 -4.63 -40.82 2.06
CA ARG A 399 -5.81 -41.63 1.65
C ARG A 399 -6.54 -42.09 2.92
N ARG A 400 -5.81 -42.48 3.96
N ARG A 400 -5.88 -42.42 3.92
CA ARG A 400 -6.51 -42.91 5.19
CA ARG A 400 -6.57 -42.85 5.16
C ARG A 400 -7.32 -41.74 5.76
C ARG A 400 -7.37 -41.68 5.75
N LEU A 401 -6.76 -40.55 5.83
CA LEU A 401 -7.55 -39.43 6.36
C LEU A 401 -8.77 -39.18 5.48
N ALA A 402 -8.65 -39.23 4.13
CA ALA A 402 -9.79 -38.98 3.21
C ALA A 402 -10.88 -40.00 3.52
N GLU A 403 -10.45 -41.25 3.71
CA GLU A 403 -11.39 -42.40 3.94
C GLU A 403 -12.00 -42.35 5.33
N SER A 404 -11.53 -41.51 6.24
CA SER A 404 -11.97 -41.44 7.64
C SER A 404 -12.77 -40.15 7.90
N SER A 405 -13.00 -39.37 6.87
CA SER A 405 -13.62 -38.03 7.02
C SER A 405 -15.15 -38.07 7.03
N PRO A 406 -15.80 -37.43 8.02
CA PRO A 406 -17.24 -37.21 7.99
C PRO A 406 -17.71 -36.62 6.66
N SER A 407 -16.86 -35.85 5.96
CA SER A 407 -17.29 -35.22 4.68
C SER A 407 -17.76 -36.26 3.65
N ILE A 408 -17.36 -37.54 3.73
CA ILE A 408 -17.63 -38.54 2.67
C ILE A 408 -18.86 -39.39 3.02
N VAL A 409 -19.61 -39.08 4.08
CA VAL A 409 -20.79 -39.94 4.43
C VAL A 409 -21.98 -39.64 3.53
N THR A 410 -22.02 -38.48 2.85
CA THR A 410 -23.20 -38.04 2.03
C THR A 410 -23.62 -39.13 1.03
N PRO A 411 -22.70 -39.75 0.26
CA PRO A 411 -23.11 -40.82 -0.66
C PRO A 411 -23.70 -42.06 0.02
N LEU A 412 -23.72 -42.15 1.36
CA LEU A 412 -24.39 -43.28 2.07
C LEU A 412 -25.88 -42.95 2.25
N ASN A 413 -26.26 -41.68 2.15
CA ASN A 413 -27.61 -41.22 2.61
C ASN A 413 -28.71 -41.98 1.87
N SER A 414 -28.55 -42.20 0.57
CA SER A 414 -29.58 -42.89 -0.24
C SER A 414 -29.71 -44.37 0.15
N ALA A 415 -28.76 -44.98 0.85
CA ALA A 415 -28.88 -46.38 1.33
C ALA A 415 -29.35 -46.44 2.80
N ILE A 416 -28.80 -45.62 3.70
CA ILE A 416 -29.03 -45.80 5.18
C ILE A 416 -29.72 -44.57 5.81
N GLY A 417 -29.97 -43.51 5.07
CA GLY A 417 -30.58 -42.26 5.56
C GLY A 417 -29.59 -41.35 6.26
N TYR A 418 -29.89 -40.06 6.28
CA TYR A 418 -28.96 -39.01 6.74
C TYR A 418 -28.69 -39.14 8.25
N GLU A 419 -29.61 -39.69 9.05
N GLU A 419 -29.66 -39.66 9.03
CA GLU A 419 -29.43 -39.76 10.53
CA GLU A 419 -29.57 -39.84 10.51
C GLU A 419 -28.49 -40.91 10.88
C GLU A 419 -28.48 -40.88 10.81
N GLU A 420 -28.56 -42.05 10.20
CA GLU A 420 -27.59 -43.14 10.45
C GLU A 420 -26.21 -42.74 9.86
N ALA A 421 -26.20 -41.99 8.77
CA ALA A 421 -24.94 -41.52 8.16
C ALA A 421 -24.26 -40.54 9.12
N ALA A 422 -25.02 -39.68 9.81
CA ALA A 422 -24.47 -38.78 10.86
C ALA A 422 -23.90 -39.59 12.03
N ALA A 423 -24.56 -40.68 12.46
CA ALA A 423 -24.05 -41.56 13.54
C ALA A 423 -22.77 -42.25 13.11
N VAL A 424 -22.66 -42.69 11.85
CA VAL A 424 -21.43 -43.32 11.31
C VAL A 424 -20.29 -42.28 11.41
N ALA A 425 -20.54 -41.04 10.96
CA ALA A 425 -19.57 -39.92 10.97
C ALA A 425 -19.05 -39.65 12.37
N LYS A 426 -19.96 -39.49 13.33
CA LYS A 426 -19.59 -39.24 14.73
C LYS A 426 -18.77 -40.40 15.31
N GLN A 427 -19.14 -41.66 15.08
CA GLN A 427 -18.41 -42.81 15.66
C GLN A 427 -17.04 -42.96 14.98
N ALA A 428 -16.97 -42.74 13.67
CA ALA A 428 -15.69 -42.84 12.94
C ALA A 428 -14.68 -41.86 13.57
N LEU A 429 -15.11 -40.65 13.84
CA LEU A 429 -14.20 -39.59 14.38
C LEU A 429 -13.78 -40.00 15.80
N LYS A 430 -14.77 -40.38 16.61
CA LYS A 430 -14.52 -40.70 18.04
C LYS A 430 -13.52 -41.86 18.16
N GLU A 431 -13.69 -42.92 17.36
N GLU A 431 -13.68 -42.89 17.32
CA GLU A 431 -12.89 -44.17 17.43
CA GLU A 431 -12.92 -44.16 17.40
C GLU A 431 -11.66 -44.11 16.52
C GLU A 431 -11.67 -44.12 16.49
N ARG A 432 -11.50 -43.04 15.73
CA ARG A 432 -10.35 -42.87 14.79
C ARG A 432 -10.32 -44.04 13.80
N LYS A 433 -11.48 -44.27 13.19
CA LYS A 433 -11.69 -45.36 12.20
C LYS A 433 -12.08 -44.81 10.83
N THR A 434 -11.92 -45.59 9.79
CA THR A 434 -12.40 -45.26 8.45
C THR A 434 -13.95 -45.25 8.50
N ILE A 435 -14.57 -44.49 7.60
CA ILE A 435 -16.05 -44.56 7.41
C ILE A 435 -16.41 -46.01 7.04
N ARG A 436 -15.71 -46.62 6.10
CA ARG A 436 -15.95 -48.04 5.71
C ARG A 436 -15.95 -48.97 6.95
N GLN A 437 -14.91 -48.96 7.75
CA GLN A 437 -14.83 -49.86 8.93
C GLN A 437 -15.98 -49.54 9.88
N THR A 438 -16.36 -48.26 10.06
CA THR A 438 -17.44 -47.84 10.97
C THR A 438 -18.78 -48.39 10.48
N VAL A 439 -19.01 -48.42 9.17
CA VAL A 439 -20.28 -48.91 8.58
C VAL A 439 -20.37 -50.41 8.86
N ILE A 440 -19.27 -51.14 8.70
CA ILE A 440 -19.16 -52.59 9.00
C ILE A 440 -19.35 -52.81 10.50
N ASP A 441 -18.76 -51.99 11.37
CA ASP A 441 -18.78 -52.21 12.84
C ASP A 441 -20.18 -52.00 13.39
N ARG A 442 -20.96 -51.12 12.76
CA ARG A 442 -22.34 -50.78 13.19
C ARG A 442 -23.36 -51.78 12.60
N GLY A 443 -22.90 -52.81 11.90
CA GLY A 443 -23.76 -53.91 11.37
C GLY A 443 -24.70 -53.42 10.26
N LEU A 444 -24.22 -52.55 9.37
CA LEU A 444 -25.07 -52.00 8.28
C LEU A 444 -24.94 -52.82 6.99
N ILE A 445 -23.96 -53.71 6.88
CA ILE A 445 -23.81 -54.53 5.64
C ILE A 445 -25.04 -55.45 5.64
N GLY A 446 -25.83 -55.43 4.55
CA GLY A 446 -27.01 -56.30 4.40
C GLY A 446 -27.50 -56.37 2.96
N ASP A 447 -28.82 -56.45 2.78
CA ASP A 447 -29.51 -56.34 1.46
C ASP A 447 -29.64 -54.85 1.12
N ARG A 448 -29.63 -53.99 2.13
CA ARG A 448 -29.75 -52.52 1.98
C ARG A 448 -28.40 -51.95 1.51
N LEU A 449 -27.31 -52.72 1.55
CA LEU A 449 -25.92 -52.22 1.33
C LEU A 449 -24.92 -53.38 1.35
N SER A 450 -24.50 -53.86 0.18
CA SER A 450 -23.43 -54.87 0.04
C SER A 450 -22.08 -54.23 0.37
N ILE A 451 -21.07 -55.03 0.67
CA ILE A 451 -19.66 -54.60 0.79
C ILE A 451 -19.26 -53.88 -0.52
N GLU A 452 -19.65 -54.42 -1.68
CA GLU A 452 -19.28 -53.88 -3.02
C GLU A 452 -19.93 -52.52 -3.22
N ASP A 453 -21.20 -52.35 -2.83
CA ASP A 453 -21.92 -51.06 -2.96
C ASP A 453 -21.32 -50.03 -1.98
N LEU A 454 -20.83 -50.49 -0.83
CA LEU A 454 -20.18 -49.60 0.18
C LEU A 454 -18.90 -49.05 -0.45
N ASP A 455 -18.07 -49.91 -1.02
CA ASP A 455 -16.76 -49.53 -1.61
C ASP A 455 -16.96 -48.61 -2.83
N ARG A 456 -18.05 -48.77 -3.55
CA ARG A 456 -18.39 -47.83 -4.64
C ARG A 456 -18.82 -46.46 -4.07
N ARG A 457 -19.64 -46.46 -3.03
CA ARG A 457 -20.19 -45.23 -2.45
C ARG A 457 -19.05 -44.45 -1.79
N LEU A 458 -18.05 -45.17 -1.25
CA LEU A 458 -16.96 -44.51 -0.47
C LEU A 458 -15.63 -44.49 -1.26
N ASP A 459 -15.69 -44.60 -2.57
CA ASP A 459 -14.47 -44.52 -3.42
C ASP A 459 -14.02 -43.05 -3.45
N VAL A 460 -13.07 -42.71 -2.60
CA VAL A 460 -12.70 -41.28 -2.43
C VAL A 460 -11.97 -40.79 -3.69
N LEU A 461 -11.21 -41.63 -4.38
CA LEU A 461 -10.50 -41.13 -5.59
C LEU A 461 -11.56 -40.83 -6.66
N ALA A 462 -12.61 -41.66 -6.77
CA ALA A 462 -13.71 -41.34 -7.70
C ALA A 462 -14.42 -40.04 -7.30
N MET A 463 -14.58 -39.76 -6.01
N MET A 463 -14.56 -39.76 -6.00
CA MET A 463 -15.21 -38.51 -5.52
CA MET A 463 -15.22 -38.51 -5.53
C MET A 463 -14.39 -37.30 -6.00
C MET A 463 -14.40 -37.29 -5.93
N ALA A 464 -13.07 -37.44 -6.07
CA ALA A 464 -12.19 -36.33 -6.53
C ALA A 464 -12.39 -36.04 -8.02
N LYS A 465 -12.95 -36.96 -8.85
CA LYS A 465 -13.24 -36.72 -10.30
C LYS A 465 -11.99 -36.27 -11.07
N ALA A 466 -10.87 -36.98 -10.88
CA ALA A 466 -9.59 -36.75 -11.59
C ALA A 466 -9.68 -37.36 -13.00
N GLU A 467 -9.22 -36.65 -14.03
CA GLU A 467 -9.00 -37.22 -15.40
C GLU A 467 -8.23 -38.56 -15.26
N TYR B 10 -43.13 -6.89 11.40
CA TYR B 10 -42.42 -8.12 11.88
C TYR B 10 -43.21 -9.38 11.51
N ARG B 11 -42.56 -10.54 11.51
CA ARG B 11 -43.17 -11.88 11.22
C ARG B 11 -42.16 -12.98 11.56
N ILE B 12 -42.60 -13.98 12.33
CA ILE B 12 -41.75 -15.06 12.91
C ILE B 12 -41.29 -16.00 11.79
N GLU B 13 -40.20 -16.76 12.04
CA GLU B 13 -39.77 -17.97 11.28
C GLU B 13 -39.11 -18.97 12.25
N HIS B 14 -38.72 -20.15 11.75
CA HIS B 14 -38.07 -21.23 12.53
C HIS B 14 -36.90 -21.80 11.71
N ASP B 15 -35.69 -21.52 12.20
CA ASP B 15 -34.36 -21.99 11.70
C ASP B 15 -34.00 -23.20 12.56
N THR B 16 -33.28 -24.17 12.00
CA THR B 16 -32.90 -25.42 12.72
C THR B 16 -32.26 -25.05 14.09
N MET B 17 -31.96 -23.77 14.34
CA MET B 17 -31.43 -23.26 15.64
C MET B 17 -32.56 -22.68 16.49
N GLY B 18 -33.62 -22.12 15.90
CA GLY B 18 -34.77 -21.59 16.66
C GLY B 18 -35.62 -20.60 15.89
N GLU B 19 -36.41 -19.79 16.60
CA GLU B 19 -37.39 -18.80 16.06
C GLU B 19 -36.69 -17.47 15.75
N VAL B 20 -36.81 -16.97 14.51
CA VAL B 20 -36.13 -15.73 14.07
C VAL B 20 -37.17 -14.71 13.61
N ARG B 21 -37.11 -13.48 14.11
CA ARG B 21 -38.04 -12.40 13.68
C ARG B 21 -37.47 -11.70 12.44
N VAL B 22 -38.33 -11.41 11.46
CA VAL B 22 -37.97 -10.91 10.12
C VAL B 22 -38.91 -9.77 9.79
N PRO B 23 -38.44 -8.63 9.28
CA PRO B 23 -39.34 -7.58 8.78
C PRO B 23 -40.38 -8.08 7.76
N ALA B 24 -41.61 -7.56 7.86
CA ALA B 24 -42.83 -8.09 7.17
C ALA B 24 -42.69 -8.00 5.65
N LYS B 25 -42.19 -6.86 5.14
CA LYS B 25 -41.97 -6.63 3.69
C LYS B 25 -40.64 -7.26 3.19
N ALA B 26 -39.95 -8.05 4.02
CA ALA B 26 -38.67 -8.69 3.64
C ALA B 26 -38.98 -9.94 2.86
N LEU B 27 -38.33 -10.12 1.70
CA LEU B 27 -38.37 -11.37 0.94
C LEU B 27 -37.26 -12.32 1.39
N TRP B 28 -36.32 -11.90 2.24
CA TRP B 28 -35.33 -12.87 2.76
C TRP B 28 -35.94 -13.71 3.88
N ARG B 29 -35.26 -14.74 4.33
CA ARG B 29 -35.84 -15.71 5.32
C ARG B 29 -34.82 -15.88 6.46
N ALA B 30 -34.81 -17.03 7.11
CA ALA B 30 -34.12 -17.24 8.40
C ALA B 30 -32.59 -17.17 8.23
N GLN B 31 -32.02 -17.82 7.24
CA GLN B 31 -30.53 -17.83 7.12
C GLN B 31 -30.07 -16.37 6.94
N THR B 32 -30.75 -15.57 6.11
CA THR B 32 -30.34 -14.16 5.91
C THR B 32 -30.49 -13.37 7.21
N GLN B 33 -31.59 -13.58 7.94
CA GLN B 33 -31.77 -12.81 9.20
C GLN B 33 -30.66 -13.17 10.21
N ARG B 34 -30.20 -14.43 10.26
CA ARG B 34 -29.09 -14.87 11.18
C ARG B 34 -27.81 -14.11 10.79
N ALA B 35 -27.53 -14.04 9.50
CA ALA B 35 -26.36 -13.32 8.96
C ALA B 35 -26.45 -11.84 9.30
N VAL B 36 -27.63 -11.21 9.25
CA VAL B 36 -27.83 -9.81 9.66
C VAL B 36 -27.41 -9.65 11.13
N GLU B 37 -27.82 -10.58 11.98
CA GLU B 37 -27.52 -10.52 13.44
C GLU B 37 -26.04 -10.85 13.69
N ASN B 38 -25.41 -11.66 12.87
CA ASN B 38 -24.01 -12.15 13.07
C ASN B 38 -22.93 -11.12 12.64
N PHE B 39 -23.19 -10.26 11.67
CA PHE B 39 -22.15 -9.39 11.09
C PHE B 39 -22.54 -7.92 11.10
N PRO B 40 -22.95 -7.31 12.23
CA PRO B 40 -23.18 -5.86 12.25
C PRO B 40 -21.85 -5.09 12.31
N ILE B 41 -21.18 -4.97 11.16
CA ILE B 41 -19.76 -4.51 11.18
C ILE B 41 -19.65 -3.16 10.45
N SER B 42 -20.09 -3.09 9.19
CA SER B 42 -19.94 -1.89 8.34
C SER B 42 -21.27 -1.17 8.16
N GLY B 43 -22.38 -1.87 8.20
CA GLY B 43 -23.69 -1.26 7.86
C GLY B 43 -23.86 -1.06 6.35
N ARG B 44 -23.03 -1.68 5.52
CA ARG B 44 -23.12 -1.58 4.04
C ARG B 44 -23.22 -3.05 3.55
N GLY B 45 -24.16 -3.31 2.66
CA GLY B 45 -24.30 -4.62 2.03
C GLY B 45 -23.91 -4.56 0.56
N LEU B 46 -24.29 -5.59 -0.16
CA LEU B 46 -23.95 -5.70 -1.61
C LEU B 46 -24.48 -4.48 -2.36
N GLU B 47 -23.75 -4.12 -3.39
CA GLU B 47 -24.17 -3.07 -4.36
C GLU B 47 -25.11 -3.64 -5.41
N ARG B 48 -25.79 -2.74 -6.11
CA ARG B 48 -26.71 -3.09 -7.21
C ARG B 48 -26.01 -4.02 -8.21
N THR B 49 -24.75 -3.79 -8.60
CA THR B 49 -24.05 -4.61 -9.65
C THR B 49 -23.90 -6.05 -9.17
N GLN B 50 -23.60 -6.24 -7.89
CA GLN B 50 -23.45 -7.59 -7.34
C GLN B 50 -24.77 -8.32 -7.23
N ILE B 51 -25.81 -7.61 -6.79
CA ILE B 51 -27.17 -8.20 -6.71
C ILE B 51 -27.60 -8.63 -8.10
N ARG B 52 -27.40 -7.75 -9.09
CA ARG B 52 -27.79 -8.05 -10.47
C ARG B 52 -27.10 -9.33 -10.91
N ALA B 53 -25.79 -9.45 -10.63
CA ALA B 53 -25.04 -10.62 -11.12
C ALA B 53 -25.53 -11.92 -10.45
N LEU B 54 -25.85 -11.84 -9.17
CA LEU B 54 -26.42 -13.02 -8.46
C LEU B 54 -27.73 -13.42 -9.14
N GLY B 55 -28.59 -12.46 -9.46
CA GLY B 55 -29.83 -12.77 -10.21
C GLY B 55 -29.53 -13.41 -11.57
N LEU B 56 -28.62 -12.83 -12.36
CA LEU B 56 -28.24 -13.40 -13.68
C LEU B 56 -27.82 -14.86 -13.45
N LEU B 57 -26.95 -15.06 -12.48
CA LEU B 57 -26.40 -16.39 -12.26
C LEU B 57 -27.51 -17.38 -11.92
N LYS B 58 -28.35 -17.07 -10.96
CA LYS B 58 -29.39 -18.05 -10.54
C LYS B 58 -30.39 -18.39 -11.65
N GLY B 59 -30.70 -17.41 -12.50
CA GLY B 59 -31.56 -17.63 -13.67
C GLY B 59 -30.90 -18.57 -14.64
N ALA B 60 -29.59 -18.40 -14.90
CA ALA B 60 -28.89 -19.27 -15.86
C ALA B 60 -28.81 -20.69 -15.30
N CYS B 61 -28.48 -20.84 -14.01
CA CYS B 61 -28.39 -22.16 -13.35
C CYS B 61 -29.75 -22.91 -13.48
N ALA B 62 -30.84 -22.19 -13.25
CA ALA B 62 -32.20 -22.81 -13.32
C ALA B 62 -32.45 -23.27 -14.77
N GLN B 63 -32.14 -22.43 -15.76
CA GLN B 63 -32.29 -22.76 -17.20
C GLN B 63 -31.53 -24.05 -17.47
N VAL B 64 -30.28 -24.14 -17.02
CA VAL B 64 -29.47 -25.33 -17.33
C VAL B 64 -30.06 -26.54 -16.60
N ASN B 65 -30.38 -26.39 -15.33
CA ASN B 65 -30.90 -27.53 -14.54
C ASN B 65 -32.20 -28.06 -15.18
N SER B 66 -33.04 -27.16 -15.67
CA SER B 66 -34.25 -27.51 -16.47
C SER B 66 -33.84 -28.25 -17.75
N ASP B 67 -32.90 -27.72 -18.52
CA ASP B 67 -32.51 -28.31 -19.82
C ASP B 67 -31.97 -29.72 -19.60
N LEU B 68 -31.34 -29.99 -18.46
CA LEU B 68 -30.71 -31.32 -18.21
C LEU B 68 -31.71 -32.29 -17.54
N GLY B 69 -32.94 -31.83 -17.28
CA GLY B 69 -34.00 -32.70 -16.73
C GLY B 69 -33.84 -32.92 -15.23
N LEU B 70 -33.14 -32.01 -14.56
CA LEU B 70 -32.83 -32.15 -13.12
C LEU B 70 -33.82 -31.36 -12.26
N LEU B 71 -34.46 -30.35 -12.85
CA LEU B 71 -35.33 -29.42 -12.13
C LEU B 71 -36.65 -29.34 -12.91
N ALA B 72 -37.78 -29.49 -12.23
CA ALA B 72 -39.10 -29.50 -12.90
C ALA B 72 -39.33 -28.15 -13.59
N PRO B 73 -39.93 -28.10 -14.79
CA PRO B 73 -40.07 -26.83 -15.51
C PRO B 73 -40.82 -25.70 -14.78
N GLU B 74 -41.92 -26.02 -14.07
CA GLU B 74 -42.70 -25.02 -13.28
C GLU B 74 -41.78 -24.33 -12.25
N LYS B 75 -40.90 -25.11 -11.62
CA LYS B 75 -39.89 -24.64 -10.63
C LYS B 75 -38.82 -23.79 -11.35
N ALA B 76 -38.26 -24.29 -12.44
CA ALA B 76 -37.26 -23.52 -13.22
C ALA B 76 -37.89 -22.23 -13.71
N ASP B 77 -39.13 -22.28 -14.22
CA ASP B 77 -39.76 -21.07 -14.77
C ASP B 77 -39.91 -20.02 -13.66
N ALA B 78 -40.28 -20.44 -12.45
CA ALA B 78 -40.47 -19.54 -11.30
C ALA B 78 -39.11 -18.94 -10.90
N ILE B 79 -38.06 -19.76 -10.91
CA ILE B 79 -36.72 -19.22 -10.56
C ILE B 79 -36.29 -18.21 -11.61
N ILE B 80 -36.44 -18.54 -12.89
CA ILE B 80 -36.08 -17.66 -14.05
C ILE B 80 -36.82 -16.32 -13.89
N ALA B 81 -38.12 -16.32 -13.60
CA ALA B 81 -38.91 -15.09 -13.50
C ALA B 81 -38.42 -14.29 -12.28
N ALA B 82 -38.19 -14.95 -11.14
CA ALA B 82 -37.71 -14.25 -9.92
C ALA B 82 -36.28 -13.71 -10.18
N ALA B 83 -35.42 -14.50 -10.78
CA ALA B 83 -34.00 -14.10 -11.00
C ALA B 83 -33.96 -12.91 -11.97
N ALA B 84 -34.85 -12.81 -12.98
CA ALA B 84 -34.91 -11.66 -13.91
C ALA B 84 -35.34 -10.42 -13.14
N GLU B 85 -36.25 -10.54 -12.17
CA GLU B 85 -36.63 -9.34 -11.39
C GLU B 85 -35.43 -8.84 -10.59
N ILE B 86 -34.63 -9.76 -10.06
CA ILE B 86 -33.45 -9.35 -9.25
C ILE B 86 -32.40 -8.71 -10.20
N ALA B 87 -32.14 -9.30 -11.34
CA ALA B 87 -31.16 -8.74 -12.29
C ALA B 87 -31.59 -7.36 -12.83
N ASP B 88 -32.91 -7.10 -12.84
CA ASP B 88 -33.51 -5.82 -13.31
C ASP B 88 -33.49 -4.75 -12.20
N GLY B 89 -32.99 -5.05 -10.99
CA GLY B 89 -32.87 -4.04 -9.91
C GLY B 89 -34.18 -3.84 -9.17
N GLN B 90 -35.12 -4.78 -9.28
CA GLN B 90 -36.46 -4.66 -8.64
C GLN B 90 -36.37 -5.06 -7.16
N HIS B 91 -35.23 -5.58 -6.70
CA HIS B 91 -35.15 -6.11 -5.31
C HIS B 91 -33.87 -5.67 -4.59
N ASP B 92 -33.37 -4.47 -4.85
CA ASP B 92 -32.06 -4.03 -4.34
C ASP B 92 -32.14 -3.74 -2.84
N ASP B 93 -33.34 -3.73 -2.26
CA ASP B 93 -33.55 -3.53 -0.80
C ASP B 93 -33.66 -4.88 -0.07
N GLN B 94 -33.48 -6.00 -0.76
CA GLN B 94 -33.75 -7.32 -0.14
C GLN B 94 -32.43 -8.07 0.21
N PHE B 95 -31.31 -7.35 0.25
CA PHE B 95 -29.95 -7.93 0.47
C PHE B 95 -29.27 -7.18 1.60
N PRO B 96 -29.69 -7.47 2.85
CA PRO B 96 -29.28 -6.68 4.01
C PRO B 96 -27.95 -7.11 4.64
N ILE B 97 -27.34 -8.19 4.16
CA ILE B 97 -26.16 -8.76 4.87
C ILE B 97 -24.94 -7.85 4.63
N ASP B 98 -24.15 -7.70 5.68
CA ASP B 98 -22.90 -6.90 5.64
C ASP B 98 -21.98 -7.47 4.54
N VAL B 99 -21.21 -6.58 3.92
CA VAL B 99 -20.01 -7.01 3.14
C VAL B 99 -19.11 -7.92 3.95
N PHE B 100 -18.89 -7.62 5.23
CA PHE B 100 -17.95 -8.34 6.09
C PHE B 100 -18.69 -9.52 6.69
N GLN B 101 -18.78 -10.56 5.90
CA GLN B 101 -19.52 -11.81 6.15
C GLN B 101 -18.56 -13.00 5.95
N THR B 102 -19.03 -14.21 6.11
CA THR B 102 -18.25 -15.42 5.82
C THR B 102 -17.55 -15.25 4.47
N GLY B 103 -16.26 -15.60 4.39
CA GLY B 103 -15.40 -15.12 3.29
C GLY B 103 -15.64 -15.83 1.98
N SER B 104 -16.49 -16.84 1.91
CA SER B 104 -16.91 -17.48 0.65
C SER B 104 -18.06 -16.69 0.01
N GLY B 105 -18.72 -15.83 0.76
CA GLY B 105 -19.93 -15.16 0.30
C GLY B 105 -21.13 -16.09 0.39
N THR B 106 -21.03 -17.20 1.13
CA THR B 106 -22.16 -18.15 1.25
C THR B 106 -23.40 -17.42 1.84
N SER B 107 -23.23 -16.47 2.76
CA SER B 107 -24.40 -15.78 3.35
C SER B 107 -25.16 -15.07 2.21
N SER B 108 -24.48 -14.36 1.33
CA SER B 108 -25.18 -13.62 0.25
C SER B 108 -25.77 -14.61 -0.76
N ASN B 109 -25.10 -15.72 -1.02
CA ASN B 109 -25.64 -16.74 -1.92
C ASN B 109 -27.00 -17.21 -1.35
N MET B 110 -27.04 -17.55 -0.06
CA MET B 110 -28.29 -18.01 0.61
C MET B 110 -29.35 -16.91 0.59
N ASN B 111 -28.96 -15.64 0.75
CA ASN B 111 -29.87 -14.46 0.67
C ASN B 111 -30.56 -14.49 -0.70
N THR B 112 -29.78 -14.70 -1.77
CA THR B 112 -30.33 -14.78 -3.13
C THR B 112 -31.33 -15.93 -3.23
N ASN B 113 -30.98 -17.10 -2.72
CA ASN B 113 -31.81 -18.32 -2.81
C ASN B 113 -33.15 -18.08 -2.07
N GLU B 114 -33.09 -17.44 -0.93
CA GLU B 114 -34.27 -17.19 -0.06
C GLU B 114 -35.19 -16.15 -0.70
N VAL B 115 -34.63 -15.08 -1.27
CA VAL B 115 -35.40 -13.97 -1.90
C VAL B 115 -36.11 -14.55 -3.12
N ILE B 116 -35.43 -15.35 -3.94
CA ILE B 116 -36.07 -16.08 -5.07
C ILE B 116 -37.22 -16.98 -4.60
N ALA B 117 -37.02 -17.77 -3.55
CA ALA B 117 -38.08 -18.66 -3.03
C ALA B 117 -39.30 -17.84 -2.61
N SER B 118 -39.08 -16.69 -1.97
CA SER B 118 -40.16 -15.81 -1.47
C SER B 118 -40.89 -15.16 -2.65
N ILE B 119 -40.18 -14.73 -3.69
CA ILE B 119 -40.84 -14.20 -4.92
C ILE B 119 -41.69 -15.31 -5.55
N ALA B 120 -41.14 -16.51 -5.71
CA ALA B 120 -41.84 -17.65 -6.34
C ALA B 120 -43.13 -17.97 -5.52
N ALA B 121 -43.03 -17.94 -4.19
CA ALA B 121 -44.17 -18.21 -3.25
C ALA B 121 -45.36 -17.30 -3.56
N LYS B 122 -45.11 -16.03 -3.91
CA LYS B 122 -46.14 -14.97 -4.16
C LYS B 122 -46.91 -15.32 -5.44
N GLY B 123 -46.38 -16.22 -6.27
CA GLY B 123 -46.98 -16.74 -7.51
C GLY B 123 -47.45 -18.17 -7.37
N GLY B 124 -47.42 -18.74 -6.15
CA GLY B 124 -48.03 -20.06 -5.89
C GLY B 124 -47.12 -21.23 -6.15
N VAL B 125 -45.79 -21.00 -6.32
CA VAL B 125 -44.81 -22.08 -6.53
C VAL B 125 -43.90 -22.18 -5.31
N THR B 126 -43.79 -23.37 -4.75
CA THR B 126 -42.91 -23.68 -3.61
C THR B 126 -41.55 -24.08 -4.16
N LEU B 127 -40.53 -23.31 -3.81
CA LEU B 127 -39.10 -23.57 -4.12
C LEU B 127 -38.38 -23.76 -2.79
N HIS B 128 -37.58 -24.81 -2.68
CA HIS B 128 -36.62 -25.00 -1.58
C HIS B 128 -35.38 -24.17 -1.93
N PRO B 129 -34.99 -23.18 -1.10
CA PRO B 129 -33.80 -22.36 -1.38
C PRO B 129 -32.56 -23.17 -1.73
N ASN B 130 -32.21 -24.19 -0.93
CA ASN B 130 -31.05 -25.04 -1.23
C ASN B 130 -31.33 -26.01 -2.36
N ASP B 131 -32.38 -26.85 -2.27
CA ASP B 131 -32.48 -28.04 -3.14
C ASP B 131 -32.89 -27.64 -4.56
N ASP B 132 -33.63 -26.55 -4.70
CA ASP B 132 -34.09 -26.05 -6.02
C ASP B 132 -33.22 -24.89 -6.51
N VAL B 133 -33.13 -23.80 -5.74
CA VAL B 133 -32.54 -22.54 -6.26
C VAL B 133 -31.00 -22.72 -6.28
N ASN B 134 -30.46 -23.56 -5.42
CA ASN B 134 -29.01 -23.86 -5.31
C ASN B 134 -28.65 -25.20 -5.97
N MET B 135 -29.54 -25.81 -6.77
CA MET B 135 -29.28 -27.11 -7.40
C MET B 135 -28.01 -27.02 -8.25
N SER B 136 -27.11 -27.99 -8.10
CA SER B 136 -25.89 -28.20 -8.91
C SER B 136 -24.81 -27.19 -8.50
N GLN B 137 -25.08 -26.39 -7.49
CA GLN B 137 -24.17 -25.28 -7.08
C GLN B 137 -23.68 -25.55 -5.70
N SER B 138 -22.69 -24.80 -5.26
CA SER B 138 -22.29 -24.95 -3.86
C SER B 138 -22.22 -23.58 -3.23
N SER B 139 -21.87 -23.61 -1.97
CA SER B 139 -21.68 -22.39 -1.18
C SER B 139 -20.43 -21.62 -1.61
N ASN B 140 -19.54 -22.10 -2.59
CA ASN B 140 -18.14 -21.64 -2.89
C ASN B 140 -17.84 -21.28 -4.36
N ASP B 141 -18.62 -21.75 -5.34
CA ASP B 141 -18.42 -21.48 -6.78
C ASP B 141 -19.43 -20.43 -7.25
N THR B 142 -20.42 -20.07 -6.43
CA THR B 142 -21.52 -19.13 -6.81
C THR B 142 -21.11 -17.68 -6.60
N PHE B 143 -20.72 -17.30 -5.41
CA PHE B 143 -20.39 -15.89 -5.12
C PHE B 143 -19.18 -15.41 -5.95
N PRO B 144 -18.07 -16.17 -6.09
CA PRO B 144 -16.98 -15.73 -6.96
C PRO B 144 -17.38 -15.64 -8.42
N THR B 145 -18.29 -16.51 -8.89
CA THR B 145 -18.80 -16.37 -10.25
C THR B 145 -19.55 -15.03 -10.38
N ALA B 146 -20.46 -14.73 -9.45
CA ALA B 146 -21.24 -13.48 -9.52
C ALA B 146 -20.30 -12.27 -9.45
N THR B 147 -19.26 -12.37 -8.67
CA THR B 147 -18.25 -11.29 -8.54
C THR B 147 -17.60 -11.03 -9.90
N HIS B 148 -17.14 -12.08 -10.57
CA HIS B 148 -16.47 -12.00 -11.89
C HIS B 148 -17.45 -11.51 -12.96
N ILE B 149 -18.71 -11.91 -12.90
CA ILE B 149 -19.71 -11.40 -13.87
C ILE B 149 -19.86 -9.88 -13.67
N ALA B 150 -20.00 -9.46 -12.42
CA ALA B 150 -20.21 -8.03 -12.10
C ALA B 150 -18.98 -7.24 -12.57
N ALA B 151 -17.79 -7.74 -12.30
CA ALA B 151 -16.53 -7.02 -12.59
C ALA B 151 -16.33 -6.92 -14.10
N THR B 152 -16.65 -8.01 -14.82
CA THR B 152 -16.50 -8.03 -16.28
C THR B 152 -17.49 -7.05 -16.89
N GLU B 153 -18.76 -7.08 -16.43
CA GLU B 153 -19.79 -6.11 -16.87
C GLU B 153 -19.31 -4.68 -16.59
N ALA B 154 -18.79 -4.45 -15.40
CA ALA B 154 -18.33 -3.09 -15.01
C ALA B 154 -17.23 -2.64 -15.97
N ALA B 155 -16.33 -3.52 -16.33
CA ALA B 155 -15.18 -3.20 -17.19
C ALA B 155 -15.66 -2.85 -18.60
N VAL B 156 -16.50 -3.72 -19.19
CA VAL B 156 -16.80 -3.71 -20.65
C VAL B 156 -17.93 -2.72 -20.93
N ALA B 157 -18.98 -2.76 -20.15
CA ALA B 157 -20.19 -1.97 -20.43
C ALA B 157 -20.11 -0.54 -19.88
N HIS B 158 -19.30 -0.29 -18.85
CA HIS B 158 -19.33 0.99 -18.14
C HIS B 158 -17.95 1.68 -18.17
N LEU B 159 -16.91 1.03 -17.69
CA LEU B 159 -15.62 1.75 -17.58
C LEU B 159 -15.00 2.03 -18.94
N ILE B 160 -14.94 1.06 -19.82
CA ILE B 160 -14.26 1.33 -21.11
C ILE B 160 -15.00 2.45 -21.85
N PRO B 161 -16.33 2.45 -21.97
CA PRO B 161 -16.98 3.59 -22.64
C PRO B 161 -16.78 4.94 -21.97
N ALA B 162 -16.69 4.97 -20.65
CA ALA B 162 -16.41 6.21 -19.92
C ALA B 162 -14.97 6.66 -20.22
N LEU B 163 -14.00 5.75 -20.18
CA LEU B 163 -12.61 6.13 -20.54
C LEU B 163 -12.53 6.57 -21.98
N GLN B 164 -13.32 5.97 -22.87
CA GLN B 164 -13.27 6.37 -24.30
C GLN B 164 -13.81 7.79 -24.39
N GLN B 165 -14.84 8.12 -23.63
CA GLN B 165 -15.41 9.48 -23.64
C GLN B 165 -14.34 10.49 -23.19
N LEU B 166 -13.60 10.18 -22.13
CA LEU B 166 -12.55 11.09 -21.65
C LEU B 166 -11.42 11.16 -22.69
N HIS B 167 -11.03 10.03 -23.24
CA HIS B 167 -9.98 10.01 -24.29
C HIS B 167 -10.39 10.96 -25.40
N ASP B 168 -11.62 10.82 -25.90
CA ASP B 168 -12.11 11.66 -27.03
C ASP B 168 -12.13 13.13 -26.65
N ALA B 169 -12.49 13.47 -25.43
CA ALA B 169 -12.53 14.88 -24.99
C ALA B 169 -11.09 15.41 -24.97
N LEU B 170 -10.15 14.63 -24.45
CA LEU B 170 -8.72 15.06 -24.39
C LEU B 170 -8.18 15.21 -25.82
N ALA B 171 -8.47 14.25 -26.69
CA ALA B 171 -7.97 14.25 -28.08
C ALA B 171 -8.57 15.43 -28.82
N ALA B 172 -9.83 15.81 -28.56
CA ALA B 172 -10.47 16.98 -29.23
C ALA B 172 -9.71 18.25 -28.81
N LYS B 173 -9.33 18.36 -27.53
CA LYS B 173 -8.51 19.52 -27.10
C LYS B 173 -7.15 19.49 -27.74
N ALA B 174 -6.54 18.33 -27.93
CA ALA B 174 -5.20 18.19 -28.52
C ALA B 174 -5.29 18.80 -29.92
N LEU B 175 -6.39 18.52 -30.63
CA LEU B 175 -6.52 19.01 -32.03
C LEU B 175 -6.79 20.51 -32.02
N ASP B 176 -7.73 20.98 -31.21
CA ASP B 176 -8.08 22.42 -31.10
C ASP B 176 -6.86 23.24 -30.71
N TRP B 177 -5.90 22.68 -29.94
CA TRP B 177 -4.74 23.43 -29.41
C TRP B 177 -3.45 23.05 -30.12
N HIS B 178 -3.57 22.49 -31.31
CA HIS B 178 -2.42 22.05 -32.11
C HIS B 178 -1.35 23.14 -32.31
N THR B 179 -1.75 24.39 -32.41
CA THR B 179 -0.81 25.52 -32.66
C THR B 179 -0.61 26.40 -31.43
N VAL B 180 -1.10 25.99 -30.27
CA VAL B 180 -1.03 26.84 -29.04
C VAL B 180 0.32 26.62 -28.39
N VAL B 181 1.29 27.42 -28.78
N VAL B 181 1.34 27.35 -28.84
CA VAL B 181 2.69 27.23 -28.37
CA VAL B 181 2.72 27.19 -28.35
C VAL B 181 2.87 27.76 -26.94
C VAL B 181 2.83 27.72 -26.92
N LYS B 182 3.73 27.11 -26.17
CA LYS B 182 4.03 27.51 -24.79
C LYS B 182 5.39 26.97 -24.42
N SER B 183 5.92 27.40 -23.29
CA SER B 183 7.19 26.84 -22.78
C SER B 183 6.90 25.48 -22.13
N GLY B 184 7.75 24.53 -22.45
CA GLY B 184 7.82 23.28 -21.68
C GLY B 184 8.21 23.58 -20.26
N ARG B 185 8.01 22.57 -19.39
CA ARG B 185 8.48 22.60 -18.02
C ARG B 185 9.03 21.22 -17.71
N THR B 186 10.25 21.18 -17.23
CA THR B 186 10.90 19.95 -16.74
C THR B 186 11.48 20.25 -15.38
N HIS B 187 11.24 19.39 -14.39
CA HIS B 187 11.64 19.65 -13.00
C HIS B 187 10.94 20.91 -12.47
N LEU B 188 9.85 21.38 -13.08
CA LEU B 188 9.10 22.63 -12.77
C LEU B 188 9.85 23.85 -13.30
N MET B 189 10.91 23.65 -14.05
CA MET B 189 11.74 24.77 -14.58
C MET B 189 11.51 24.95 -16.08
N ASP B 190 11.68 26.18 -16.52
CA ASP B 190 11.49 26.58 -17.92
C ASP B 190 12.27 25.64 -18.82
N ALA B 191 11.65 25.23 -19.91
CA ALA B 191 12.26 24.34 -20.92
C ALA B 191 11.89 24.85 -22.33
N VAL B 192 12.36 24.13 -23.33
CA VAL B 192 12.07 24.50 -24.74
C VAL B 192 10.58 24.33 -25.04
N PRO B 193 10.12 24.95 -26.14
CA PRO B 193 8.71 25.02 -26.47
C PRO B 193 8.03 23.67 -26.71
N VAL B 194 6.76 23.67 -26.35
CA VAL B 194 5.82 22.59 -26.73
C VAL B 194 4.54 23.28 -27.15
N THR B 195 3.52 22.52 -27.53
CA THR B 195 2.18 23.07 -27.65
C THR B 195 1.29 22.46 -26.56
N LEU B 196 0.27 23.19 -26.17
CA LEU B 196 -0.76 22.65 -25.26
C LEU B 196 -1.38 21.43 -25.92
N GLY B 197 -1.49 21.43 -27.25
CA GLY B 197 -2.02 20.28 -27.98
C GLY B 197 -1.16 19.04 -27.80
N GLN B 198 0.16 19.18 -27.85
CA GLN B 198 1.06 18.03 -27.61
C GLN B 198 0.83 17.48 -26.20
N GLU B 199 0.73 18.35 -25.20
CA GLU B 199 0.59 17.88 -23.81
C GLU B 199 -0.72 17.10 -23.72
N PHE B 200 -1.80 17.61 -24.31
CA PHE B 200 -3.12 16.95 -24.24
C PHE B 200 -3.12 15.63 -25.06
N SER B 201 -2.32 15.57 -26.13
N SER B 201 -2.33 15.54 -26.13
CA SER B 201 -2.10 14.31 -26.90
CA SER B 201 -2.15 14.26 -26.85
C SER B 201 -1.48 13.27 -25.96
C SER B 201 -1.49 13.24 -25.92
N GLY B 202 -0.57 13.68 -25.07
CA GLY B 202 0.04 12.80 -24.06
C GLY B 202 -1.03 12.30 -23.08
N TYR B 203 -1.85 13.21 -22.57
CA TYR B 203 -2.94 12.81 -21.64
C TYR B 203 -3.85 11.80 -22.35
N ALA B 204 -4.25 12.10 -23.60
CA ALA B 204 -5.10 11.17 -24.38
C ALA B 204 -4.44 9.81 -24.49
N ARG B 205 -3.15 9.76 -24.80
CA ARG B 205 -2.46 8.45 -24.89
C ARG B 205 -2.58 7.73 -23.55
N GLN B 206 -2.37 8.42 -22.42
CA GLN B 206 -2.47 7.76 -21.11
C GLN B 206 -3.83 7.07 -20.96
N ILE B 207 -4.90 7.74 -21.34
CA ILE B 207 -6.24 7.14 -21.21
C ILE B 207 -6.40 5.99 -22.21
N GLU B 208 -5.95 6.19 -23.44
CA GLU B 208 -5.99 5.11 -24.48
C GLU B 208 -5.23 3.87 -23.96
N ALA B 209 -4.07 4.05 -23.39
CA ALA B 209 -3.26 2.98 -22.78
C ALA B 209 -4.04 2.37 -21.61
N GLY B 210 -4.78 3.17 -20.88
CA GLY B 210 -5.61 2.64 -19.79
C GLY B 210 -6.65 1.68 -20.32
N ILE B 211 -7.30 2.03 -21.42
CA ILE B 211 -8.29 1.11 -22.05
C ILE B 211 -7.59 -0.18 -22.50
N GLU B 212 -6.39 -0.06 -23.07
CA GLU B 212 -5.62 -1.25 -23.48
C GLU B 212 -5.32 -2.12 -22.24
N ARG B 213 -5.00 -1.51 -21.11
CA ARG B 213 -4.72 -2.27 -19.87
C ARG B 213 -5.97 -3.03 -19.38
N VAL B 214 -7.14 -2.40 -19.42
CA VAL B 214 -8.39 -3.09 -19.01
C VAL B 214 -8.69 -4.23 -19.98
N ARG B 215 -8.51 -3.98 -21.27
N ARG B 215 -8.51 -3.98 -21.27
CA ARG B 215 -8.76 -5.02 -22.31
CA ARG B 215 -8.76 -5.02 -22.30
C ARG B 215 -7.82 -6.21 -22.09
C ARG B 215 -7.82 -6.20 -22.08
N ALA B 216 -6.57 -5.94 -21.71
CA ALA B 216 -5.57 -7.01 -21.53
C ALA B 216 -5.92 -7.88 -20.33
N CYS B 217 -6.68 -7.38 -19.36
CA CYS B 217 -6.97 -8.22 -18.17
C CYS B 217 -8.23 -9.09 -18.40
N LEU B 218 -9.07 -8.78 -19.38
CA LEU B 218 -10.40 -9.43 -19.53
C LEU B 218 -10.27 -10.93 -19.79
N PRO B 219 -9.26 -11.50 -20.48
CA PRO B 219 -9.22 -12.94 -20.63
C PRO B 219 -9.25 -13.71 -19.31
N ARG B 220 -8.73 -13.11 -18.25
CA ARG B 220 -8.69 -13.78 -16.93
C ARG B 220 -9.77 -13.17 -16.02
N LEU B 221 -10.12 -11.90 -16.17
CA LEU B 221 -11.21 -11.36 -15.32
C LEU B 221 -12.52 -12.10 -15.61
N GLY B 222 -12.75 -12.44 -16.88
CA GLY B 222 -14.01 -13.07 -17.31
C GLY B 222 -14.10 -14.55 -16.95
N GLU B 223 -13.09 -15.17 -16.35
CA GLU B 223 -13.13 -16.60 -16.03
C GLU B 223 -14.06 -16.82 -14.83
N LEU B 224 -14.99 -17.77 -14.97
CA LEU B 224 -16.01 -18.06 -13.93
C LEU B 224 -15.75 -19.43 -13.30
N ALA B 225 -15.99 -19.53 -12.00
CA ALA B 225 -15.80 -20.75 -11.20
C ALA B 225 -16.99 -21.73 -11.34
N ILE B 226 -18.11 -21.30 -11.88
CA ILE B 226 -19.41 -22.04 -11.76
C ILE B 226 -19.22 -23.43 -12.36
N GLY B 227 -19.68 -24.43 -11.62
CA GLY B 227 -19.52 -25.82 -12.01
C GLY B 227 -18.49 -26.56 -11.18
N GLY B 228 -17.58 -25.84 -10.50
CA GLY B 228 -16.51 -26.47 -9.68
C GLY B 228 -17.03 -26.94 -8.34
N THR B 229 -18.22 -26.53 -7.92
CA THR B 229 -18.86 -26.91 -6.61
C THR B 229 -17.91 -26.68 -5.43
N ALA B 230 -17.94 -27.50 -4.39
CA ALA B 230 -17.36 -27.10 -3.09
C ALA B 230 -15.86 -26.90 -3.17
N VAL B 231 -15.16 -27.73 -3.92
CA VAL B 231 -13.67 -27.70 -3.85
C VAL B 231 -13.00 -27.52 -5.19
N GLY B 232 -13.75 -27.47 -6.29
CA GLY B 232 -13.21 -27.32 -7.65
C GLY B 232 -13.34 -28.57 -8.49
N THR B 233 -13.71 -29.68 -7.86
CA THR B 233 -13.80 -30.98 -8.57
C THR B 233 -15.11 -31.16 -9.37
N GLY B 234 -16.13 -30.36 -9.13
CA GLY B 234 -17.43 -30.48 -9.81
C GLY B 234 -18.25 -31.63 -9.22
N LEU B 235 -17.83 -32.21 -8.08
CA LEU B 235 -18.67 -33.25 -7.40
C LEU B 235 -20.07 -32.69 -7.17
N ASN B 236 -21.12 -33.46 -7.49
CA ASN B 236 -22.55 -33.07 -7.24
C ASN B 236 -23.03 -32.02 -8.25
N ALA B 237 -22.31 -31.76 -9.33
CA ALA B 237 -22.83 -31.01 -10.51
C ALA B 237 -22.67 -31.86 -11.73
N PRO B 238 -23.46 -31.57 -12.77
CA PRO B 238 -23.21 -32.11 -14.12
C PRO B 238 -21.81 -31.76 -14.61
N ASP B 239 -21.14 -32.68 -15.33
CA ASP B 239 -19.75 -32.46 -15.79
C ASP B 239 -19.67 -31.20 -16.67
N ASP B 240 -20.74 -30.84 -17.40
CA ASP B 240 -20.71 -29.69 -18.33
C ASP B 240 -21.55 -28.54 -17.77
N PHE B 241 -21.77 -28.49 -16.45
CA PHE B 241 -22.62 -27.43 -15.86
C PHE B 241 -22.02 -26.04 -16.16
N GLY B 242 -20.72 -25.89 -15.96
CA GLY B 242 -20.00 -24.63 -16.20
C GLY B 242 -20.17 -24.12 -17.61
N VAL B 243 -19.81 -24.92 -18.63
N VAL B 243 -19.81 -24.98 -18.56
CA VAL B 243 -19.94 -24.41 -20.03
CA VAL B 243 -19.89 -24.67 -20.00
C VAL B 243 -21.41 -24.13 -20.33
C VAL B 243 -21.33 -24.24 -20.37
N ARG B 244 -22.34 -24.95 -19.84
CA ARG B 244 -23.76 -24.66 -20.13
C ARG B 244 -24.21 -23.34 -19.51
N VAL B 245 -23.84 -23.08 -18.26
CA VAL B 245 -24.24 -21.83 -17.59
C VAL B 245 -23.59 -20.65 -18.31
N VAL B 246 -22.29 -20.74 -18.57
CA VAL B 246 -21.54 -19.67 -19.31
C VAL B 246 -22.23 -19.42 -20.65
N ALA B 247 -22.63 -20.47 -21.37
CA ALA B 247 -23.28 -20.26 -22.69
C ALA B 247 -24.53 -19.39 -22.53
N VAL B 248 -25.36 -19.68 -21.51
CA VAL B 248 -26.61 -18.94 -21.27
C VAL B 248 -26.26 -17.49 -20.90
N LEU B 249 -25.32 -17.30 -19.96
CA LEU B 249 -24.94 -15.92 -19.56
C LEU B 249 -24.44 -15.07 -20.72
N VAL B 250 -23.58 -15.63 -21.55
CA VAL B 250 -23.04 -14.91 -22.72
C VAL B 250 -24.17 -14.57 -23.68
N ALA B 251 -25.09 -15.52 -23.94
CA ALA B 251 -26.20 -15.25 -24.88
C ALA B 251 -27.13 -14.16 -24.35
N GLN B 252 -27.39 -14.16 -23.04
CA GLN B 252 -28.40 -13.24 -22.46
C GLN B 252 -27.79 -11.85 -22.28
N THR B 253 -26.52 -11.75 -21.90
CA THR B 253 -25.87 -10.47 -21.48
C THR B 253 -25.13 -9.86 -22.63
N GLY B 254 -24.70 -10.63 -23.64
CA GLY B 254 -23.79 -10.11 -24.66
C GLY B 254 -22.35 -9.94 -24.17
N LEU B 255 -22.03 -10.39 -22.94
CA LEU B 255 -20.65 -10.27 -22.38
C LEU B 255 -19.80 -11.41 -22.90
N SER B 256 -19.26 -11.17 -24.07
N SER B 256 -19.22 -11.28 -24.10
CA SER B 256 -18.40 -12.12 -24.82
CA SER B 256 -18.35 -12.30 -24.74
C SER B 256 -17.13 -12.50 -24.05
C SER B 256 -17.14 -12.65 -23.88
N GLU B 257 -16.73 -11.73 -23.01
CA GLU B 257 -15.51 -11.99 -22.25
C GLU B 257 -15.72 -13.11 -21.19
N LEU B 258 -16.97 -13.47 -20.87
CA LEU B 258 -17.22 -14.53 -19.85
C LEU B 258 -16.84 -15.88 -20.42
N ARG B 259 -16.16 -16.69 -19.63
N ARG B 259 -16.19 -16.72 -19.62
CA ARG B 259 -15.66 -18.00 -20.07
CA ARG B 259 -15.78 -18.06 -20.05
C ARG B 259 -15.58 -18.90 -18.86
C ARG B 259 -15.60 -18.94 -18.83
N THR B 260 -15.57 -20.20 -19.08
N THR B 260 -15.75 -20.24 -18.98
CA THR B 260 -15.31 -21.17 -17.99
CA THR B 260 -15.37 -21.17 -17.89
C THR B 260 -13.82 -21.09 -17.62
C THR B 260 -13.88 -20.97 -17.58
N ALA B 261 -13.49 -21.23 -16.34
CA ALA B 261 -12.09 -21.09 -15.90
C ALA B 261 -11.21 -22.11 -16.62
N ALA B 262 -9.98 -21.70 -16.91
CA ALA B 262 -8.98 -22.59 -17.51
C ALA B 262 -8.70 -23.75 -16.54
N ASN B 263 -8.65 -23.47 -15.24
CA ASN B 263 -8.41 -24.49 -14.21
C ASN B 263 -9.37 -24.26 -13.05
N SER B 264 -10.17 -25.27 -12.73
N SER B 264 -10.17 -25.27 -12.73
CA SER B 264 -11.29 -25.15 -11.76
CA SER B 264 -11.27 -25.16 -11.75
C SER B 264 -10.78 -25.04 -10.32
C SER B 264 -10.73 -24.92 -10.33
N PHE B 265 -9.55 -25.46 -10.01
CA PHE B 265 -8.94 -25.30 -8.68
C PHE B 265 -8.43 -23.86 -8.52
N GLU B 266 -7.71 -23.39 -9.51
CA GLU B 266 -7.18 -21.99 -9.50
C GLU B 266 -8.37 -21.01 -9.37
N ALA B 267 -9.52 -21.29 -9.93
CA ALA B 267 -10.66 -20.37 -9.96
C ALA B 267 -11.36 -20.28 -8.61
N GLN B 268 -11.05 -21.19 -7.68
CA GLN B 268 -11.71 -21.15 -6.34
C GLN B 268 -10.71 -20.93 -5.23
N ALA B 269 -9.49 -21.47 -5.39
CA ALA B 269 -8.37 -21.30 -4.43
C ALA B 269 -7.84 -19.85 -4.47
N ALA B 270 -8.05 -19.17 -5.57
CA ALA B 270 -7.48 -17.83 -5.76
C ALA B 270 -8.50 -16.93 -6.42
N ARG B 271 -8.25 -15.63 -6.31
CA ARG B 271 -9.03 -14.57 -6.97
C ARG B 271 -8.02 -13.69 -7.71
N ASP B 272 -7.01 -14.31 -8.31
CA ASP B 272 -5.87 -13.59 -8.95
C ASP B 272 -6.37 -12.70 -10.08
N GLY B 273 -7.47 -13.06 -10.75
CA GLY B 273 -8.01 -12.20 -11.80
C GLY B 273 -8.49 -10.86 -11.26
N LEU B 274 -9.02 -10.82 -10.04
CA LEU B 274 -9.42 -9.53 -9.42
C LEU B 274 -8.17 -8.73 -9.08
N VAL B 275 -7.13 -9.37 -8.58
CA VAL B 275 -5.87 -8.66 -8.27
C VAL B 275 -5.31 -8.05 -9.57
N GLU B 276 -5.28 -8.86 -10.63
CA GLU B 276 -4.79 -8.40 -11.95
C GLU B 276 -5.59 -7.19 -12.42
N ALA B 277 -6.91 -7.28 -12.39
CA ALA B 277 -7.77 -6.18 -12.86
C ALA B 277 -7.59 -4.93 -12.01
N SER B 278 -7.44 -5.10 -10.71
CA SER B 278 -7.22 -3.94 -9.82
C SER B 278 -5.93 -3.22 -10.23
N GLY B 279 -4.90 -3.95 -10.64
CA GLY B 279 -3.65 -3.32 -11.12
C GLY B 279 -3.91 -2.38 -12.30
N ALA B 280 -4.71 -2.83 -13.26
CA ALA B 280 -5.09 -1.96 -14.40
C ALA B 280 -5.79 -0.71 -13.86
N LEU B 281 -6.71 -0.86 -12.93
CA LEU B 281 -7.46 0.29 -12.40
C LEU B 281 -6.49 1.20 -11.66
N ARG B 282 -5.55 0.64 -10.92
CA ARG B 282 -4.55 1.41 -10.18
C ARG B 282 -3.69 2.21 -11.16
N THR B 283 -3.31 1.61 -12.27
CA THR B 283 -2.52 2.30 -13.28
C THR B 283 -3.34 3.46 -13.86
N ILE B 284 -4.64 3.25 -14.12
CA ILE B 284 -5.52 4.36 -14.60
C ILE B 284 -5.57 5.46 -13.54
N ALA B 285 -5.62 5.12 -12.26
CA ALA B 285 -5.67 6.14 -11.19
C ALA B 285 -4.35 6.96 -11.20
N VAL B 286 -3.23 6.30 -11.43
CA VAL B 286 -1.90 6.96 -11.55
C VAL B 286 -1.92 7.93 -12.74
N SER B 287 -2.45 7.49 -13.87
CA SER B 287 -2.52 8.37 -15.06
C SER B 287 -3.43 9.58 -14.76
N LEU B 288 -4.62 9.32 -14.23
CA LEU B 288 -5.60 10.40 -13.95
C LEU B 288 -5.02 11.37 -12.94
N THR B 289 -4.21 10.91 -11.99
CA THR B 289 -3.57 11.81 -11.02
C THR B 289 -2.67 12.81 -11.76
N LYS B 290 -1.83 12.32 -12.64
CA LYS B 290 -0.94 13.19 -13.46
C LYS B 290 -1.79 14.17 -14.27
N ILE B 291 -2.81 13.70 -14.98
CA ILE B 291 -3.60 14.57 -15.88
C ILE B 291 -4.30 15.63 -15.05
N ALA B 292 -4.98 15.21 -14.00
CA ALA B 292 -5.75 16.14 -13.15
C ALA B 292 -4.83 17.16 -12.47
N ASN B 293 -3.69 16.70 -11.96
N ASN B 293 -3.68 16.71 -12.00
CA ASN B 293 -2.74 17.62 -11.31
CA ASN B 293 -2.78 17.65 -11.28
C ASN B 293 -2.27 18.66 -12.31
C ASN B 293 -2.20 18.66 -12.29
N ASP B 294 -1.83 18.24 -13.51
CA ASP B 294 -1.35 19.22 -14.51
C ASP B 294 -2.46 20.24 -14.84
N ILE B 295 -3.70 19.77 -15.00
CA ILE B 295 -4.83 20.63 -15.37
C ILE B 295 -5.10 21.63 -14.25
N ARG B 296 -5.12 21.23 -12.99
CA ARG B 296 -5.37 22.25 -11.95
C ARG B 296 -4.15 23.18 -11.84
N TRP B 297 -2.92 22.70 -12.04
CA TRP B 297 -1.78 23.66 -12.08
C TRP B 297 -1.93 24.62 -13.27
N MET B 298 -2.34 24.16 -14.43
N MET B 298 -2.31 24.11 -14.43
CA MET B 298 -2.43 25.08 -15.59
CA MET B 298 -2.50 24.94 -15.64
C MET B 298 -3.59 26.08 -15.38
C MET B 298 -3.52 26.05 -15.34
N GLY B 299 -4.58 25.73 -14.59
CA GLY B 299 -5.67 26.64 -14.23
C GLY B 299 -5.39 27.55 -13.06
N SER B 300 -4.26 27.39 -12.41
CA SER B 300 -3.98 28.04 -11.11
C SER B 300 -3.93 29.56 -11.26
N GLY B 301 -4.35 30.24 -10.20
CA GLY B 301 -4.26 31.70 -10.11
C GLY B 301 -5.62 32.27 -9.81
N PRO B 302 -6.15 33.18 -10.64
CA PRO B 302 -5.50 33.50 -11.91
C PRO B 302 -4.47 34.61 -11.91
N LEU B 303 -4.10 35.19 -10.77
CA LEU B 303 -3.07 36.26 -10.72
C LEU B 303 -1.78 35.74 -10.13
N THR B 304 -1.81 34.76 -9.22
CA THR B 304 -0.60 34.32 -8.49
C THR B 304 -0.17 32.90 -8.92
N GLY B 305 -0.78 32.38 -9.97
CA GLY B 305 -0.45 31.03 -10.44
C GLY B 305 0.06 31.04 -11.87
N LEU B 306 -0.12 29.93 -12.57
CA LEU B 306 0.39 29.76 -13.95
C LEU B 306 -0.58 30.32 -14.98
N ALA B 307 -1.89 30.31 -14.73
CA ALA B 307 -2.92 30.92 -15.63
C ALA B 307 -2.70 30.54 -17.09
N GLU B 308 -2.46 29.29 -17.38
CA GLU B 308 -2.34 28.78 -18.77
C GLU B 308 -3.71 28.53 -19.40
N ILE B 309 -4.69 28.05 -18.62
CA ILE B 309 -6.03 27.69 -19.11
C ILE B 309 -7.02 28.17 -18.08
N GLN B 310 -8.27 28.19 -18.50
CA GLN B 310 -9.39 28.44 -17.60
C GLN B 310 -10.29 27.21 -17.57
N LEU B 311 -10.60 26.76 -16.36
CA LEU B 311 -11.58 25.68 -16.15
C LEU B 311 -12.97 26.28 -16.09
N PRO B 312 -13.98 25.54 -16.61
CA PRO B 312 -15.37 25.93 -16.41
C PRO B 312 -15.72 26.00 -14.92
N ASP B 313 -16.45 27.06 -14.55
CA ASP B 313 -16.87 27.31 -13.15
C ASP B 313 -18.01 26.32 -12.84
N LEU B 314 -17.96 25.64 -11.70
CA LEU B 314 -19.02 24.62 -11.44
C LEU B 314 -19.84 24.96 -10.22
N GLN B 315 -19.25 25.66 -9.29
CA GLN B 315 -20.02 26.06 -8.09
C GLN B 315 -19.17 27.09 -7.40
N PRO B 316 -19.66 28.11 -6.44
CA PRO B 316 -18.90 29.03 -5.61
C PRO B 316 -17.81 28.36 -4.78
N GLY B 317 -16.65 29.01 -4.65
CA GLY B 317 -15.50 28.41 -3.93
C GLY B 317 -15.43 28.78 -2.46
N SER B 318 -15.92 29.99 -2.10
CA SER B 318 -15.57 30.68 -0.83
C SER B 318 -16.54 31.82 -0.51
N SER B 319 -16.94 31.89 0.77
CA SER B 319 -17.72 33.00 1.39
C SER B 319 -16.81 34.19 1.69
N ILE B 320 -15.62 33.89 2.19
CA ILE B 320 -14.60 34.91 2.59
C ILE B 320 -14.08 35.59 1.31
N MET B 321 -13.96 34.86 0.22
CA MET B 321 -13.37 35.37 -1.05
C MET B 321 -14.38 35.12 -2.14
N PRO B 322 -15.44 35.98 -2.23
CA PRO B 322 -16.60 35.70 -3.07
C PRO B 322 -16.34 35.41 -4.56
N GLY B 323 -15.33 35.98 -5.19
CA GLY B 323 -15.12 35.70 -6.64
C GLY B 323 -14.43 34.36 -6.90
N LYS B 324 -13.87 33.74 -5.87
CA LYS B 324 -12.89 32.62 -6.02
C LYS B 324 -13.63 31.34 -6.46
N VAL B 325 -13.16 30.73 -7.54
CA VAL B 325 -13.72 29.44 -8.05
C VAL B 325 -12.56 28.44 -8.07
N ASN B 326 -12.82 27.23 -7.60
CA ASN B 326 -11.75 26.23 -7.43
C ASN B 326 -11.86 25.09 -8.44
N PRO B 327 -10.76 24.36 -8.73
CA PRO B 327 -10.73 23.21 -9.65
C PRO B 327 -11.32 21.95 -8.96
N VAL B 328 -12.62 21.99 -8.75
CA VAL B 328 -13.34 20.93 -8.00
C VAL B 328 -13.31 19.61 -8.76
N LEU B 329 -13.38 19.62 -10.07
N LEU B 329 -13.39 19.61 -10.08
CA LEU B 329 -13.37 18.30 -10.76
CA LEU B 329 -13.38 18.29 -10.78
C LEU B 329 -11.99 17.66 -10.65
C LEU B 329 -12.00 17.65 -10.66
N PRO B 330 -10.87 18.36 -10.91
CA PRO B 330 -9.58 17.75 -10.65
C PRO B 330 -9.45 17.25 -9.19
N GLU B 331 -10.00 17.96 -8.22
CA GLU B 331 -9.97 17.48 -6.80
C GLU B 331 -10.77 16.19 -6.67
N ALA B 332 -11.94 16.10 -7.31
CA ALA B 332 -12.71 14.85 -7.23
C ALA B 332 -11.90 13.71 -7.88
N VAL B 333 -11.26 13.99 -9.01
CA VAL B 333 -10.49 12.94 -9.73
C VAL B 333 -9.31 12.45 -8.87
N THR B 334 -8.59 13.38 -8.25
CA THR B 334 -7.40 12.97 -7.47
C THR B 334 -7.82 12.22 -6.21
N GLN B 335 -8.92 12.62 -5.59
CA GLN B 335 -9.45 11.89 -4.43
C GLN B 335 -9.92 10.48 -4.84
N VAL B 336 -10.64 10.36 -5.94
CA VAL B 336 -11.00 9.03 -6.48
C VAL B 336 -9.75 8.19 -6.68
N ALA B 337 -8.73 8.76 -7.31
CA ALA B 337 -7.50 7.99 -7.59
C ALA B 337 -6.92 7.46 -6.27
N ALA B 338 -6.88 8.30 -5.24
CA ALA B 338 -6.38 7.89 -3.92
C ALA B 338 -7.20 6.68 -3.44
N GLN B 339 -8.53 6.73 -3.61
CA GLN B 339 -9.40 5.64 -3.11
C GLN B 339 -9.09 4.36 -3.90
N VAL B 340 -8.88 4.48 -5.20
CA VAL B 340 -8.57 3.30 -6.03
C VAL B 340 -7.26 2.67 -5.55
N ILE B 341 -6.27 3.47 -5.23
N ILE B 341 -6.24 3.47 -5.25
CA ILE B 341 -4.95 2.96 -4.80
CA ILE B 341 -4.93 3.00 -4.73
C ILE B 341 -5.11 2.25 -3.45
C ILE B 341 -5.19 2.20 -3.45
N GLY B 342 -5.95 2.77 -2.54
CA GLY B 342 -6.21 2.10 -1.25
C GLY B 342 -6.95 0.80 -1.47
N ASN B 343 -8.00 0.86 -2.28
CA ASN B 343 -8.81 -0.34 -2.60
C ASN B 343 -7.88 -1.42 -3.19
N ASP B 344 -6.98 -1.02 -4.07
CA ASP B 344 -6.04 -1.92 -4.74
C ASP B 344 -5.20 -2.67 -3.68
N ALA B 345 -4.74 -1.98 -2.63
CA ALA B 345 -3.94 -2.62 -1.59
C ALA B 345 -4.81 -3.63 -0.82
N ALA B 346 -6.07 -3.31 -0.55
CA ALA B 346 -7.00 -4.25 0.14
C ALA B 346 -7.20 -5.50 -0.72
N ILE B 347 -7.37 -5.32 -2.04
CA ILE B 347 -7.65 -6.46 -2.94
C ILE B 347 -6.44 -7.40 -2.94
N ALA B 348 -5.24 -6.86 -3.03
CA ALA B 348 -4.02 -7.70 -3.17
C ALA B 348 -3.84 -8.45 -1.84
N TRP B 349 -4.12 -7.80 -0.69
CA TRP B 349 -4.01 -8.41 0.64
C TRP B 349 -4.95 -9.63 0.72
N GLY B 350 -6.20 -9.43 0.31
CA GLY B 350 -7.14 -10.55 0.30
C GLY B 350 -6.74 -11.63 -0.69
N GLY B 351 -6.21 -11.25 -1.83
CA GLY B 351 -5.83 -12.18 -2.89
C GLY B 351 -4.76 -13.14 -2.42
N ALA B 352 -3.80 -12.66 -1.65
CA ALA B 352 -2.60 -13.45 -1.31
C ALA B 352 -2.94 -14.52 -0.27
N ASN B 353 -4.05 -14.36 0.44
CA ASN B 353 -4.26 -15.06 1.74
C ASN B 353 -5.31 -16.17 1.62
N GLY B 354 -5.51 -16.71 0.43
CA GLY B 354 -6.28 -17.97 0.27
C GLY B 354 -5.60 -19.12 0.97
N ALA B 355 -6.31 -20.21 1.18
CA ALA B 355 -5.73 -21.42 1.77
C ALA B 355 -6.34 -22.63 1.06
N PHE B 356 -5.51 -23.53 0.58
CA PHE B 356 -6.00 -24.81 0.03
C PHE B 356 -7.08 -24.51 -1.01
N GLU B 357 -8.28 -25.09 -0.87
CA GLU B 357 -9.25 -25.11 -1.96
C GLU B 357 -10.06 -23.82 -2.04
N LEU B 358 -9.88 -22.83 -1.16
CA LEU B 358 -10.77 -21.66 -1.22
C LEU B 358 -10.08 -20.39 -0.71
N ASN B 359 -10.18 -19.33 -1.48
CA ASN B 359 -9.88 -17.97 -0.98
C ASN B 359 -11.11 -17.43 -0.28
N VAL B 360 -11.00 -17.08 0.99
CA VAL B 360 -12.13 -16.61 1.82
C VAL B 360 -11.97 -15.11 2.10
N TYR B 361 -11.68 -14.34 1.07
CA TYR B 361 -11.69 -12.86 1.16
C TYR B 361 -12.59 -12.29 0.06
N ILE B 362 -13.51 -13.11 -0.44
CA ILE B 362 -14.24 -12.72 -1.69
C ILE B 362 -15.11 -11.50 -1.43
N PRO B 363 -15.96 -11.43 -0.38
CA PRO B 363 -16.85 -10.26 -0.24
C PRO B 363 -16.06 -8.95 -0.15
N MET B 364 -14.93 -8.97 0.57
CA MET B 364 -14.14 -7.74 0.73
C MET B 364 -13.44 -7.39 -0.60
N MET B 365 -12.94 -8.39 -1.31
CA MET B 365 -12.28 -8.11 -2.61
C MET B 365 -13.32 -7.59 -3.60
N ALA B 366 -14.52 -8.16 -3.60
CA ALA B 366 -15.60 -7.75 -4.51
C ALA B 366 -16.01 -6.31 -4.22
N ARG B 367 -16.19 -5.97 -2.97
CA ARG B 367 -16.56 -4.59 -2.61
C ARG B 367 -15.56 -3.61 -3.24
N ASN B 368 -14.28 -3.87 -3.05
CA ASN B 368 -13.19 -2.96 -3.40
C ASN B 368 -13.06 -2.86 -4.91
N ILE B 369 -13.05 -4.01 -5.62
N ILE B 369 -13.06 -3.97 -5.63
CA ILE B 369 -12.87 -3.97 -7.11
CA ILE B 369 -12.85 -3.80 -7.09
C ILE B 369 -14.10 -3.31 -7.76
C ILE B 369 -14.11 -3.21 -7.73
N LEU B 370 -15.32 -3.59 -7.30
CA LEU B 370 -16.51 -3.00 -7.94
C LEU B 370 -16.57 -1.51 -7.61
N GLU B 371 -16.16 -1.09 -6.42
CA GLU B 371 -16.18 0.34 -6.08
C GLU B 371 -15.15 1.05 -6.98
N SER B 372 -13.95 0.51 -7.16
CA SER B 372 -12.94 1.15 -8.05
C SER B 372 -13.52 1.29 -9.44
N PHE B 373 -14.15 0.25 -9.97
CA PHE B 373 -14.76 0.40 -11.30
C PHE B 373 -15.75 1.55 -11.32
N LYS B 374 -16.65 1.62 -10.35
CA LYS B 374 -17.74 2.61 -10.32
C LYS B 374 -17.16 4.03 -10.21
N LEU B 375 -16.21 4.25 -9.32
CA LEU B 375 -15.68 5.60 -9.06
C LEU B 375 -14.97 6.08 -10.32
N LEU B 376 -14.15 5.20 -10.91
CA LEU B 376 -13.40 5.60 -12.15
C LEU B 376 -14.37 5.88 -13.30
N THR B 377 -15.40 5.07 -13.47
CA THR B 377 -16.40 5.29 -14.53
C THR B 377 -17.05 6.64 -14.33
N ASN B 378 -17.58 6.87 -13.14
CA ASN B 378 -18.38 8.10 -12.90
C ASN B 378 -17.51 9.35 -12.98
N VAL B 379 -16.35 9.31 -12.35
CA VAL B 379 -15.49 10.52 -12.35
C VAL B 379 -14.95 10.81 -13.76
N SER B 380 -14.63 9.77 -14.53
N SER B 380 -14.61 9.77 -14.52
CA SER B 380 -14.08 9.94 -15.91
CA SER B 380 -14.07 9.98 -15.89
C SER B 380 -15.10 10.66 -16.80
C SER B 380 -15.10 10.67 -16.79
N ARG B 381 -16.32 10.33 -16.70
CA ARG B 381 -17.41 10.98 -17.47
C ARG B 381 -17.59 12.43 -17.01
N LEU B 382 -17.65 12.66 -15.71
CA LEU B 382 -17.80 14.02 -15.16
C LEU B 382 -16.60 14.86 -15.56
N PHE B 383 -15.40 14.27 -15.48
CA PHE B 383 -14.18 15.04 -15.83
C PHE B 383 -14.26 15.43 -17.31
N ALA B 384 -14.65 14.50 -18.16
CA ALA B 384 -14.71 14.83 -19.59
C ALA B 384 -15.76 15.90 -19.87
N GLN B 385 -16.96 15.72 -19.32
CA GLN B 385 -18.10 16.62 -19.64
C GLN B 385 -18.06 17.97 -18.93
N ARG B 386 -17.70 17.98 -17.66
CA ARG B 386 -17.83 19.20 -16.83
C ARG B 386 -16.50 19.93 -16.67
N CYS B 387 -15.41 19.39 -17.22
CA CYS B 387 -14.11 20.07 -17.08
C CYS B 387 -13.40 20.15 -18.44
N ILE B 388 -13.00 19.02 -18.99
CA ILE B 388 -12.17 19.00 -20.23
C ILE B 388 -12.89 19.69 -21.41
N ALA B 389 -14.15 19.37 -21.62
CA ALA B 389 -14.82 19.85 -22.85
C ALA B 389 -14.83 21.38 -22.87
N GLY B 390 -14.94 22.04 -21.72
CA GLY B 390 -15.11 23.51 -21.68
C GLY B 390 -13.83 24.25 -21.38
N LEU B 391 -12.66 23.58 -21.32
CA LEU B 391 -11.41 24.32 -21.01
C LEU B 391 -11.21 25.36 -22.12
N THR B 392 -10.64 26.49 -21.74
CA THR B 392 -10.15 27.49 -22.74
C THR B 392 -8.70 27.81 -22.43
N ALA B 393 -7.93 28.10 -23.46
CA ALA B 393 -6.49 28.38 -23.34
C ALA B 393 -6.24 29.89 -23.36
N ASN B 394 -5.23 30.32 -22.64
CA ASN B 394 -4.80 31.73 -22.62
C ASN B 394 -3.67 31.84 -23.64
N VAL B 395 -4.07 31.82 -24.92
CA VAL B 395 -3.15 31.63 -26.07
C VAL B 395 -2.08 32.72 -26.06
N GLU B 396 -2.44 33.98 -25.84
CA GLU B 396 -1.46 35.09 -25.98
C GLU B 396 -0.46 35.09 -24.82
N HIS B 397 -0.94 34.79 -23.61
CA HIS B 397 -0.04 34.63 -22.45
C HIS B 397 1.00 33.55 -22.74
N LEU B 398 0.53 32.41 -23.22
CA LEU B 398 1.44 31.27 -23.44
C LEU B 398 2.50 31.64 -24.47
N ARG B 399 2.07 32.27 -25.56
CA ARG B 399 3.01 32.63 -26.66
C ARG B 399 4.00 33.67 -26.16
N ARG B 400 3.53 34.63 -25.38
CA ARG B 400 4.43 35.70 -24.89
C ARG B 400 5.58 35.04 -24.10
N LEU B 401 5.27 34.12 -23.21
CA LEU B 401 6.31 33.48 -22.40
C LEU B 401 7.27 32.71 -23.30
N ALA B 402 6.75 31.98 -24.30
CA ALA B 402 7.61 31.19 -25.18
C ALA B 402 8.58 32.12 -25.94
N GLU B 403 8.06 33.24 -26.41
CA GLU B 403 8.88 34.17 -27.23
C GLU B 403 9.89 34.93 -26.37
N SER B 404 9.79 34.88 -25.04
CA SER B 404 10.66 35.58 -24.06
C SER B 404 11.60 34.60 -23.38
N SER B 405 11.61 33.35 -23.82
CA SER B 405 12.32 32.30 -23.07
C SER B 405 13.79 32.25 -23.47
N PRO B 406 14.73 32.25 -22.48
CA PRO B 406 16.13 31.91 -22.74
C PRO B 406 16.32 30.58 -23.47
N SER B 407 15.40 29.64 -23.31
CA SER B 407 15.53 28.30 -23.92
C SER B 407 15.54 28.39 -25.44
N ILE B 408 15.04 29.49 -26.05
CA ILE B 408 14.85 29.50 -27.54
C ILE B 408 16.03 30.13 -28.27
N VAL B 409 17.13 30.43 -27.57
CA VAL B 409 18.29 31.10 -28.23
C VAL B 409 19.14 30.10 -29.01
N THR B 410 19.02 28.79 -28.73
CA THR B 410 19.90 27.76 -29.34
C THR B 410 19.90 27.93 -30.86
N PRO B 411 18.76 28.05 -31.55
CA PRO B 411 18.75 28.20 -33.01
C PRO B 411 19.51 29.39 -33.60
N LEU B 412 19.98 30.28 -32.73
CA LEU B 412 20.78 31.47 -33.14
C LEU B 412 22.26 31.07 -33.17
N ASN B 413 22.63 29.99 -32.49
CA ASN B 413 24.08 29.61 -32.34
C ASN B 413 24.81 29.69 -33.69
N SER B 414 24.27 29.03 -34.71
CA SER B 414 24.93 28.87 -36.03
C SER B 414 25.08 30.22 -36.73
N ALA B 415 24.44 31.31 -36.25
CA ALA B 415 24.54 32.64 -36.90
C ALA B 415 25.44 33.58 -36.09
N ILE B 416 25.29 33.63 -34.76
CA ILE B 416 25.99 34.64 -33.88
C ILE B 416 26.92 33.94 -32.87
N GLY B 417 26.92 32.61 -32.79
CA GLY B 417 27.71 31.88 -31.80
C GLY B 417 27.02 31.78 -30.44
N TYR B 418 27.29 30.67 -29.76
CA TYR B 418 26.64 30.26 -28.49
C TYR B 418 26.93 31.31 -27.41
N GLU B 419 28.10 31.95 -27.43
CA GLU B 419 28.42 32.97 -26.38
C GLU B 419 27.52 34.20 -26.55
N GLU B 420 27.34 34.70 -27.77
CA GLU B 420 26.47 35.86 -27.99
C GLU B 420 25.00 35.46 -27.74
N ALA B 421 24.65 34.22 -28.04
CA ALA B 421 23.26 33.75 -27.80
C ALA B 421 22.97 33.73 -26.28
N ALA B 422 23.93 33.30 -25.45
CA ALA B 422 23.83 33.34 -23.97
C ALA B 422 23.69 34.79 -23.49
N ALA B 423 24.40 35.74 -24.10
CA ALA B 423 24.28 37.17 -23.73
C ALA B 423 22.88 37.69 -24.08
N VAL B 424 22.33 37.26 -25.21
CA VAL B 424 20.94 37.61 -25.63
C VAL B 424 19.99 37.07 -24.55
N ALA B 425 20.15 35.81 -24.13
CA ALA B 425 19.27 35.18 -23.11
C ALA B 425 19.34 35.98 -21.80
N LYS B 426 20.56 36.23 -21.32
CA LYS B 426 20.85 37.02 -20.08
C LYS B 426 20.11 38.34 -20.13
N GLN B 427 20.32 39.12 -21.18
CA GLN B 427 19.75 40.48 -21.33
C GLN B 427 18.22 40.37 -21.41
N ALA B 428 17.68 39.42 -22.17
CA ALA B 428 16.21 39.35 -22.38
C ALA B 428 15.57 39.12 -21.01
N LEU B 429 16.12 38.17 -20.23
CA LEU B 429 15.57 37.74 -18.93
C LEU B 429 15.68 38.91 -17.95
N LYS B 430 16.78 39.68 -17.98
CA LYS B 430 16.95 40.90 -17.15
C LYS B 430 15.92 41.96 -17.52
N GLU B 431 15.81 42.31 -18.80
CA GLU B 431 15.04 43.49 -19.29
C GLU B 431 13.59 43.12 -19.66
N ARG B 432 13.13 41.93 -19.27
CA ARG B 432 11.74 41.45 -19.53
C ARG B 432 11.37 41.67 -21.01
N LYS B 433 12.25 41.35 -21.95
CA LYS B 433 11.99 41.53 -23.40
C LYS B 433 11.89 40.17 -24.11
N THR B 434 11.31 40.17 -25.30
CA THR B 434 11.35 39.00 -26.20
C THR B 434 12.80 38.77 -26.60
N ILE B 435 13.12 37.55 -26.99
CA ILE B 435 14.46 37.21 -27.55
C ILE B 435 14.65 37.98 -28.84
N ARG B 436 13.61 38.00 -29.66
CA ARG B 436 13.60 38.69 -30.98
C ARG B 436 14.04 40.15 -30.78
N GLN B 437 13.36 40.85 -29.88
CA GLN B 437 13.66 42.29 -29.61
C GLN B 437 15.09 42.40 -29.06
N THR B 438 15.48 41.52 -28.15
CA THR B 438 16.83 41.60 -27.53
C THR B 438 17.91 41.45 -28.61
N VAL B 439 17.73 40.55 -29.58
CA VAL B 439 18.69 40.36 -30.71
C VAL B 439 18.83 41.70 -31.47
N ILE B 440 17.71 42.38 -31.69
CA ILE B 440 17.67 43.72 -32.36
C ILE B 440 18.41 44.74 -31.48
N ASP B 441 18.05 44.81 -30.19
CA ASP B 441 18.56 45.85 -29.26
C ASP B 441 20.09 45.77 -29.11
N ARG B 442 20.71 44.68 -29.58
CA ARG B 442 22.19 44.47 -29.49
C ARG B 442 22.85 44.59 -30.88
N GLY B 443 22.12 45.03 -31.91
CA GLY B 443 22.62 45.34 -33.26
C GLY B 443 23.16 44.13 -34.02
N LEU B 444 22.64 42.92 -33.82
CA LEU B 444 23.18 41.70 -34.48
C LEU B 444 22.53 41.49 -35.86
N ILE B 445 21.50 42.25 -36.21
CA ILE B 445 20.88 42.20 -37.57
C ILE B 445 21.90 42.85 -38.51
N GLY B 446 22.23 42.17 -39.59
CA GLY B 446 23.15 42.65 -40.63
C GLY B 446 23.61 41.52 -41.50
N ASP B 447 24.92 41.37 -41.61
CA ASP B 447 25.61 40.52 -42.62
C ASP B 447 25.13 39.07 -42.54
N ARG B 448 25.23 38.43 -41.36
CA ARG B 448 25.00 36.97 -41.18
C ARG B 448 23.55 36.68 -40.81
N LEU B 449 22.72 37.71 -40.59
CA LEU B 449 21.40 37.57 -39.94
C LEU B 449 20.45 38.67 -40.38
N SER B 450 19.62 38.41 -41.39
CA SER B 450 18.51 39.32 -41.81
C SER B 450 17.35 39.20 -40.80
N ILE B 451 16.41 40.13 -40.87
CA ILE B 451 15.25 40.21 -39.94
C ILE B 451 14.31 39.03 -40.19
N GLU B 452 14.20 38.52 -41.43
CA GLU B 452 13.28 37.38 -41.71
C GLU B 452 13.97 36.09 -41.26
N ASP B 453 15.31 36.08 -41.29
CA ASP B 453 16.19 34.94 -40.89
C ASP B 453 16.07 34.70 -39.37
N LEU B 454 16.08 35.79 -38.61
CA LEU B 454 15.86 35.82 -37.15
C LEU B 454 14.47 35.25 -36.85
N ASP B 455 13.45 35.72 -37.59
CA ASP B 455 12.03 35.29 -37.42
C ASP B 455 11.90 33.81 -37.77
N ARG B 456 12.68 33.30 -38.74
CA ARG B 456 12.71 31.85 -39.07
C ARG B 456 13.39 31.07 -37.92
N ARG B 457 14.52 31.56 -37.38
CA ARG B 457 15.25 30.85 -36.30
C ARG B 457 14.45 30.84 -34.99
N LEU B 458 13.76 31.93 -34.70
CA LEU B 458 13.01 32.08 -33.42
C LEU B 458 11.52 31.77 -33.60
N ASP B 459 11.15 31.00 -34.61
CA ASP B 459 9.74 30.57 -34.79
C ASP B 459 9.45 29.51 -33.71
N VAL B 460 8.74 29.90 -32.67
CA VAL B 460 8.56 29.03 -31.49
C VAL B 460 7.66 27.85 -31.83
N LEU B 461 6.65 28.04 -32.68
CA LEU B 461 5.81 26.89 -33.09
C LEU B 461 6.64 25.87 -33.84
N ALA B 462 7.52 26.27 -34.76
CA ALA B 462 8.38 25.33 -35.47
C ALA B 462 9.31 24.60 -34.50
N MET B 463 9.80 25.28 -33.45
N MET B 463 9.75 25.29 -33.44
CA MET B 463 10.67 24.64 -32.42
CA MET B 463 10.63 24.73 -32.39
C MET B 463 9.89 23.54 -31.68
C MET B 463 9.92 23.63 -31.59
N ALA B 464 8.59 23.70 -31.48
CA ALA B 464 7.76 22.65 -30.87
C ALA B 464 7.66 21.43 -31.77
N LYS B 465 7.93 21.57 -33.08
CA LYS B 465 7.99 20.45 -34.06
C LYS B 465 6.63 19.73 -34.11
N ALA B 466 5.54 20.50 -34.24
CA ALA B 466 4.16 19.94 -34.24
C ALA B 466 3.96 19.19 -35.56
N GLU B 467 3.31 18.01 -35.58
CA GLU B 467 3.12 17.17 -36.80
C GLU B 467 2.38 17.98 -37.88
N TYR C 10 -40.20 21.32 -7.43
CA TYR C 10 -38.94 22.13 -7.39
C TYR C 10 -39.24 23.57 -6.94
N ARG C 11 -38.27 24.26 -6.32
CA ARG C 11 -38.31 25.73 -6.06
C ARG C 11 -37.00 26.36 -6.53
N ILE C 12 -36.95 27.68 -6.68
CA ILE C 12 -35.76 28.44 -7.13
C ILE C 12 -34.98 28.93 -5.89
N GLU C 13 -33.70 28.60 -5.80
CA GLU C 13 -32.77 29.17 -4.79
C GLU C 13 -31.68 29.92 -5.58
N HIS C 14 -30.82 30.68 -4.91
CA HIS C 14 -29.79 31.55 -5.57
C HIS C 14 -28.49 31.49 -4.77
N ASP C 15 -27.35 31.56 -5.47
CA ASP C 15 -26.01 31.82 -4.88
C ASP C 15 -25.29 32.83 -5.78
N THR C 16 -24.03 33.13 -5.48
CA THR C 16 -23.20 34.09 -6.26
C THR C 16 -23.17 33.73 -7.76
N MET C 17 -23.30 32.46 -8.13
N MET C 17 -23.32 32.46 -8.14
CA MET C 17 -23.31 32.04 -9.57
CA MET C 17 -23.30 32.04 -9.58
C MET C 17 -24.71 32.12 -10.18
C MET C 17 -24.71 32.11 -10.18
N GLY C 18 -25.73 32.48 -9.38
CA GLY C 18 -27.11 32.69 -9.89
C GLY C 18 -28.11 31.69 -9.35
N GLU C 19 -29.07 31.32 -10.19
CA GLU C 19 -30.34 30.60 -9.84
C GLU C 19 -30.17 29.09 -10.04
N VAL C 20 -30.79 28.30 -9.17
CA VAL C 20 -30.65 26.81 -9.13
C VAL C 20 -32.02 26.24 -8.76
N ARG C 21 -32.44 25.17 -9.42
CA ARG C 21 -33.69 24.42 -9.11
C ARG C 21 -33.39 23.41 -8.02
N VAL C 22 -34.15 23.44 -6.92
CA VAL C 22 -33.93 22.57 -5.72
C VAL C 22 -35.21 21.82 -5.44
N PRO C 23 -35.17 20.52 -5.10
CA PRO C 23 -36.39 19.80 -4.70
C PRO C 23 -37.23 20.62 -3.70
N ALA C 24 -38.52 20.77 -4.02
CA ALA C 24 -39.50 21.63 -3.33
C ALA C 24 -39.34 21.51 -1.80
N LYS C 25 -39.25 20.29 -1.27
CA LYS C 25 -39.30 20.03 0.19
C LYS C 25 -37.90 19.88 0.82
N ALA C 26 -36.83 19.77 0.04
CA ALA C 26 -35.47 19.63 0.62
C ALA C 26 -35.10 20.86 1.47
N LEU C 27 -34.36 20.64 2.59
CA LEU C 27 -33.94 21.72 3.51
C LEU C 27 -32.60 22.31 3.09
N TRP C 28 -31.91 21.70 2.13
CA TRP C 28 -30.66 22.28 1.59
C TRP C 28 -31.07 23.33 0.57
N ARG C 29 -30.13 24.07 0.03
CA ARG C 29 -30.41 25.20 -0.92
C ARG C 29 -29.45 25.15 -2.11
N ALA C 30 -29.12 26.30 -2.69
CA ALA C 30 -28.48 26.38 -4.01
C ALA C 30 -27.13 25.65 -4.00
N GLN C 31 -26.25 25.89 -3.03
CA GLN C 31 -24.85 25.38 -3.16
C GLN C 31 -24.90 23.86 -2.98
N THR C 32 -25.74 23.37 -2.10
CA THR C 32 -25.84 21.91 -1.87
C THR C 32 -26.29 21.28 -3.19
N GLN C 33 -27.33 21.87 -3.81
CA GLN C 33 -27.89 21.29 -5.04
C GLN C 33 -26.84 21.34 -6.16
N ARG C 34 -26.03 22.40 -6.29
CA ARG C 34 -24.95 22.39 -7.32
C ARG C 34 -24.04 21.18 -7.05
N ALA C 35 -23.73 20.91 -5.79
CA ALA C 35 -22.79 19.82 -5.41
C ALA C 35 -23.43 18.46 -5.71
N VAL C 36 -24.75 18.34 -5.54
CA VAL C 36 -25.49 17.09 -5.91
C VAL C 36 -25.28 16.81 -7.38
N GLU C 37 -25.31 17.86 -8.21
CA GLU C 37 -25.17 17.68 -9.67
C GLU C 37 -23.71 17.53 -10.12
N ASN C 38 -22.81 18.20 -9.43
CA ASN C 38 -21.36 18.18 -9.75
C ASN C 38 -20.67 16.85 -9.41
N PHE C 39 -21.11 16.18 -8.35
CA PHE C 39 -20.34 15.00 -7.86
C PHE C 39 -21.10 13.67 -7.76
N PRO C 40 -21.92 13.22 -8.73
CA PRO C 40 -22.53 11.90 -8.63
C PRO C 40 -21.47 10.83 -8.95
N ILE C 41 -20.69 10.48 -7.94
CA ILE C 41 -19.51 9.63 -8.12
C ILE C 41 -19.69 8.30 -7.39
N SER C 42 -19.82 8.29 -6.07
CA SER C 42 -19.82 7.07 -5.22
C SER C 42 -21.27 6.72 -4.85
N GLY C 43 -22.16 7.71 -4.82
CA GLY C 43 -23.54 7.55 -4.36
C GLY C 43 -23.60 7.45 -2.84
N ARG C 44 -22.51 7.72 -2.13
CA ARG C 44 -22.48 7.70 -0.64
C ARG C 44 -22.07 9.09 -0.16
N GLY C 45 -22.79 9.59 0.86
CA GLY C 45 -22.48 10.87 1.50
C GLY C 45 -21.86 10.69 2.85
N LEU C 46 -21.91 11.73 3.64
CA LEU C 46 -21.30 11.73 4.98
C LEU C 46 -22.01 10.69 5.85
N GLU C 47 -21.23 10.13 6.75
CA GLU C 47 -21.76 9.18 7.76
C GLU C 47 -22.40 9.94 8.93
N ARG C 48 -23.20 9.21 9.72
CA ARG C 48 -23.85 9.73 10.94
C ARG C 48 -22.81 10.49 11.79
N THR C 49 -21.65 9.89 12.05
N THR C 49 -21.63 9.92 12.06
CA THR C 49 -20.61 10.48 12.92
CA THR C 49 -20.63 10.55 12.98
C THR C 49 -20.17 11.85 12.37
C THR C 49 -20.07 11.85 12.38
N GLN C 50 -20.02 11.96 11.06
CA GLN C 50 -19.56 13.22 10.42
C GLN C 50 -20.62 14.31 10.52
N ILE C 51 -21.90 13.94 10.33
CA ILE C 51 -23.04 14.89 10.40
C ILE C 51 -23.13 15.37 11.85
N ARG C 52 -22.98 14.45 12.79
CA ARG C 52 -23.01 14.78 14.24
C ARG C 52 -21.91 15.77 14.55
N ALA C 53 -20.70 15.56 14.05
CA ALA C 53 -19.59 16.49 14.38
C ALA C 53 -19.86 17.87 13.78
N LEU C 54 -20.38 17.92 12.56
CA LEU C 54 -20.66 19.24 11.91
C LEU C 54 -21.73 20.01 12.72
N GLY C 55 -22.75 19.33 13.19
CA GLY C 55 -23.82 19.89 14.03
C GLY C 55 -23.26 20.39 15.34
N LEU C 56 -22.46 19.58 16.02
CA LEU C 56 -21.73 20.01 17.25
C LEU C 56 -20.93 21.27 16.96
N LEU C 57 -20.14 21.28 15.89
CA LEU C 57 -19.28 22.44 15.63
C LEU C 57 -20.09 23.71 15.35
N LYS C 58 -21.13 23.61 14.55
CA LYS C 58 -21.96 24.80 14.18
C LYS C 58 -22.62 25.40 15.43
N GLY C 59 -23.10 24.54 16.33
CA GLY C 59 -23.66 25.02 17.62
C GLY C 59 -22.63 25.70 18.46
N ALA C 60 -21.43 25.14 18.57
CA ALA C 60 -20.35 25.72 19.37
C ALA C 60 -19.92 27.08 18.79
N CYS C 61 -19.80 27.21 17.46
CA CYS C 61 -19.38 28.48 16.81
C CYS C 61 -20.42 29.56 17.13
N ALA C 62 -21.69 29.21 17.03
CA ALA C 62 -22.82 30.14 17.31
C ALA C 62 -22.78 30.59 18.77
N GLN C 63 -22.50 29.70 19.73
CA GLN C 63 -22.37 30.03 21.17
C GLN C 63 -21.24 31.04 21.36
N VAL C 64 -20.07 30.81 20.77
CA VAL C 64 -18.91 31.71 20.91
C VAL C 64 -19.21 33.05 20.22
N ASN C 65 -19.85 33.05 19.06
CA ASN C 65 -20.19 34.30 18.36
C ASN C 65 -21.18 35.11 19.21
N SER C 66 -22.09 34.43 19.87
CA SER C 66 -23.07 35.06 20.81
C SER C 66 -22.32 35.60 22.02
N ASP C 67 -21.47 34.80 22.65
CA ASP C 67 -20.68 35.18 23.86
C ASP C 67 -19.84 36.43 23.55
N LEU C 68 -19.35 36.60 22.31
CA LEU C 68 -18.47 37.76 21.94
C LEU C 68 -19.29 38.95 21.42
N GLY C 69 -20.62 38.84 21.41
CA GLY C 69 -21.50 39.93 20.99
C GLY C 69 -21.38 40.21 19.51
N LEU C 70 -21.06 39.18 18.69
CA LEU C 70 -20.94 39.36 17.24
C LEU C 70 -22.21 38.91 16.54
N LEU C 71 -23.01 38.08 17.21
CA LEU C 71 -24.20 37.43 16.63
C LEU C 71 -25.33 37.65 17.63
N ALA C 72 -26.46 38.14 17.15
CA ALA C 72 -27.65 38.42 17.95
C ALA C 72 -28.05 37.15 18.70
N PRO C 73 -28.35 37.25 20.01
CA PRO C 73 -28.79 36.10 20.80
C PRO C 73 -29.91 35.25 20.18
N GLU C 74 -30.88 35.92 19.59
CA GLU C 74 -32.04 35.26 18.93
C GLU C 74 -31.48 34.36 17.81
N LYS C 75 -30.54 34.87 17.02
CA LYS C 75 -29.96 34.11 15.86
C LYS C 75 -29.11 32.96 16.41
N ALA C 76 -28.30 33.21 17.44
CA ALA C 76 -27.45 32.18 18.08
C ALA C 76 -28.34 31.06 18.64
N ASP C 77 -29.42 31.41 19.35
CA ASP C 77 -30.39 30.40 19.86
C ASP C 77 -30.94 29.53 18.73
N ALA C 78 -31.38 30.12 17.62
CA ALA C 78 -32.00 29.38 16.50
C ALA C 78 -30.96 28.43 15.87
N ILE C 79 -29.73 28.91 15.65
CA ILE C 79 -28.61 28.06 15.12
C ILE C 79 -28.35 26.92 16.11
N ILE C 80 -28.16 27.23 17.39
CA ILE C 80 -27.86 26.21 18.43
C ILE C 80 -28.99 25.17 18.43
N ALA C 81 -30.26 25.58 18.34
CA ALA C 81 -31.36 24.59 18.38
C ALA C 81 -31.35 23.70 17.12
N ALA C 82 -31.18 24.29 15.94
CA ALA C 82 -31.19 23.55 14.65
C ALA C 82 -29.94 22.64 14.60
N ALA C 83 -28.81 23.10 15.12
CA ALA C 83 -27.54 22.35 15.10
C ALA C 83 -27.72 21.14 16.01
N ALA C 84 -28.49 21.27 17.09
CA ALA C 84 -28.79 20.14 17.99
C ALA C 84 -29.66 19.08 17.27
N GLU C 85 -30.64 19.48 16.44
CA GLU C 85 -31.49 18.54 15.68
C GLU C 85 -30.62 17.78 14.67
N ILE C 86 -29.65 18.48 14.07
CA ILE C 86 -28.73 17.86 13.06
C ILE C 86 -27.83 16.86 13.80
N ALA C 87 -27.24 17.28 14.91
CA ALA C 87 -26.34 16.44 15.72
C ALA C 87 -27.04 15.18 16.21
N ASP C 88 -28.32 15.28 16.55
CA ASP C 88 -29.13 14.17 17.11
C ASP C 88 -29.55 13.18 16.01
N GLY C 89 -29.40 13.51 14.70
CA GLY C 89 -29.69 12.59 13.58
C GLY C 89 -31.09 12.72 12.98
N GLN C 90 -31.77 13.85 13.18
CA GLN C 90 -33.13 14.11 12.64
C GLN C 90 -33.10 14.54 11.18
N HIS C 91 -31.93 14.93 10.66
CA HIS C 91 -31.87 15.53 9.30
C HIS C 91 -30.81 14.85 8.42
N ASP C 92 -30.45 13.60 8.72
CA ASP C 92 -29.38 12.94 7.93
C ASP C 92 -29.76 12.90 6.45
N ASP C 93 -31.04 12.77 6.12
CA ASP C 93 -31.55 12.69 4.73
C ASP C 93 -31.43 14.04 4.03
N GLN C 94 -31.00 15.10 4.73
CA GLN C 94 -30.78 16.44 4.14
C GLN C 94 -29.28 16.67 3.84
N PHE C 95 -28.43 15.61 3.91
CA PHE C 95 -26.98 15.65 3.56
C PHE C 95 -26.70 14.74 2.36
N PRO C 96 -27.13 15.15 1.14
CA PRO C 96 -27.06 14.29 -0.05
C PRO C 96 -25.72 14.30 -0.79
N ILE C 97 -24.78 15.15 -0.39
CA ILE C 97 -23.55 15.41 -1.19
C ILE C 97 -22.65 14.19 -1.08
N ASP C 98 -22.06 13.84 -2.22
CA ASP C 98 -21.05 12.76 -2.30
C ASP C 98 -19.84 13.03 -1.41
N VAL C 99 -19.24 11.97 -0.90
CA VAL C 99 -17.89 12.00 -0.30
C VAL C 99 -16.92 12.63 -1.27
N PHE C 100 -17.01 12.28 -2.54
CA PHE C 100 -16.00 12.75 -3.52
C PHE C 100 -16.45 14.10 -4.04
N GLN C 101 -16.29 15.10 -3.19
CA GLN C 101 -16.66 16.50 -3.47
C GLN C 101 -15.37 17.35 -3.47
N THR C 102 -15.52 18.66 -3.51
CA THR C 102 -14.35 19.56 -3.42
C THR C 102 -13.55 19.15 -2.21
N GLY C 103 -12.23 19.21 -2.32
CA GLY C 103 -11.33 18.58 -1.37
C GLY C 103 -11.20 19.30 -0.04
N SER C 104 -11.76 20.49 0.11
CA SER C 104 -11.81 21.22 1.41
C SER C 104 -13.03 20.80 2.23
N GLY C 105 -13.98 20.11 1.63
CA GLY C 105 -15.30 19.87 2.23
C GLY C 105 -16.19 21.11 2.27
N THR C 106 -15.86 22.11 1.43
N THR C 106 -15.94 22.11 1.44
CA THR C 106 -16.72 23.31 1.19
CA THR C 106 -16.83 23.30 1.49
C THR C 106 -18.19 22.91 1.10
C THR C 106 -18.27 22.96 1.05
N SER C 107 -18.50 21.96 0.20
CA SER C 107 -19.88 21.60 -0.15
C SER C 107 -20.62 21.10 1.12
N SER C 108 -20.03 20.22 1.93
CA SER C 108 -20.67 19.69 3.15
C SER C 108 -20.77 20.79 4.21
N ASN C 109 -19.81 21.73 4.24
CA ASN C 109 -19.93 22.88 5.16
C ASN C 109 -21.18 23.70 4.75
N MET C 110 -21.32 24.03 3.47
CA MET C 110 -22.48 24.84 2.99
C MET C 110 -23.75 24.01 3.23
N ASN C 111 -23.71 22.69 3.08
CA ASN C 111 -24.89 21.82 3.31
C ASN C 111 -25.37 22.04 4.76
N THR C 112 -24.47 22.11 5.69
CA THR C 112 -24.80 22.23 7.14
C THR C 112 -25.40 23.62 7.38
N ASN C 113 -24.78 24.65 6.79
CA ASN C 113 -25.19 26.08 6.90
C ASN C 113 -26.60 26.21 6.30
N GLU C 114 -26.85 25.65 5.11
CA GLU C 114 -28.14 25.80 4.39
C GLU C 114 -29.23 25.09 5.18
N VAL C 115 -28.97 23.87 5.64
CA VAL C 115 -29.97 23.07 6.38
C VAL C 115 -30.29 23.80 7.71
N ILE C 116 -29.29 24.33 8.42
CA ILE C 116 -29.54 25.14 9.67
C ILE C 116 -30.42 26.35 9.27
N ALA C 117 -30.18 27.04 8.16
CA ALA C 117 -30.97 28.24 7.81
C ALA C 117 -32.43 27.85 7.57
N SER C 118 -32.66 26.74 6.85
CA SER C 118 -34.01 26.21 6.50
C SER C 118 -34.74 25.75 7.76
N ILE C 119 -34.06 25.10 8.71
CA ILE C 119 -34.70 24.69 9.98
C ILE C 119 -35.13 25.96 10.72
N ALA C 120 -34.22 26.92 10.88
CA ALA C 120 -34.49 28.18 11.63
C ALA C 120 -35.71 28.91 11.03
N ALA C 121 -35.84 28.95 9.69
CA ALA C 121 -36.94 29.60 8.95
C ALA C 121 -38.28 28.98 9.34
N LYS C 122 -38.35 27.66 9.47
CA LYS C 122 -39.56 26.92 9.95
C LYS C 122 -40.01 27.54 11.28
N GLY C 123 -39.07 27.88 12.16
CA GLY C 123 -39.34 28.43 13.50
C GLY C 123 -39.39 29.94 13.49
N GLY C 124 -39.41 30.56 12.30
CA GLY C 124 -39.69 31.99 12.09
C GLY C 124 -38.48 32.88 12.31
N VAL C 125 -37.25 32.36 12.23
CA VAL C 125 -36.00 33.17 12.40
C VAL C 125 -35.22 33.16 11.09
N THR C 126 -34.91 34.32 10.54
CA THR C 126 -34.12 34.45 9.29
C THR C 126 -32.65 34.45 9.62
N LEU C 127 -31.92 33.45 9.11
CA LEU C 127 -30.47 33.26 9.24
C LEU C 127 -29.92 33.24 7.83
N HIS C 128 -28.83 33.96 7.58
CA HIS C 128 -28.08 33.84 6.31
C HIS C 128 -27.12 32.67 6.48
N PRO C 129 -27.11 31.67 5.57
CA PRO C 129 -26.22 30.50 5.73
C PRO C 129 -24.76 30.93 5.93
N ASN C 130 -24.29 31.93 5.17
N ASN C 130 -24.29 31.89 5.13
CA ASN C 130 -22.86 32.35 5.18
CA ASN C 130 -22.89 32.37 5.24
C ASN C 130 -22.62 33.45 6.24
C ASN C 130 -22.77 33.35 6.42
N ASP C 131 -23.50 34.46 6.35
CA ASP C 131 -23.22 35.63 7.25
C ASP C 131 -23.47 35.27 8.73
N ASP C 132 -24.45 34.41 8.98
CA ASP C 132 -24.81 34.02 10.37
C ASP C 132 -24.28 32.61 10.68
N VAL C 133 -24.66 31.58 9.94
CA VAL C 133 -24.33 30.20 10.36
C VAL C 133 -22.82 29.97 10.19
N ASN C 134 -22.18 30.64 9.22
CA ASN C 134 -20.74 30.52 8.92
C ASN C 134 -19.94 31.68 9.50
N MET C 135 -20.52 32.46 10.43
CA MET C 135 -19.79 33.62 11.01
C MET C 135 -18.49 33.17 11.70
N SER C 136 -17.38 33.88 11.42
CA SER C 136 -16.03 33.70 12.01
C SER C 136 -15.37 32.41 11.48
N GLN C 137 -15.93 31.80 10.44
CA GLN C 137 -15.52 30.44 9.96
C GLN C 137 -15.11 30.51 8.46
N SER C 138 -14.39 29.49 8.05
CA SER C 138 -14.10 29.12 6.64
C SER C 138 -14.48 27.63 6.51
N SER C 139 -14.68 27.09 5.31
CA SER C 139 -14.60 25.62 5.10
C SER C 139 -13.26 25.05 5.56
N ASN C 140 -12.22 25.82 5.23
CA ASN C 140 -10.86 25.28 5.35
C ASN C 140 -10.53 24.96 6.80
N ASP C 141 -11.25 25.58 7.75
CA ASP C 141 -11.00 25.27 9.17
C ASP C 141 -12.14 24.43 9.76
N THR C 142 -13.36 24.57 9.27
CA THR C 142 -14.56 23.85 9.80
C THR C 142 -14.54 22.39 9.38
N PHE C 143 -14.37 22.04 8.12
CA PHE C 143 -14.48 20.62 7.73
C PHE C 143 -13.34 19.79 8.36
N PRO C 144 -12.06 20.20 8.37
CA PRO C 144 -11.05 19.42 9.08
C PRO C 144 -11.34 19.41 10.58
N THR C 145 -11.88 20.48 11.15
CA THR C 145 -12.23 20.43 12.59
C THR C 145 -13.29 19.35 12.85
N ALA C 146 -14.35 19.31 12.08
CA ALA C 146 -15.42 18.30 12.22
C ALA C 146 -14.84 16.89 12.05
N THR C 147 -13.93 16.73 11.10
CA THR C 147 -13.27 15.42 10.84
C THR C 147 -12.47 14.96 12.07
N HIS C 148 -11.69 15.86 12.65
CA HIS C 148 -10.85 15.53 13.84
C HIS C 148 -11.75 15.32 15.06
N ILE C 149 -12.89 16.02 15.18
CA ILE C 149 -13.81 15.76 16.32
C ILE C 149 -14.31 14.32 16.16
N ALA C 150 -14.76 13.95 14.98
CA ALA C 150 -15.38 12.63 14.71
C ALA C 150 -14.30 11.58 14.98
N ALA C 151 -13.08 11.77 14.49
CA ALA C 151 -11.99 10.75 14.66
C ALA C 151 -11.60 10.61 16.13
N THR C 152 -11.52 11.71 16.87
CA THR C 152 -11.12 11.68 18.27
C THR C 152 -12.22 10.97 19.05
N GLU C 153 -13.48 11.27 18.79
CA GLU C 153 -14.64 10.62 19.45
C GLU C 153 -14.61 9.13 19.13
N ALA C 154 -14.33 8.77 17.89
CA ALA C 154 -14.27 7.35 17.50
C ALA C 154 -13.13 6.67 18.26
N ALA C 155 -11.98 7.31 18.43
CA ALA C 155 -10.83 6.67 19.10
C ALA C 155 -11.14 6.47 20.59
N VAL C 156 -11.62 7.52 21.26
CA VAL C 156 -11.74 7.51 22.74
C VAL C 156 -13.01 6.80 23.19
N ALA C 157 -14.14 7.11 22.59
CA ALA C 157 -15.46 6.66 23.07
C ALA C 157 -15.81 5.26 22.55
N HIS C 158 -15.25 4.87 21.40
CA HIS C 158 -15.71 3.65 20.68
C HIS C 158 -14.57 2.63 20.54
N LEU C 159 -13.45 3.00 19.94
CA LEU C 159 -12.45 1.96 19.61
C LEU C 159 -11.72 1.50 20.87
N ILE C 160 -11.25 2.41 21.73
CA ILE C 160 -10.44 1.98 22.91
C ILE C 160 -11.30 1.06 23.78
N PRO C 161 -12.57 1.41 24.13
CA PRO C 161 -13.39 0.46 24.89
C PRO C 161 -13.62 -0.87 24.19
N ALA C 162 -13.79 -0.89 22.86
CA ALA C 162 -13.96 -2.17 22.13
C ALA C 162 -12.68 -2.99 22.24
N LEU C 163 -11.53 -2.35 22.06
CA LEU C 163 -10.25 -3.08 22.18
C LEU C 163 -10.09 -3.54 23.63
N GLN C 164 -10.51 -2.73 24.62
CA GLN C 164 -10.34 -3.19 26.01
C GLN C 164 -11.20 -4.45 26.23
N GLN C 165 -12.36 -4.49 25.68
CA GLN C 165 -13.24 -5.69 25.78
C GLN C 165 -12.54 -6.91 25.16
N LEU C 166 -11.98 -6.76 23.96
CA LEU C 166 -11.24 -7.87 23.32
C LEU C 166 -10.01 -8.25 24.16
N HIS C 167 -9.25 -7.29 24.65
CA HIS C 167 -8.09 -7.56 25.52
C HIS C 167 -8.57 -8.42 26.70
N ASP C 168 -9.64 -8.01 27.34
CA ASP C 168 -10.09 -8.69 28.59
C ASP C 168 -10.51 -10.11 28.26
N ALA C 169 -11.15 -10.36 27.11
CA ALA C 169 -11.63 -11.70 26.72
C ALA C 169 -10.38 -12.58 26.46
N LEU C 170 -9.36 -12.03 25.79
CA LEU C 170 -8.13 -12.80 25.52
C LEU C 170 -7.39 -13.09 26.83
N ALA C 171 -7.31 -12.12 27.73
CA ALA C 171 -6.62 -12.27 29.03
C ALA C 171 -7.39 -13.28 29.89
N ALA C 172 -8.71 -13.37 29.77
CA ALA C 172 -9.54 -14.34 30.55
C ALA C 172 -9.18 -15.74 30.09
N LYS C 173 -9.06 -15.95 28.77
N LYS C 173 -9.04 -15.95 28.77
CA LYS C 173 -8.56 -17.23 28.20
CA LYS C 173 -8.60 -17.26 28.22
C LYS C 173 -7.16 -17.54 28.69
C LYS C 173 -7.15 -17.56 28.63
N ALA C 174 -6.26 -16.57 28.66
CA ALA C 174 -4.86 -16.73 29.11
C ALA C 174 -4.85 -17.33 30.52
N LEU C 175 -5.74 -16.85 31.40
N LEU C 175 -5.76 -16.88 31.41
CA LEU C 175 -5.87 -17.35 32.80
CA LEU C 175 -5.79 -17.42 32.80
C LEU C 175 -6.49 -18.75 32.78
C LEU C 175 -6.51 -18.78 32.81
N ASP C 176 -7.65 -18.92 32.13
CA ASP C 176 -8.40 -20.19 32.09
C ASP C 176 -7.49 -21.30 31.56
N TRP C 177 -6.63 -20.98 30.60
CA TRP C 177 -5.83 -22.00 29.89
C TRP C 177 -4.38 -21.97 30.33
N HIS C 178 -4.10 -21.43 31.52
CA HIS C 178 -2.72 -21.29 32.05
C HIS C 178 -1.97 -22.64 32.08
N THR C 179 -2.68 -23.76 32.28
CA THR C 179 -1.98 -25.07 32.41
C THR C 179 -2.24 -25.94 31.20
N VAL C 180 -2.86 -25.41 30.15
CA VAL C 180 -3.23 -26.25 28.98
C VAL C 180 -2.01 -26.37 28.07
N VAL C 181 -1.16 -27.33 28.39
CA VAL C 181 0.11 -27.53 27.69
C VAL C 181 -0.14 -28.11 26.29
N LYS C 182 0.71 -27.69 25.36
CA LYS C 182 0.60 -28.10 23.96
C LYS C 182 1.96 -27.92 23.31
N SER C 183 2.09 -28.47 22.11
N SER C 183 2.11 -28.45 22.12
CA SER C 183 3.25 -28.25 21.23
CA SER C 183 3.37 -28.29 21.36
C SER C 183 3.39 -26.75 20.90
C SER C 183 3.46 -26.85 20.80
N GLY C 184 4.59 -26.21 21.01
CA GLY C 184 4.88 -24.94 20.33
C GLY C 184 5.03 -25.23 18.86
N ARG C 185 4.98 -24.18 18.05
CA ARG C 185 5.17 -24.29 16.59
C ARG C 185 5.97 -23.08 16.14
N THR C 186 7.08 -23.36 15.48
CA THR C 186 7.96 -22.34 14.90
C THR C 186 8.20 -22.73 13.46
N HIS C 187 8.00 -21.81 12.53
CA HIS C 187 8.12 -22.10 11.07
C HIS C 187 7.04 -23.09 10.64
N LEU C 188 5.98 -23.25 11.45
CA LEU C 188 4.88 -24.25 11.27
C LEU C 188 5.34 -25.64 11.72
N MET C 189 6.54 -25.77 12.27
CA MET C 189 7.13 -27.07 12.68
C MET C 189 7.04 -27.22 14.18
N ASP C 190 6.90 -28.46 14.60
CA ASP C 190 6.82 -28.81 16.03
C ASP C 190 8.04 -28.25 16.77
N ALA C 191 7.77 -27.63 17.90
CA ALA C 191 8.77 -27.02 18.76
C ALA C 191 8.50 -27.44 20.22
N VAL C 192 9.34 -26.96 21.11
CA VAL C 192 9.20 -27.26 22.55
C VAL C 192 7.88 -26.73 23.08
N PRO C 193 7.40 -27.25 24.22
CA PRO C 193 6.05 -26.92 24.67
C PRO C 193 5.81 -25.46 25.09
N VAL C 194 4.56 -25.07 24.94
CA VAL C 194 3.96 -23.81 25.44
C VAL C 194 2.63 -24.17 26.06
N THR C 195 1.94 -23.21 26.64
CA THR C 195 0.51 -23.42 26.96
C THR C 195 -0.39 -22.54 26.08
N LEU C 196 -1.61 -22.96 25.90
CA LEU C 196 -2.60 -22.13 25.19
C LEU C 196 -2.68 -20.79 25.93
N GLY C 197 -2.57 -20.83 27.24
CA GLY C 197 -2.64 -19.61 28.07
C GLY C 197 -1.55 -18.63 27.67
N GLN C 198 -0.32 -19.12 27.49
CA GLN C 198 0.83 -18.26 27.15
C GLN C 198 0.52 -17.64 25.79
N GLU C 199 0.05 -18.43 24.84
CA GLU C 199 -0.22 -17.92 23.47
C GLU C 199 -1.26 -16.79 23.58
N PHE C 200 -2.33 -16.99 24.33
CA PHE C 200 -3.41 -15.99 24.53
C PHE C 200 -2.86 -14.78 25.27
N SER C 201 -1.91 -14.94 26.18
CA SER C 201 -1.26 -13.79 26.86
C SER C 201 -0.54 -12.93 25.82
N GLY C 202 0.08 -13.57 24.82
CA GLY C 202 0.70 -12.82 23.73
C GLY C 202 -0.35 -12.07 22.90
N TYR C 203 -1.45 -12.70 22.57
CA TYR C 203 -2.55 -12.04 21.82
C TYR C 203 -3.08 -10.86 22.66
N ALA C 204 -3.29 -11.05 23.98
CA ALA C 204 -3.71 -9.94 24.84
C ALA C 204 -2.72 -8.80 24.81
N ARG C 205 -1.44 -9.08 24.88
CA ARG C 205 -0.42 -8.02 24.82
C ARG C 205 -0.55 -7.27 23.49
N GLN C 206 -0.74 -7.96 22.38
CA GLN C 206 -0.86 -7.22 21.09
C GLN C 206 -2.03 -6.24 21.14
N ILE C 207 -3.14 -6.59 21.74
CA ILE C 207 -4.29 -5.68 21.82
C ILE C 207 -4.04 -4.56 22.84
N GLU C 208 -3.44 -4.86 23.98
CA GLU C 208 -3.03 -3.81 24.96
C GLU C 208 -2.10 -2.81 24.29
N ALA C 209 -1.14 -3.30 23.52
CA ALA C 209 -0.20 -2.43 22.79
C ALA C 209 -0.96 -1.60 21.74
N GLY C 210 -1.97 -2.19 21.12
CA GLY C 210 -2.89 -1.51 20.19
C GLY C 210 -3.51 -0.29 20.87
N ILE C 211 -4.03 -0.49 22.07
CA ILE C 211 -4.63 0.59 22.87
C ILE C 211 -3.55 1.65 23.14
N GLU C 212 -2.34 1.26 23.55
CA GLU C 212 -1.23 2.20 23.79
C GLU C 212 -0.94 3.00 22.51
N ARG C 213 -0.99 2.36 21.34
CA ARG C 213 -0.74 3.05 20.04
C ARG C 213 -1.81 4.11 19.76
N VAL C 214 -3.05 3.78 20.01
CA VAL C 214 -4.17 4.71 19.80
C VAL C 214 -3.98 5.87 20.78
N ARG C 215 -3.76 5.58 22.05
N ARG C 215 -3.76 5.60 22.05
CA ARG C 215 -3.57 6.64 23.07
CA ARG C 215 -3.41 6.89 23.10
CA ARG C 215 -3.59 6.69 23.05
C ARG C 215 -2.41 7.56 22.66
C ARG C 215 -2.41 7.58 22.65
N ALA C 216 -1.29 7.04 22.15
CA ALA C 216 -0.08 7.82 21.81
C ALA C 216 -0.36 8.81 20.65
N CYS C 217 -1.35 8.55 19.80
CA CYS C 217 -1.64 9.45 18.66
C CYS C 217 -2.59 10.58 19.08
N LEU C 218 -3.26 10.49 20.23
CA LEU C 218 -4.35 11.45 20.59
C LEU C 218 -3.85 12.88 20.78
N PRO C 219 -2.62 13.18 21.24
CA PRO C 219 -2.17 14.58 21.34
C PRO C 219 -2.16 15.33 20.00
N ARG C 220 -2.10 14.61 18.90
CA ARG C 220 -2.11 15.24 17.55
C ARG C 220 -3.44 14.95 16.87
N LEU C 221 -4.08 13.82 17.09
CA LEU C 221 -5.37 13.55 16.43
C LEU C 221 -6.39 14.57 16.91
N GLY C 222 -6.33 14.95 18.18
CA GLY C 222 -7.33 15.85 18.76
C GLY C 222 -7.09 17.33 18.44
N GLU C 223 -6.04 17.68 17.71
CA GLU C 223 -5.78 19.07 17.30
C GLU C 223 -6.84 19.52 16.30
N LEU C 224 -7.44 20.68 16.57
CA LEU C 224 -8.51 21.25 15.73
C LEU C 224 -8.05 22.56 15.08
N ALA C 225 -8.41 22.70 13.80
CA ALA C 225 -8.04 23.85 12.97
C ALA C 225 -8.89 25.09 13.28
N ILE C 226 -10.00 24.93 13.98
CA ILE C 226 -11.02 26.02 14.11
C ILE C 226 -10.36 27.32 14.59
N GLY C 227 -10.70 28.44 13.95
CA GLY C 227 -10.07 29.73 14.22
C GLY C 227 -9.05 30.16 13.19
N GLY C 228 -8.51 29.24 12.38
CA GLY C 228 -7.48 29.59 11.38
C GLY C 228 -8.08 30.21 10.11
N THR C 229 -9.39 30.11 9.93
CA THR C 229 -10.17 30.62 8.77
C THR C 229 -9.51 30.20 7.45
N ALA C 230 -9.47 31.07 6.45
CA ALA C 230 -9.23 30.64 5.04
C ALA C 230 -7.84 30.01 4.86
N VAL C 231 -6.80 30.59 5.44
CA VAL C 231 -5.38 30.21 5.15
C VAL C 231 -4.58 29.85 6.40
N GLY C 232 -5.17 29.93 7.60
CA GLY C 232 -4.45 29.68 8.85
C GLY C 232 -4.19 30.93 9.68
N THR C 233 -4.38 32.10 9.07
CA THR C 233 -4.03 33.41 9.71
C THR C 233 -5.11 33.81 10.69
N GLY C 234 -6.31 33.29 10.62
CA GLY C 234 -7.40 33.73 11.50
C GLY C 234 -8.03 35.03 11.04
N LEU C 235 -7.71 35.47 9.82
CA LEU C 235 -8.39 36.66 9.24
C LEU C 235 -9.92 36.45 9.25
N ASN C 236 -10.65 37.46 9.72
CA ASN C 236 -12.13 37.40 9.72
C ASN C 236 -12.66 36.57 10.90
N ALA C 237 -11.81 36.20 11.86
CA ALA C 237 -12.28 35.61 13.11
C ALA C 237 -11.68 36.37 14.28
N PRO C 238 -12.37 36.32 15.44
CA PRO C 238 -11.75 36.76 16.69
C PRO C 238 -10.47 35.99 16.98
N ASP C 239 -9.49 36.67 17.58
CA ASP C 239 -8.14 36.11 17.85
C ASP C 239 -8.27 34.92 18.78
N ASP C 240 -9.30 34.86 19.64
CA ASP C 240 -9.45 33.74 20.61
C ASP C 240 -10.57 32.79 20.17
N PHE C 241 -10.97 32.79 18.89
CA PHE C 241 -12.16 32.04 18.48
C PHE C 241 -11.94 30.55 18.71
N GLY C 242 -10.76 30.08 18.29
CA GLY C 242 -10.35 28.68 18.40
C GLY C 242 -10.38 28.21 19.84
N VAL C 243 -9.72 28.92 20.75
N VAL C 243 -9.69 28.93 20.72
CA VAL C 243 -9.66 28.50 22.17
CA VAL C 243 -9.62 28.64 22.18
C VAL C 243 -11.08 28.51 22.73
C VAL C 243 -11.05 28.53 22.70
N ARG C 244 -11.91 29.51 22.41
CA ARG C 244 -13.30 29.54 22.91
C ARG C 244 -14.11 28.36 22.38
N VAL C 245 -14.00 28.07 21.06
CA VAL C 245 -14.84 27.02 20.43
C VAL C 245 -14.40 25.68 21.02
N VAL C 246 -13.11 25.47 21.15
CA VAL C 246 -12.60 24.17 21.67
C VAL C 246 -13.13 24.00 23.10
N ALA C 247 -13.17 25.07 23.90
CA ALA C 247 -13.63 24.93 25.30
C ALA C 247 -15.11 24.52 25.29
N VAL C 248 -15.93 25.06 24.39
CA VAL C 248 -17.35 24.69 24.32
C VAL C 248 -17.42 23.21 23.91
N LEU C 249 -16.62 22.79 22.93
CA LEU C 249 -16.71 21.37 22.45
C LEU C 249 -16.30 20.41 23.58
N VAL C 250 -15.26 20.75 24.31
CA VAL C 250 -14.78 19.88 25.42
C VAL C 250 -15.92 19.75 26.47
N ALA C 251 -16.59 20.86 26.79
CA ALA C 251 -17.66 20.87 27.83
C ALA C 251 -18.80 20.01 27.33
N GLN C 252 -19.18 20.14 26.06
CA GLN C 252 -20.34 19.41 25.51
C GLN C 252 -20.06 17.94 25.25
N THR C 253 -18.87 17.59 24.86
CA THR C 253 -18.57 16.18 24.47
C THR C 253 -17.94 15.40 25.61
N GLY C 254 -17.30 16.08 26.53
CA GLY C 254 -16.47 15.48 27.59
C GLY C 254 -15.16 14.96 27.03
N LEU C 255 -14.83 15.25 25.77
CA LEU C 255 -13.57 14.78 25.15
C LEU C 255 -12.47 15.77 25.47
N SER C 256 -11.70 15.54 26.52
CA SER C 256 -10.60 16.41 26.95
C SER C 256 -9.44 16.35 25.96
N GLU C 257 -9.45 15.37 25.06
CA GLU C 257 -8.39 15.21 24.03
C GLU C 257 -8.53 16.28 22.93
N LEU C 258 -9.68 16.94 22.81
CA LEU C 258 -9.83 18.01 21.79
C LEU C 258 -8.98 19.19 22.24
N ARG C 259 -8.25 19.77 21.33
CA ARG C 259 -7.34 20.87 21.68
C ARG C 259 -7.13 21.77 20.48
N THR C 260 -6.81 23.02 20.71
CA THR C 260 -6.40 23.95 19.62
C THR C 260 -5.12 23.41 18.98
N ALA C 261 -4.95 23.62 17.69
CA ALA C 261 -3.74 23.17 16.97
C ALA C 261 -2.53 23.89 17.52
N ALA C 262 -1.39 23.24 17.54
CA ALA C 262 -0.11 23.82 17.97
C ALA C 262 0.28 24.90 16.96
N ASN C 263 0.04 24.62 15.69
CA ASN C 263 0.42 25.60 14.62
C ASN C 263 -0.73 25.65 13.64
N SER C 264 -1.33 26.83 13.42
N SER C 264 -1.26 26.85 13.40
CA SER C 264 -2.58 27.00 12.64
CA SER C 264 -2.53 27.04 12.67
C SER C 264 -2.33 26.68 11.16
C SER C 264 -2.35 26.80 11.17
N PHE C 265 -1.12 26.87 10.68
CA PHE C 265 -0.80 26.65 9.24
C PHE C 265 -0.67 25.14 9.02
N GLU C 266 0.07 24.46 9.87
CA GLU C 266 0.19 22.98 9.82
C GLU C 266 -1.20 22.33 9.85
N ALA C 267 -2.13 22.86 10.64
CA ALA C 267 -3.46 22.27 10.86
C ALA C 267 -4.37 22.37 9.64
N GLN C 268 -4.00 23.17 8.64
CA GLN C 268 -4.82 23.37 7.43
C GLN C 268 -4.05 22.90 6.22
N ALA C 269 -2.74 23.11 6.18
CA ALA C 269 -1.92 22.74 5.02
C ALA C 269 -1.75 21.22 5.00
N ALA C 270 -1.99 20.54 6.11
CA ALA C 270 -1.75 19.08 6.23
C ALA C 270 -2.82 18.44 7.09
N ARG C 271 -2.96 17.15 6.93
CA ARG C 271 -3.85 16.29 7.75
C ARG C 271 -2.97 15.17 8.33
N ASP C 272 -1.75 15.50 8.73
CA ASP C 272 -0.73 14.51 9.18
C ASP C 272 -1.25 13.73 10.40
N GLY C 273 -2.09 14.34 11.24
CA GLY C 273 -2.66 13.63 12.39
C GLY C 273 -3.57 12.48 11.98
N LEU C 274 -4.26 12.57 10.84
CA LEU C 274 -5.11 11.46 10.35
C LEU C 274 -4.19 10.35 9.81
N VAL C 275 -3.12 10.72 9.13
CA VAL C 275 -2.10 9.75 8.65
C VAL C 275 -1.52 8.98 9.85
N GLU C 276 -1.12 9.73 10.87
CA GLU C 276 -0.53 9.15 12.10
C GLU C 276 -1.53 8.17 12.72
N ALA C 277 -2.75 8.62 12.91
CA ALA C 277 -3.80 7.77 13.54
C ALA C 277 -4.06 6.52 12.69
N SER C 278 -4.13 6.65 11.37
CA SER C 278 -4.36 5.49 10.50
C SER C 278 -3.22 4.48 10.70
N GLY C 279 -1.99 4.91 10.91
CA GLY C 279 -0.87 3.98 11.20
C GLY C 279 -1.12 3.13 12.44
N ALA C 280 -1.71 3.73 13.48
CA ALA C 280 -2.10 2.97 14.69
C ALA C 280 -3.15 1.94 14.32
N LEU C 281 -4.16 2.34 13.60
CA LEU C 281 -5.25 1.40 13.17
C LEU C 281 -4.67 0.29 12.28
N ARG C 282 -3.76 0.62 11.36
CA ARG C 282 -3.12 -0.39 10.49
C ARG C 282 -2.32 -1.39 11.34
N THR C 283 -1.65 -0.93 12.38
CA THR C 283 -0.87 -1.84 13.26
C THR C 283 -1.85 -2.76 13.99
N ILE C 284 -2.96 -2.21 14.47
CA ILE C 284 -4.03 -3.05 15.09
C ILE C 284 -4.51 -4.10 14.09
N ALA C 285 -4.72 -3.73 12.82
CA ALA C 285 -5.19 -4.65 11.78
C ALA C 285 -4.14 -5.76 11.64
N VAL C 286 -2.85 -5.40 11.67
CA VAL C 286 -1.76 -6.40 11.56
C VAL C 286 -1.83 -7.37 12.75
N SER C 287 -1.96 -6.85 13.96
CA SER C 287 -2.12 -7.68 15.18
C SER C 287 -3.34 -8.59 15.05
N LEU C 288 -4.50 -8.07 14.67
CA LEU C 288 -5.74 -8.85 14.57
C LEU C 288 -5.61 -9.94 13.52
N THR C 289 -4.85 -9.70 12.46
CA THR C 289 -4.63 -10.72 11.42
C THR C 289 -3.91 -11.92 12.06
N LYS C 290 -2.84 -11.67 12.81
CA LYS C 290 -2.07 -12.76 13.45
C LYS C 290 -3.02 -13.53 14.39
N ILE C 291 -3.71 -12.81 15.26
CA ILE C 291 -4.60 -13.45 16.28
C ILE C 291 -5.66 -14.30 15.58
N ALA C 292 -6.36 -13.71 14.62
CA ALA C 292 -7.47 -14.42 13.97
C ALA C 292 -6.96 -15.59 13.16
N ASN C 293 -5.85 -15.45 12.45
N ASN C 293 -5.83 -15.48 12.49
CA ASN C 293 -5.27 -16.57 11.68
CA ASN C 293 -5.34 -16.60 11.67
C ASN C 293 -4.95 -17.72 12.62
C ASN C 293 -4.89 -17.74 12.59
N ASP C 294 -4.26 -17.44 13.73
CA ASP C 294 -3.86 -18.49 14.68
C ASP C 294 -5.14 -19.17 15.17
N ILE C 295 -6.16 -18.42 15.51
CA ILE C 295 -7.40 -19.04 16.09
C ILE C 295 -8.08 -19.90 15.05
N ARG C 296 -8.17 -19.43 13.78
CA ARG C 296 -8.84 -20.33 12.80
C ARG C 296 -7.98 -21.57 12.54
N TRP C 297 -6.65 -21.47 12.51
CA TRP C 297 -5.85 -22.69 12.38
C TRP C 297 -6.01 -23.63 13.59
N MET C 298 -6.01 -23.07 14.80
N MET C 298 -6.08 -23.09 14.79
CA MET C 298 -6.25 -23.85 16.04
CA MET C 298 -6.24 -23.93 16.01
C MET C 298 -7.55 -24.66 15.87
C MET C 298 -7.60 -24.62 15.97
N GLY C 299 -8.60 -24.04 15.31
CA GLY C 299 -9.93 -24.64 15.19
C GLY C 299 -10.07 -25.57 14.03
N SER C 300 -9.07 -25.68 13.15
CA SER C 300 -9.17 -26.42 11.88
C SER C 300 -9.44 -27.92 12.08
N GLY C 301 -10.18 -28.50 11.16
CA GLY C 301 -10.44 -29.96 11.16
C GLY C 301 -11.90 -30.23 10.88
N PRO C 302 -12.61 -31.14 11.60
CA PRO C 302 -12.15 -31.68 12.87
C PRO C 302 -11.26 -32.92 12.77
N LEU C 303 -10.97 -33.41 11.54
CA LEU C 303 -10.12 -34.59 11.36
C LEU C 303 -8.77 -34.19 10.82
N THR C 304 -8.69 -33.39 9.76
CA THR C 304 -7.43 -33.31 9.01
C THR C 304 -6.62 -32.05 9.37
N GLY C 305 -7.12 -31.21 10.26
CA GLY C 305 -6.42 -29.98 10.67
C GLY C 305 -5.74 -30.13 12.03
N LEU C 306 -5.60 -29.04 12.74
CA LEU C 306 -4.85 -29.07 14.00
C LEU C 306 -5.75 -29.54 15.15
N ALA C 307 -7.05 -29.24 15.11
CA ALA C 307 -8.03 -29.70 16.14
C ALA C 307 -7.58 -29.38 17.55
N GLU C 308 -7.08 -28.17 17.79
CA GLU C 308 -6.59 -27.75 19.12
C GLU C 308 -7.76 -27.22 19.91
N ILE C 309 -8.66 -26.50 19.25
CA ILE C 309 -9.81 -25.85 19.91
C ILE C 309 -11.04 -26.03 19.03
N GLN C 310 -12.18 -25.77 19.61
CA GLN C 310 -13.46 -25.66 18.89
C GLN C 310 -13.98 -24.23 19.01
N LEU C 311 -14.32 -23.62 17.88
CA LEU C 311 -14.96 -22.28 17.90
C LEU C 311 -16.45 -22.47 18.08
N PRO C 312 -17.12 -21.51 18.74
CA PRO C 312 -18.59 -21.55 18.82
C PRO C 312 -19.23 -21.39 17.45
N ASP C 313 -20.33 -22.12 17.24
CA ASP C 313 -21.06 -22.15 15.93
C ASP C 313 -22.00 -20.93 15.82
N LEU C 314 -22.00 -20.25 14.65
CA LEU C 314 -22.94 -19.14 14.28
C LEU C 314 -23.53 -19.37 12.88
N LYS C 324 -16.53 -28.68 12.83
CA LYS C 324 -17.41 -28.52 11.65
C LYS C 324 -17.91 -27.07 11.53
N VAL C 325 -17.78 -26.27 12.58
CA VAL C 325 -18.09 -24.82 12.51
C VAL C 325 -17.07 -24.13 11.54
N ASN C 326 -17.49 -23.41 10.50
CA ASN C 326 -16.55 -22.49 9.77
C ASN C 326 -16.17 -21.35 10.69
N PRO C 327 -14.90 -20.89 10.59
CA PRO C 327 -14.38 -19.79 11.40
C PRO C 327 -14.83 -18.45 10.83
N VAL C 328 -16.12 -18.19 10.92
CA VAL C 328 -16.70 -17.02 10.20
C VAL C 328 -16.22 -15.73 10.87
N LEU C 329 -16.11 -15.63 12.30
N LEU C 329 -16.09 -15.69 12.19
CA LEU C 329 -15.61 -14.30 12.75
CA LEU C 329 -15.62 -14.41 12.80
C LEU C 329 -14.10 -14.19 12.47
C LEU C 329 -14.14 -14.17 12.42
N PRO C 330 -13.22 -15.13 12.57
CA PRO C 330 -11.86 -14.94 12.04
C PRO C 330 -11.86 -14.42 10.60
N GLU C 331 -12.76 -14.94 9.77
CA GLU C 331 -12.84 -14.48 8.38
C GLU C 331 -13.27 -13.00 8.34
N ALA C 332 -14.25 -12.62 9.14
CA ALA C 332 -14.69 -11.21 9.21
C ALA C 332 -13.53 -10.33 9.70
N VAL C 333 -12.81 -10.78 10.71
CA VAL C 333 -11.70 -10.01 11.29
C VAL C 333 -10.60 -9.83 10.23
N THR C 334 -10.22 -10.90 9.53
CA THR C 334 -9.10 -10.73 8.57
C THR C 334 -9.55 -9.91 7.35
N GLN C 335 -10.82 -9.95 6.96
CA GLN C 335 -11.35 -9.10 5.84
C GLN C 335 -11.35 -7.63 6.29
N VAL C 336 -11.79 -7.37 7.52
CA VAL C 336 -11.77 -6.02 8.08
C VAL C 336 -10.33 -5.51 8.07
N ALA C 337 -9.39 -6.31 8.52
CA ALA C 337 -7.97 -5.91 8.54
C ALA C 337 -7.50 -5.53 7.15
N ALA C 338 -7.85 -6.33 6.13
CA ALA C 338 -7.47 -6.04 4.74
C ALA C 338 -8.02 -4.65 4.37
N GLN C 339 -9.27 -4.37 4.74
CA GLN C 339 -9.91 -3.06 4.42
C GLN C 339 -9.17 -1.92 5.12
N VAL C 340 -8.75 -2.09 6.39
CA VAL C 340 -8.03 -1.03 7.15
C VAL C 340 -6.68 -0.79 6.48
N ILE C 341 -6.01 -1.84 6.02
CA ILE C 341 -4.71 -1.66 5.28
C ILE C 341 -4.96 -0.86 3.99
N GLY C 342 -6.01 -1.19 3.21
CA GLY C 342 -6.36 -0.41 2.00
C GLY C 342 -6.66 1.03 2.33
N ASN C 343 -7.52 1.23 3.30
CA ASN C 343 -7.91 2.59 3.70
C ASN C 343 -6.68 3.39 4.11
N ASP C 344 -5.78 2.75 4.81
CA ASP C 344 -4.55 3.36 5.30
C ASP C 344 -3.72 3.89 4.12
N ALA C 345 -3.61 3.12 3.06
CA ALA C 345 -2.87 3.57 1.85
C ALA C 345 -3.55 4.80 1.22
N ALA C 346 -4.88 4.79 1.15
CA ALA C 346 -5.61 5.93 0.57
C ALA C 346 -5.38 7.16 1.45
N ILE C 347 -5.42 7.01 2.78
CA ILE C 347 -5.18 8.15 3.70
C ILE C 347 -3.79 8.74 3.51
N ALA C 348 -2.75 7.92 3.39
CA ALA C 348 -1.38 8.45 3.29
C ALA C 348 -1.23 9.17 1.95
N TRP C 349 -1.83 8.63 0.89
CA TRP C 349 -1.81 9.26 -0.45
C TRP C 349 -2.43 10.66 -0.39
N GLY C 350 -3.61 10.79 0.17
CA GLY C 350 -4.23 12.11 0.35
C GLY C 350 -3.34 13.01 1.18
N GLY C 351 -2.81 12.47 2.26
CA GLY C 351 -2.06 13.26 3.23
C GLY C 351 -0.87 13.92 2.60
N ALA C 352 -0.22 13.26 1.67
CA ALA C 352 1.05 13.74 1.15
C ALA C 352 0.86 14.88 0.17
N ASN C 353 -0.35 15.05 -0.37
CA ASN C 353 -0.58 15.77 -1.65
C ASN C 353 -1.27 17.12 -1.39
N GLY C 354 -1.09 17.71 -0.21
CA GLY C 354 -1.46 19.12 0.07
C GLY C 354 -0.68 20.07 -0.78
N ALA C 355 -1.15 21.31 -0.91
CA ALA C 355 -0.36 22.34 -1.60
C ALA C 355 -0.53 23.64 -0.82
N PHE C 356 0.59 24.28 -0.52
CA PHE C 356 0.57 25.63 0.12
C PHE C 356 -0.36 25.60 1.31
N GLU C 357 -1.38 26.44 1.36
CA GLU C 357 -2.14 26.67 2.61
C GLU C 357 -3.22 25.62 2.85
N LEU C 358 -3.44 24.63 1.97
CA LEU C 358 -4.60 23.74 2.17
C LEU C 358 -4.29 22.34 1.62
N ASN C 359 -4.59 21.32 2.43
CA ASN C 359 -4.69 19.92 1.91
C ASN C 359 -6.12 19.68 1.44
N VAL C 360 -6.29 19.38 0.16
CA VAL C 360 -7.63 19.25 -0.47
C VAL C 360 -7.94 17.76 -0.73
N TYR C 361 -7.70 16.91 0.26
CA TYR C 361 -8.08 15.48 0.21
C TYR C 361 -8.97 15.15 1.41
N ILE C 362 -9.50 16.14 2.09
CA ILE C 362 -10.10 15.92 3.43
C ILE C 362 -11.28 14.97 3.34
N PRO C 363 -12.30 15.12 2.46
CA PRO C 363 -13.46 14.23 2.48
C PRO C 363 -13.05 12.77 2.27
N MET C 364 -12.10 12.51 1.38
CA MET C 364 -11.66 11.13 1.14
C MET C 364 -10.92 10.61 2.38
N MET C 365 -10.02 11.40 2.94
CA MET C 365 -9.24 10.94 4.11
C MET C 365 -10.24 10.69 5.26
N ALA C 366 -11.24 11.55 5.38
CA ALA C 366 -12.24 11.41 6.47
C ALA C 366 -13.00 10.10 6.27
N ARG C 367 -13.48 9.85 5.06
CA ARG C 367 -14.25 8.61 4.80
C ARG C 367 -13.44 7.40 5.29
N ASN C 368 -12.18 7.35 4.91
CA ASN C 368 -11.33 6.17 5.14
C ASN C 368 -11.01 6.03 6.62
N ILE C 369 -10.59 7.07 7.31
N ILE C 369 -10.57 7.10 7.28
CA ILE C 369 -10.17 6.81 8.70
CA ILE C 369 -10.13 7.04 8.70
C ILE C 369 -11.42 6.55 9.54
C ILE C 369 -11.34 6.67 9.56
N LEU C 370 -12.52 7.26 9.27
CA LEU C 370 -13.72 6.98 10.10
C LEU C 370 -14.21 5.56 9.84
N GLU C 371 -14.15 5.06 8.62
CA GLU C 371 -14.52 3.69 8.34
C GLU C 371 -13.58 2.76 9.10
N SER C 372 -12.27 2.97 9.04
CA SER C 372 -11.33 2.08 9.76
C SER C 372 -11.70 2.05 11.26
N PHE C 373 -11.95 3.20 11.86
CA PHE C 373 -12.37 3.21 13.28
C PHE C 373 -13.62 2.32 13.47
N LYS C 374 -14.64 2.49 12.67
CA LYS C 374 -15.93 1.79 12.80
C LYS C 374 -15.74 0.28 12.64
N LEU C 375 -15.05 -0.16 11.58
CA LEU C 375 -14.89 -1.60 11.34
C LEU C 375 -14.10 -2.23 12.48
N LEU C 376 -13.02 -1.61 12.94
CA LEU C 376 -12.22 -2.20 14.02
C LEU C 376 -13.05 -2.25 15.30
N THR C 377 -13.78 -1.19 15.59
CA THR C 377 -14.63 -1.16 16.81
C THR C 377 -15.62 -2.32 16.75
N ASN C 378 -16.41 -2.41 15.68
CA ASN C 378 -17.53 -3.34 15.60
C ASN C 378 -16.98 -4.78 15.59
N VAL C 379 -15.95 -5.05 14.80
CA VAL C 379 -15.46 -6.43 14.63
C VAL C 379 -14.74 -6.86 15.90
N SER C 380 -14.12 -5.94 16.65
CA SER C 380 -13.39 -6.30 17.88
C SER C 380 -14.39 -6.81 18.94
N ARG C 381 -15.50 -6.08 19.12
N ARG C 381 -15.53 -6.14 19.08
CA ARG C 381 -16.58 -6.49 20.06
CA ARG C 381 -16.55 -6.53 20.09
C ARG C 381 -17.12 -7.86 19.65
C ARG C 381 -17.22 -7.85 19.67
N LEU C 382 -17.56 -8.02 18.40
CA LEU C 382 -18.08 -9.31 17.89
C LEU C 382 -17.06 -10.44 18.14
N PHE C 383 -15.80 -10.23 17.80
CA PHE C 383 -14.77 -11.27 17.96
C PHE C 383 -14.68 -11.69 19.43
N ALA C 384 -14.66 -10.68 20.31
CA ALA C 384 -14.52 -10.85 21.77
C ALA C 384 -15.70 -11.68 22.27
N GLN C 385 -16.91 -11.29 21.90
CA GLN C 385 -18.15 -11.81 22.57
C GLN C 385 -18.58 -13.12 21.93
N ARG C 386 -18.47 -13.27 20.62
CA ARG C 386 -19.09 -14.38 19.88
C ARG C 386 -18.06 -15.41 19.38
N CYS C 387 -16.77 -15.16 19.60
CA CYS C 387 -15.73 -16.15 19.24
C CYS C 387 -14.85 -16.43 20.46
N ILE C 388 -14.09 -15.46 20.95
CA ILE C 388 -13.07 -15.65 22.00
C ILE C 388 -13.76 -16.26 23.24
N ALA C 389 -14.80 -15.61 23.75
CA ALA C 389 -15.45 -15.95 25.03
C ALA C 389 -15.85 -17.45 25.02
N GLY C 390 -16.27 -18.00 23.88
CA GLY C 390 -16.83 -19.36 23.80
C GLY C 390 -15.87 -20.42 23.29
N LEU C 391 -14.57 -20.12 23.08
CA LEU C 391 -13.63 -21.17 22.58
C LEU C 391 -13.56 -22.28 23.63
N THR C 392 -13.49 -23.50 23.17
CA THR C 392 -13.16 -24.62 24.09
C THR C 392 -11.90 -25.31 23.60
N ALA C 393 -11.05 -25.72 24.52
CA ALA C 393 -9.78 -26.43 24.25
C ALA C 393 -9.93 -27.93 24.33
N ASN C 394 -9.31 -28.65 23.40
CA ASN C 394 -9.19 -30.11 23.43
C ASN C 394 -8.03 -30.47 24.36
N VAL C 395 -8.24 -30.31 25.65
CA VAL C 395 -7.12 -30.28 26.63
C VAL C 395 -6.31 -31.59 26.59
N GLU C 396 -6.95 -32.73 26.72
CA GLU C 396 -6.22 -34.00 26.82
C GLU C 396 -5.45 -34.29 25.53
N HIS C 397 -6.07 -33.98 24.41
CA HIS C 397 -5.47 -34.16 23.08
C HIS C 397 -4.22 -33.31 22.97
N LEU C 398 -4.30 -32.01 23.31
CA LEU C 398 -3.14 -31.11 23.26
C LEU C 398 -1.98 -31.68 24.10
N ARG C 399 -2.28 -32.13 25.32
CA ARG C 399 -1.22 -32.68 26.20
C ARG C 399 -0.62 -33.96 25.56
N ARG C 400 -1.47 -34.85 25.06
N ARG C 400 -1.47 -34.85 25.06
CA ARG C 400 -0.95 -36.10 24.45
CA ARG C 400 -0.94 -36.09 24.46
C ARG C 400 0.03 -35.78 23.31
C ARG C 400 0.03 -35.78 23.31
N LEU C 401 -0.32 -34.84 22.42
CA LEU C 401 0.62 -34.50 21.33
C LEU C 401 1.90 -33.90 21.91
N ALA C 402 1.82 -32.99 22.87
CA ALA C 402 3.02 -32.42 23.49
C ALA C 402 3.92 -33.53 24.06
N GLU C 403 3.31 -34.51 24.71
CA GLU C 403 4.03 -35.64 25.38
C GLU C 403 4.55 -36.64 24.36
N SER C 404 4.18 -36.48 23.08
CA SER C 404 4.50 -37.42 22.00
C SER C 404 5.46 -36.80 20.99
N SER C 405 5.88 -35.58 21.22
CA SER C 405 6.67 -34.80 20.23
C SER C 405 8.14 -35.11 20.35
N PRO C 406 8.84 -35.39 19.24
CA PRO C 406 10.31 -35.48 19.26
C PRO C 406 11.02 -34.26 19.86
N SER C 407 10.35 -33.11 19.89
CA SER C 407 10.97 -31.89 20.46
C SER C 407 11.32 -32.07 21.92
N ILE C 408 10.62 -32.95 22.64
CA ILE C 408 10.87 -33.04 24.10
C ILE C 408 11.94 -34.11 24.39
N VAL C 409 12.54 -34.76 23.40
CA VAL C 409 13.59 -35.79 23.70
C VAL C 409 14.89 -35.12 24.17
N THR C 410 15.16 -33.87 23.79
CA THR C 410 16.45 -33.20 24.10
C THR C 410 16.88 -33.37 25.56
N PRO C 411 16.03 -33.15 26.59
CA PRO C 411 16.50 -33.25 27.97
C PRO C 411 16.90 -34.69 28.36
N LEU C 412 16.69 -35.68 27.50
CA LEU C 412 17.19 -37.09 27.73
C LEU C 412 18.62 -37.26 27.23
N ASN C 413 19.12 -36.37 26.39
CA ASN C 413 20.42 -36.56 25.69
C ASN C 413 21.49 -36.92 26.72
N SER C 414 21.54 -36.21 27.85
CA SER C 414 22.64 -36.39 28.85
C SER C 414 22.56 -37.78 29.49
N ALA C 415 21.38 -38.44 29.53
CA ALA C 415 21.21 -39.77 30.14
C ALA C 415 21.42 -40.88 29.09
N ILE C 416 20.84 -40.74 27.90
CA ILE C 416 20.74 -41.88 26.93
C ILE C 416 21.64 -41.65 25.70
N GLY C 417 22.19 -40.47 25.48
CA GLY C 417 23.00 -40.15 24.29
C GLY C 417 22.16 -39.71 23.10
N TYR C 418 22.77 -38.96 22.18
CA TYR C 418 22.10 -38.34 21.00
C TYR C 418 21.46 -39.42 20.14
N GLU C 419 22.22 -40.49 19.86
CA GLU C 419 21.83 -41.57 18.92
C GLU C 419 20.53 -42.23 19.40
N GLU C 420 20.47 -42.58 20.68
CA GLU C 420 19.30 -43.27 21.25
C GLU C 420 18.14 -42.26 21.39
N ALA C 421 18.41 -41.02 21.78
CA ALA C 421 17.34 -39.98 21.77
C ALA C 421 16.71 -39.89 20.37
N ALA C 422 17.49 -39.95 19.30
CA ALA C 422 16.97 -39.90 17.91
C ALA C 422 16.11 -41.13 17.64
N ALA C 423 16.56 -42.31 18.09
CA ALA C 423 15.81 -43.57 17.92
C ALA C 423 14.49 -43.53 18.70
N VAL C 424 14.49 -42.97 19.89
CA VAL C 424 13.26 -42.78 20.68
C VAL C 424 12.28 -41.90 19.90
N ALA C 425 12.74 -40.75 19.39
CA ALA C 425 11.86 -39.81 18.64
C ALA C 425 11.29 -40.51 17.41
N LYS C 426 12.13 -41.23 16.66
CA LYS C 426 11.68 -41.91 15.45
C LYS C 426 10.62 -43.00 15.78
N GLN C 427 10.87 -43.82 16.80
CA GLN C 427 9.92 -44.88 17.17
C GLN C 427 8.63 -44.27 17.72
N ALA C 428 8.70 -43.21 18.51
CA ALA C 428 7.48 -42.61 19.06
C ALA C 428 6.57 -42.14 17.92
N LEU C 429 7.16 -41.50 16.91
N LEU C 429 7.16 -41.51 16.91
CA LEU C 429 6.41 -40.97 15.74
CA LEU C 429 6.36 -40.98 15.78
C LEU C 429 5.79 -42.13 14.98
C LEU C 429 5.78 -42.13 14.96
N LYS C 430 6.58 -43.15 14.70
CA LYS C 430 6.12 -44.31 13.89
C LYS C 430 4.98 -45.04 14.61
N GLU C 431 5.08 -45.26 15.92
CA GLU C 431 4.10 -46.09 16.69
C GLU C 431 2.97 -45.24 17.25
N ARG C 432 3.06 -43.90 17.15
CA ARG C 432 2.07 -42.94 17.70
C ARG C 432 2.00 -43.11 19.21
N LYS C 433 3.14 -43.08 19.89
CA LYS C 433 3.18 -43.28 21.34
C LYS C 433 3.81 -42.04 21.97
N THR C 434 3.69 -41.89 23.27
CA THR C 434 4.37 -40.82 23.98
C THR C 434 5.89 -41.10 24.02
N ILE C 435 6.66 -40.06 24.26
CA ILE C 435 8.10 -40.23 24.50
C ILE C 435 8.29 -41.08 25.75
N ARG C 436 7.55 -40.81 26.82
CA ARG C 436 7.70 -41.60 28.06
C ARG C 436 7.50 -43.09 27.72
N GLN C 437 6.41 -43.40 27.03
CA GLN C 437 6.09 -44.82 26.74
C GLN C 437 7.17 -45.42 25.84
N THR C 438 7.72 -44.67 24.89
CA THR C 438 8.74 -45.17 23.98
C THR C 438 10.02 -45.47 24.78
N VAL C 439 10.43 -44.58 25.69
CA VAL C 439 11.67 -44.77 26.48
C VAL C 439 11.49 -46.08 27.28
N ILE C 440 10.35 -46.28 27.88
CA ILE C 440 10.10 -47.53 28.66
C ILE C 440 10.15 -48.72 27.71
N ASP C 441 9.47 -48.64 26.57
N ASP C 441 9.51 -48.64 26.54
CA ASP C 441 9.35 -49.73 25.58
CA ASP C 441 9.35 -49.73 25.54
C ASP C 441 10.75 -50.14 25.11
C ASP C 441 10.72 -50.14 24.96
N ARG C 442 11.65 -49.19 24.85
CA ARG C 442 13.03 -49.51 24.40
C ARG C 442 13.91 -50.07 25.51
N GLY C 443 13.37 -50.19 26.73
CA GLY C 443 14.10 -50.79 27.87
C GLY C 443 15.17 -49.90 28.44
N LEU C 444 15.04 -48.56 28.35
CA LEU C 444 16.09 -47.64 28.80
C LEU C 444 15.98 -47.34 30.29
N ILE C 445 14.90 -47.71 30.96
CA ILE C 445 14.82 -47.42 32.42
C ILE C 445 15.77 -48.39 33.17
N GLY C 446 16.44 -47.90 34.22
CA GLY C 446 17.42 -48.67 35.03
C GLY C 446 18.84 -48.22 34.72
N ASP C 447 19.35 -48.57 33.55
CA ASP C 447 20.75 -48.28 33.14
C ASP C 447 20.95 -46.77 33.24
N ARG C 448 20.27 -46.07 32.35
CA ARG C 448 20.54 -44.66 31.97
C ARG C 448 19.85 -43.78 33.01
N LEU C 449 18.62 -44.12 33.35
CA LEU C 449 17.86 -43.23 34.24
C LEU C 449 16.68 -43.96 34.87
N SER C 450 16.20 -43.36 35.94
CA SER C 450 15.06 -43.89 36.71
C SER C 450 13.74 -43.33 36.20
N ILE C 451 12.66 -43.93 36.60
CA ILE C 451 11.32 -43.37 36.28
C ILE C 451 11.21 -41.96 36.86
N GLU C 452 11.71 -41.74 38.07
CA GLU C 452 11.61 -40.43 38.74
C GLU C 452 12.31 -39.41 37.83
N ASP C 453 13.50 -39.73 37.34
CA ASP C 453 14.31 -38.82 36.49
C ASP C 453 13.57 -38.62 35.14
N LEU C 454 13.03 -39.69 34.57
CA LEU C 454 12.30 -39.60 33.30
C LEU C 454 11.16 -38.61 33.45
N ASP C 455 10.38 -38.73 34.52
CA ASP C 455 9.17 -37.90 34.72
C ASP C 455 9.58 -36.46 34.98
N ARG C 456 10.72 -36.22 35.61
CA ARG C 456 11.22 -34.84 35.81
C ARG C 456 11.63 -34.28 34.45
N ARG C 457 12.33 -35.05 33.65
CA ARG C 457 12.93 -34.51 32.41
C ARG C 457 11.82 -34.29 31.38
N LEU C 458 10.75 -35.09 31.36
CA LEU C 458 9.72 -35.03 30.30
C LEU C 458 8.44 -34.33 30.78
N ASP C 459 8.45 -33.64 31.91
CA ASP C 459 7.27 -32.89 32.42
C ASP C 459 7.01 -31.68 31.49
N VAL C 460 6.07 -31.85 30.58
CA VAL C 460 5.89 -30.85 29.49
C VAL C 460 5.40 -29.53 30.09
N LEU C 461 4.60 -29.53 31.14
CA LEU C 461 4.14 -28.27 31.74
C LEU C 461 5.33 -27.53 32.33
N ALA C 462 6.25 -28.22 33.00
CA ALA C 462 7.48 -27.63 33.53
C ALA C 462 8.35 -27.16 32.38
N MET C 463 8.38 -27.87 31.27
CA MET C 463 9.17 -27.45 30.10
C MET C 463 8.60 -26.15 29.50
N ALA C 464 7.29 -25.94 29.60
CA ALA C 464 6.65 -24.67 29.13
C ALA C 464 6.93 -23.55 30.12
N LYS C 465 7.55 -23.86 31.28
CA LYS C 465 7.94 -22.86 32.31
C LYS C 465 6.64 -22.21 32.79
N ALA C 466 5.61 -23.01 33.01
CA ALA C 466 4.31 -22.63 33.60
C ALA C 466 4.07 -23.55 34.83
N GLU C 467 3.14 -23.17 35.71
CA GLU C 467 2.87 -23.83 37.02
C GLU C 467 1.36 -24.07 37.18
N TYR D 10 40.37 -20.74 -0.23
CA TYR D 10 39.93 -21.83 -1.15
C TYR D 10 39.93 -23.18 -0.42
N ARG D 11 39.67 -23.19 0.91
CA ARG D 11 39.89 -24.34 1.83
C ARG D 11 38.61 -25.19 1.89
N ILE D 12 38.66 -26.33 2.60
CA ILE D 12 37.55 -27.32 2.70
C ILE D 12 37.16 -27.51 4.17
N GLU D 13 35.88 -27.81 4.44
CA GLU D 13 35.30 -28.06 5.79
C GLU D 13 34.31 -29.22 5.74
N HIS D 14 33.91 -29.72 6.92
CA HIS D 14 33.16 -31.00 7.10
C HIS D 14 31.81 -30.70 7.79
N ASP D 15 30.76 -30.61 6.98
CA ASP D 15 29.35 -30.41 7.41
C ASP D 15 28.73 -31.79 7.56
N THR D 16 27.94 -32.02 8.62
CA THR D 16 27.28 -33.34 8.90
C THR D 16 26.22 -33.63 7.82
N MET D 17 26.42 -33.15 6.58
CA MET D 17 25.74 -33.66 5.35
C MET D 17 26.66 -33.51 4.11
N GLY D 18 27.98 -33.36 4.29
CA GLY D 18 28.97 -33.43 3.19
C GLY D 18 30.16 -32.50 3.38
N GLU D 19 30.92 -32.27 2.29
CA GLU D 19 32.10 -31.37 2.24
C GLU D 19 31.66 -29.94 1.82
N VAL D 20 32.34 -28.91 2.35
CA VAL D 20 32.03 -27.47 2.08
C VAL D 20 33.33 -26.72 1.76
N ARG D 21 33.38 -26.05 0.60
CA ARG D 21 34.51 -25.21 0.12
C ARG D 21 34.29 -23.77 0.60
N VAL D 22 35.24 -23.17 1.33
CA VAL D 22 35.09 -21.82 1.94
C VAL D 22 36.28 -20.93 1.56
N PRO D 23 36.07 -19.65 1.17
CA PRO D 23 37.18 -18.74 0.87
C PRO D 23 38.21 -18.67 2.00
N ALA D 24 39.48 -18.41 1.67
CA ALA D 24 40.63 -18.59 2.58
C ALA D 24 40.65 -17.47 3.63
N LYS D 25 40.39 -16.22 3.23
CA LYS D 25 40.35 -15.03 4.12
C LYS D 25 39.01 -14.93 4.88
N ALA D 26 38.13 -15.94 4.77
CA ALA D 26 36.77 -15.93 5.39
C ALA D 26 36.84 -16.47 6.82
N LEU D 27 36.25 -15.72 7.74
CA LEU D 27 36.11 -16.08 9.18
C LEU D 27 34.81 -16.86 9.38
N TRP D 28 33.89 -16.86 8.41
CA TRP D 28 32.70 -17.72 8.51
C TRP D 28 33.08 -19.16 8.25
N ARG D 29 32.22 -20.11 8.59
CA ARG D 29 32.53 -21.55 8.47
C ARG D 29 31.40 -22.23 7.68
N ALA D 30 31.12 -23.50 7.96
CA ALA D 30 30.31 -24.38 7.10
C ALA D 30 28.85 -23.89 6.99
N GLN D 31 28.17 -23.64 8.11
CA GLN D 31 26.72 -23.31 8.10
C GLN D 31 26.52 -22.04 7.26
N THR D 32 27.40 -21.05 7.39
CA THR D 32 27.32 -19.79 6.63
C THR D 32 27.50 -20.08 5.15
N GLN D 33 28.49 -20.90 4.79
CA GLN D 33 28.73 -21.17 3.35
C GLN D 33 27.52 -21.93 2.78
N ARG D 34 26.89 -22.81 3.56
CA ARG D 34 25.65 -23.49 3.12
C ARG D 34 24.52 -22.46 2.87
N ALA D 35 24.34 -21.47 3.73
CA ALA D 35 23.34 -20.39 3.53
C ALA D 35 23.68 -19.55 2.27
N VAL D 36 24.96 -19.30 2.01
CA VAL D 36 25.37 -18.57 0.78
C VAL D 36 24.86 -19.34 -0.44
N GLU D 37 25.01 -20.65 -0.43
CA GLU D 37 24.63 -21.51 -1.58
C GLU D 37 23.12 -21.63 -1.68
N ASN D 38 22.40 -21.59 -0.55
N ASN D 38 22.39 -21.54 -0.56
CA ASN D 38 20.93 -21.80 -0.46
CA ASN D 38 20.93 -21.84 -0.54
C ASN D 38 20.15 -20.58 -0.97
C ASN D 38 20.11 -20.58 -0.90
N PHE D 39 20.64 -19.36 -0.71
CA PHE D 39 19.83 -18.14 -0.89
C PHE D 39 20.45 -17.15 -1.86
N PRO D 40 20.82 -17.50 -3.12
CA PRO D 40 21.31 -16.48 -4.06
C PRO D 40 20.12 -15.74 -4.69
N ILE D 41 19.58 -14.77 -3.98
CA ILE D 41 18.27 -14.16 -4.32
C ILE D 41 18.47 -12.70 -4.67
N SER D 42 18.97 -11.86 -3.76
CA SER D 42 19.11 -10.40 -3.98
C SER D 42 20.58 -10.04 -4.25
N GLY D 43 21.52 -10.81 -3.73
CA GLY D 43 22.96 -10.48 -3.81
C GLY D 43 23.34 -9.40 -2.79
N ARG D 44 22.48 -9.13 -1.81
CA ARG D 44 22.82 -8.15 -0.76
C ARG D 44 22.64 -8.83 0.58
N GLY D 45 23.60 -8.58 1.49
CA GLY D 45 23.52 -9.11 2.85
C GLY D 45 23.21 -8.04 3.87
N LEU D 46 23.47 -8.35 5.12
CA LEU D 46 23.17 -7.44 6.24
C LEU D 46 23.93 -6.14 6.07
N GLU D 47 23.31 -5.07 6.51
CA GLU D 47 23.98 -3.75 6.60
C GLU D 47 24.87 -3.65 7.85
N ARG D 48 25.77 -2.68 7.80
CA ARG D 48 26.74 -2.41 8.91
C ARG D 48 25.97 -2.30 10.24
N THR D 49 24.82 -1.63 10.28
CA THR D 49 24.05 -1.41 11.53
C THR D 49 23.60 -2.75 12.11
N GLN D 50 23.20 -3.68 11.25
CA GLN D 50 22.72 -5.01 11.66
C GLN D 50 23.87 -5.86 12.17
N ILE D 51 25.01 -5.82 11.48
CA ILE D 51 26.24 -6.57 11.90
C ILE D 51 26.67 -6.06 13.27
N ARG D 52 26.65 -4.74 13.42
CA ARG D 52 27.09 -4.13 14.69
C ARG D 52 26.18 -4.62 15.80
N ALA D 53 24.88 -4.61 15.57
CA ALA D 53 23.92 -5.04 16.60
C ALA D 53 24.14 -6.51 16.94
N LEU D 54 24.43 -7.37 15.99
CA LEU D 54 24.67 -8.79 16.28
C LEU D 54 25.95 -8.91 17.12
N GLY D 55 26.98 -8.14 16.83
CA GLY D 55 28.19 -8.18 17.70
C GLY D 55 27.87 -7.69 19.08
N LEU D 56 27.17 -6.57 19.24
CA LEU D 56 26.81 -6.05 20.57
C LEU D 56 26.10 -7.17 21.35
N LEU D 57 25.12 -7.81 20.72
CA LEU D 57 24.30 -8.82 21.42
C LEU D 57 25.18 -10.00 21.86
N LYS D 58 26.06 -10.48 20.99
CA LYS D 58 26.89 -11.67 21.34
C LYS D 58 27.84 -11.33 22.50
N GLY D 59 28.40 -10.12 22.54
CA GLY D 59 29.27 -9.72 23.66
C GLY D 59 28.48 -9.66 24.98
N ALA D 60 27.28 -9.10 24.94
CA ALA D 60 26.45 -8.96 26.14
C ALA D 60 26.07 -10.36 26.65
N CYS D 61 25.69 -11.27 25.74
CA CYS D 61 25.26 -12.61 26.17
C CYS D 61 26.44 -13.34 26.85
N ALA D 62 27.63 -13.22 26.26
CA ALA D 62 28.87 -13.85 26.81
C ALA D 62 29.14 -13.27 28.19
N GLN D 63 28.96 -11.97 28.35
N GLN D 63 29.02 -11.97 28.38
CA GLN D 63 29.20 -11.27 29.65
CA GLN D 63 29.27 -11.42 29.74
C GLN D 63 28.26 -11.83 30.72
C GLN D 63 28.29 -12.06 30.72
N VAL D 64 27.00 -12.06 30.39
CA VAL D 64 25.98 -12.51 31.36
C VAL D 64 26.20 -14.00 31.63
N ASN D 65 26.54 -14.79 30.61
CA ASN D 65 26.82 -16.22 30.81
C ASN D 65 28.06 -16.37 31.72
N SER D 66 29.05 -15.51 31.58
CA SER D 66 30.26 -15.52 32.45
C SER D 66 29.84 -15.11 33.88
N ASP D 67 29.08 -14.03 34.02
CA ASP D 67 28.60 -13.55 35.35
C ASP D 67 27.81 -14.63 36.10
N LEU D 68 27.04 -15.49 35.42
CA LEU D 68 26.20 -16.53 36.05
C LEU D 68 26.99 -17.82 36.25
N GLY D 69 28.26 -17.86 35.85
CA GLY D 69 29.12 -19.04 36.02
C GLY D 69 28.86 -20.13 34.98
N LEU D 70 28.18 -19.84 33.86
CA LEU D 70 27.77 -20.87 32.89
C LEU D 70 28.84 -21.01 31.83
N LEU D 71 29.68 -20.00 31.65
CA LEU D 71 30.71 -19.95 30.60
C LEU D 71 32.03 -19.57 31.26
N ALA D 72 33.07 -20.37 31.00
CA ALA D 72 34.42 -20.18 31.57
C ALA D 72 34.89 -18.78 31.20
N PRO D 73 35.53 -18.05 32.13
CA PRO D 73 35.95 -16.68 31.86
C PRO D 73 36.87 -16.54 30.64
N GLU D 74 37.77 -17.49 30.37
CA GLU D 74 38.67 -17.47 29.19
C GLU D 74 37.82 -17.36 27.91
N LYS D 75 36.84 -18.25 27.76
CA LYS D 75 35.95 -18.30 26.57
C LYS D 75 35.16 -17.00 26.49
N ALA D 76 34.66 -16.50 27.61
CA ALA D 76 33.77 -15.31 27.63
C ALA D 76 34.59 -14.12 27.20
N ASP D 77 35.83 -14.01 27.70
CA ASP D 77 36.70 -12.88 27.33
C ASP D 77 36.99 -12.89 25.81
N ALA D 78 37.19 -14.06 25.25
CA ALA D 78 37.48 -14.24 23.80
C ALA D 78 36.22 -13.83 23.00
N ILE D 79 35.04 -14.26 23.44
CA ILE D 79 33.78 -13.86 22.73
C ILE D 79 33.63 -12.34 22.85
N ILE D 80 33.86 -11.77 24.03
CA ILE D 80 33.67 -10.32 24.24
C ILE D 80 34.62 -9.54 23.35
N ALA D 81 35.88 -9.97 23.21
CA ALA D 81 36.84 -9.21 22.38
C ALA D 81 36.47 -9.35 20.89
N ALA D 82 36.09 -10.55 20.43
CA ALA D 82 35.71 -10.81 19.02
C ALA D 82 34.42 -10.02 18.71
N ALA D 83 33.43 -10.07 19.59
CA ALA D 83 32.17 -9.27 19.48
C ALA D 83 32.44 -7.77 19.40
N ALA D 84 33.40 -7.24 20.16
CA ALA D 84 33.72 -5.79 20.17
C ALA D 84 34.26 -5.41 18.79
N GLU D 85 35.07 -6.28 18.19
CA GLU D 85 35.63 -6.04 16.84
C GLU D 85 34.46 -5.92 15.86
N ILE D 86 33.53 -6.88 15.90
CA ILE D 86 32.33 -6.84 15.00
C ILE D 86 31.52 -5.56 15.25
N ALA D 87 31.22 -5.21 16.49
CA ALA D 87 30.42 -4.02 16.83
C ALA D 87 31.10 -2.74 16.33
N ASP D 88 32.43 -2.75 16.21
CA ASP D 88 33.24 -1.55 15.82
C ASP D 88 33.45 -1.55 14.30
N GLY D 89 32.84 -2.49 13.59
CA GLY D 89 32.83 -2.49 12.12
C GLY D 89 34.08 -3.09 11.51
N GLN D 90 34.86 -3.89 12.23
CA GLN D 90 36.13 -4.41 11.68
C GLN D 90 35.88 -5.64 10.82
N HIS D 91 34.66 -6.17 10.74
CA HIS D 91 34.38 -7.45 10.03
C HIS D 91 33.11 -7.35 9.16
N ASP D 92 32.81 -6.16 8.64
CA ASP D 92 31.60 -5.92 7.81
C ASP D 92 31.63 -6.76 6.54
N ASP D 93 32.76 -7.39 6.18
CA ASP D 93 32.93 -8.23 4.97
C ASP D 93 32.83 -9.72 5.30
N GLN D 94 32.50 -10.10 6.53
CA GLN D 94 32.41 -11.53 6.93
C GLN D 94 30.94 -11.97 7.07
N PHE D 95 29.99 -11.25 6.46
CA PHE D 95 28.54 -11.57 6.59
C PHE D 95 27.91 -11.66 5.21
N PRO D 96 28.15 -12.77 4.49
CA PRO D 96 27.81 -12.83 3.07
C PRO D 96 26.39 -13.32 2.77
N ILE D 97 25.64 -13.70 3.82
CA ILE D 97 24.31 -14.32 3.62
C ILE D 97 23.30 -13.29 3.09
N ASP D 98 22.50 -13.71 2.12
CA ASP D 98 21.40 -12.88 1.57
C ASP D 98 20.48 -12.41 2.69
N VAL D 99 19.88 -11.25 2.49
CA VAL D 99 18.72 -10.79 3.29
C VAL D 99 17.58 -11.79 3.23
N PHE D 100 17.34 -12.38 2.08
CA PHE D 100 16.20 -13.29 1.84
C PHE D 100 16.66 -14.70 2.19
N GLN D 101 16.69 -14.93 3.49
CA GLN D 101 17.17 -16.17 4.15
C GLN D 101 16.02 -16.75 4.98
N THR D 102 16.30 -17.80 5.74
CA THR D 102 15.31 -18.35 6.68
C THR D 102 14.72 -17.21 7.50
N GLY D 103 13.42 -17.24 7.73
CA GLY D 103 12.69 -16.04 8.16
C GLY D 103 12.86 -15.74 9.62
N SER D 104 13.52 -16.61 10.40
CA SER D 104 13.92 -16.32 11.78
C SER D 104 15.21 -15.50 11.82
N GLY D 105 15.96 -15.48 10.74
CA GLY D 105 17.33 -14.92 10.75
C GLY D 105 18.31 -15.85 11.44
N THR D 106 17.97 -17.14 11.59
CA THR D 106 18.93 -18.09 12.19
C THR D 106 20.23 -18.15 11.38
N SER D 107 20.19 -18.02 10.06
CA SER D 107 21.38 -18.12 9.23
C SER D 107 22.37 -17.02 9.62
N SER D 108 21.92 -15.78 9.74
CA SER D 108 22.81 -14.67 10.16
C SER D 108 23.24 -14.84 11.62
N ASN D 109 22.36 -15.37 12.46
CA ASN D 109 22.75 -15.70 13.86
C ASN D 109 23.94 -16.66 13.85
N MET D 110 23.85 -17.74 13.10
CA MET D 110 24.96 -18.72 13.00
C MET D 110 26.21 -18.08 12.37
N ASN D 111 26.04 -17.19 11.40
CA ASN D 111 27.14 -16.48 10.73
C ASN D 111 27.95 -15.74 11.82
N THR D 112 27.26 -15.10 12.75
CA THR D 112 27.89 -14.32 13.83
C THR D 112 28.64 -15.29 14.77
N ASN D 113 28.03 -16.41 15.07
CA ASN D 113 28.62 -17.42 15.99
C ASN D 113 29.93 -17.92 15.36
N GLU D 114 29.92 -18.18 14.06
CA GLU D 114 31.08 -18.79 13.36
C GLU D 114 32.22 -17.78 13.23
N VAL D 115 31.94 -16.52 12.94
CA VAL D 115 32.96 -15.47 12.79
C VAL D 115 33.62 -15.24 14.16
N ILE D 116 32.84 -15.20 15.23
CA ILE D 116 33.43 -15.01 16.59
C ILE D 116 34.36 -16.19 16.88
N ALA D 117 33.94 -17.39 16.56
CA ALA D 117 34.74 -18.62 16.81
C ALA D 117 36.08 -18.56 16.06
N SER D 118 36.08 -18.06 14.82
CA SER D 118 37.30 -17.94 13.98
C SER D 118 38.17 -16.82 14.54
N ILE D 119 37.59 -15.71 14.96
CA ILE D 119 38.40 -14.61 15.55
C ILE D 119 39.08 -15.12 16.82
N ALA D 120 38.35 -15.88 17.64
CA ALA D 120 38.86 -16.38 18.94
C ALA D 120 40.00 -17.38 18.72
N ALA D 121 39.91 -18.20 17.67
CA ALA D 121 40.91 -19.21 17.29
C ALA D 121 42.25 -18.54 16.91
N LYS D 122 42.22 -17.40 16.21
CA LYS D 122 43.44 -16.57 15.91
C LYS D 122 44.13 -16.13 17.21
N GLY D 123 43.37 -15.86 18.27
CA GLY D 123 43.89 -15.48 19.61
C GLY D 123 44.16 -16.69 20.51
N GLY D 124 44.03 -17.92 20.00
CA GLY D 124 44.44 -19.17 20.68
C GLY D 124 43.36 -19.81 21.53
N VAL D 125 42.11 -19.38 21.44
CA VAL D 125 41.00 -19.99 22.22
C VAL D 125 40.05 -20.75 21.28
N THR D 126 39.63 -21.95 21.69
CA THR D 126 38.66 -22.83 20.99
C THR D 126 37.24 -22.60 21.56
N LEU D 127 36.35 -22.04 20.73
CA LEU D 127 34.92 -21.79 21.00
C LEU D 127 34.08 -22.64 20.05
N HIS D 128 33.08 -23.30 20.58
CA HIS D 128 32.01 -23.95 19.81
C HIS D 128 31.03 -22.84 19.40
N PRO D 129 30.73 -22.64 18.10
CA PRO D 129 29.77 -21.62 17.69
C PRO D 129 28.43 -21.75 18.44
N ASN D 130 27.85 -22.94 18.48
CA ASN D 130 26.56 -23.15 19.16
C ASN D 130 26.75 -23.16 20.67
N ASP D 131 27.54 -24.08 21.20
CA ASP D 131 27.50 -24.42 22.64
C ASP D 131 28.05 -23.24 23.46
N ASP D 132 29.02 -22.51 22.93
CA ASP D 132 29.67 -21.36 23.61
C ASP D 132 29.10 -20.01 23.16
N VAL D 133 29.20 -19.67 21.88
CA VAL D 133 28.81 -18.31 21.42
C VAL D 133 27.26 -18.16 21.44
N ASN D 134 26.51 -19.25 21.28
CA ASN D 134 25.03 -19.25 21.28
C ASN D 134 24.47 -19.74 22.62
N MET D 135 25.32 -19.84 23.66
CA MET D 135 24.85 -20.35 24.98
C MET D 135 23.66 -19.50 25.49
N SER D 136 22.59 -20.15 25.94
CA SER D 136 21.42 -19.51 26.59
C SER D 136 20.56 -18.77 25.55
N GLN D 137 20.86 -18.95 24.27
CA GLN D 137 20.14 -18.27 23.17
C GLN D 137 19.52 -19.32 22.28
N SER D 138 18.62 -18.89 21.43
CA SER D 138 18.07 -19.85 20.48
C SER D 138 18.29 -19.34 19.09
N SER D 139 17.81 -20.12 18.13
N SER D 139 17.79 -20.09 18.12
CA SER D 139 17.75 -19.73 16.70
CA SER D 139 17.78 -19.68 16.70
C SER D 139 16.78 -18.55 16.49
C SER D 139 16.73 -18.57 16.45
N ASN D 140 15.88 -18.22 17.44
CA ASN D 140 14.67 -17.36 17.23
C ASN D 140 14.54 -16.10 18.06
N ASP D 141 15.35 -15.88 19.12
CA ASP D 141 15.23 -14.69 19.99
C ASP D 141 16.44 -13.77 19.73
N THR D 142 17.40 -14.21 18.93
CA THR D 142 18.66 -13.47 18.69
C THR D 142 18.48 -12.44 17.56
N PHE D 143 18.07 -12.88 16.37
CA PHE D 143 17.99 -11.95 15.21
C PHE D 143 16.94 -10.87 15.47
N PRO D 144 15.74 -11.12 16.03
CA PRO D 144 14.83 -10.01 16.32
C PRO D 144 15.35 -9.04 17.38
N THR D 145 16.11 -9.56 18.37
CA THR D 145 16.76 -8.65 19.34
C THR D 145 17.72 -7.72 18.60
N ALA D 146 18.61 -8.29 17.79
CA ALA D 146 19.60 -7.48 17.03
C ALA D 146 18.86 -6.47 16.14
N THR D 147 17.75 -6.87 15.55
CA THR D 147 16.94 -5.96 14.70
C THR D 147 16.43 -4.75 15.50
N HIS D 148 15.83 -5.00 16.66
CA HIS D 148 15.28 -3.94 17.54
C HIS D 148 16.39 -3.08 18.14
N ILE D 149 17.56 -3.64 18.46
CA ILE D 149 18.72 -2.80 18.88
C ILE D 149 19.07 -1.83 17.74
N ALA D 150 19.21 -2.36 16.52
CA ALA D 150 19.61 -1.54 15.37
C ALA D 150 18.56 -0.46 15.11
N ALA D 151 17.28 -0.79 15.17
CA ALA D 151 16.19 0.15 14.87
C ALA D 151 16.14 1.24 15.93
N THR D 152 16.35 0.87 17.21
CA THR D 152 16.27 1.83 18.32
C THR D 152 17.48 2.78 18.20
N GLU D 153 18.68 2.25 17.94
CA GLU D 153 19.90 3.10 17.75
C GLU D 153 19.63 4.06 16.56
N ALA D 154 19.08 3.53 15.49
CA ALA D 154 18.81 4.35 14.30
C ALA D 154 17.86 5.47 14.69
N ALA D 155 16.79 5.22 15.44
CA ALA D 155 15.79 6.21 15.81
C ALA D 155 16.43 7.30 16.68
N VAL D 156 17.15 6.85 17.72
CA VAL D 156 17.55 7.75 18.84
C VAL D 156 18.84 8.47 18.51
N ALA D 157 19.83 7.77 17.97
CA ALA D 157 21.17 8.33 17.78
C ALA D 157 21.26 9.06 16.44
N HIS D 158 20.42 8.74 15.46
CA HIS D 158 20.62 9.21 14.06
C HIS D 158 19.40 10.00 13.60
N LEU D 159 18.21 9.40 13.61
CA LEU D 159 17.07 10.04 12.95
C LEU D 159 16.64 11.24 13.72
N ILE D 160 16.43 11.13 15.03
CA ILE D 160 15.89 12.27 15.79
C ILE D 160 16.82 13.47 15.67
N PRO D 161 18.15 13.34 15.82
CA PRO D 161 19.03 14.50 15.62
C PRO D 161 18.97 15.06 14.20
N ALA D 162 18.83 14.21 13.19
CA ALA D 162 18.75 14.76 11.82
C ALA D 162 17.44 15.55 11.64
N LEU D 163 16.33 15.04 12.15
CA LEU D 163 15.04 15.75 12.07
C LEU D 163 15.17 17.05 12.85
N GLN D 164 15.89 17.04 13.98
CA GLN D 164 15.99 18.29 14.77
C GLN D 164 16.77 19.32 13.96
N GLN D 165 17.80 18.91 13.25
CA GLN D 165 18.59 19.80 12.35
C GLN D 165 17.65 20.41 11.30
N LEU D 166 16.81 19.58 10.71
CA LEU D 166 15.86 20.07 9.69
C LEU D 166 14.82 21.00 10.29
N HIS D 167 14.27 20.65 11.44
CA HIS D 167 13.34 21.50 12.20
C HIS D 167 14.02 22.84 12.43
N ASP D 168 15.24 22.83 12.93
CA ASP D 168 15.90 24.10 13.30
C ASP D 168 16.14 24.98 12.06
N ALA D 169 16.50 24.39 10.93
CA ALA D 169 16.67 25.13 9.67
C ALA D 169 15.33 25.74 9.25
N LEU D 170 14.24 24.99 9.26
CA LEU D 170 12.92 25.52 8.87
C LEU D 170 12.52 26.64 9.83
N ALA D 171 12.71 26.44 11.13
CA ALA D 171 12.30 27.43 12.13
C ALA D 171 13.10 28.74 11.94
N ALA D 172 14.37 28.65 11.59
CA ALA D 172 15.24 29.83 11.38
C ALA D 172 14.65 30.64 10.21
N LYS D 173 14.20 29.96 9.17
CA LYS D 173 13.57 30.65 8.02
C LYS D 173 12.21 31.23 8.42
N ALA D 174 11.41 30.54 9.23
CA ALA D 174 10.10 31.02 9.72
C ALA D 174 10.34 32.38 10.41
N LEU D 175 11.41 32.49 11.19
CA LEU D 175 11.72 33.78 11.88
C LEU D 175 12.32 34.82 10.91
N ASP D 176 13.26 34.46 10.06
N ASP D 176 13.24 34.40 10.03
CA ASP D 176 13.85 35.44 9.13
CA ASP D 176 13.95 35.25 9.03
C ASP D 176 12.69 36.05 8.33
C ASP D 176 12.93 35.91 8.09
N TRP D 177 11.78 35.22 7.85
CA TRP D 177 10.77 35.65 6.86
C TRP D 177 9.42 35.95 7.50
N HIS D 178 9.41 36.29 8.79
CA HIS D 178 8.18 36.55 9.56
C HIS D 178 7.30 37.64 8.90
N THR D 179 7.91 38.66 8.29
CA THR D 179 7.14 39.76 7.64
C THR D 179 7.31 39.76 6.11
N VAL D 180 7.76 38.66 5.53
CA VAL D 180 7.83 38.56 4.04
C VAL D 180 6.44 38.15 3.54
N VAL D 181 5.62 39.15 3.25
CA VAL D 181 4.22 38.93 2.84
C VAL D 181 4.17 38.37 1.42
N LYS D 182 3.15 37.56 1.18
CA LYS D 182 2.92 36.96 -0.15
C LYS D 182 1.44 36.61 -0.25
N SER D 183 1.04 36.06 -1.39
N SER D 183 1.03 36.07 -1.40
CA SER D 183 -0.35 35.59 -1.55
CA SER D 183 -0.36 35.58 -1.57
C SER D 183 -0.47 34.19 -0.96
C SER D 183 -0.47 34.19 -0.96
N GLY D 184 -1.49 33.96 -0.15
CA GLY D 184 -1.93 32.60 0.15
C GLY D 184 -2.42 31.92 -1.11
N ARG D 185 -2.42 30.61 -1.09
CA ARG D 185 -3.01 29.81 -2.21
C ARG D 185 -3.78 28.64 -1.58
N THR D 186 -5.04 28.56 -1.93
CA THR D 186 -5.90 27.43 -1.49
C THR D 186 -6.47 26.82 -2.76
N HIS D 187 -6.40 25.51 -2.88
CA HIS D 187 -6.86 24.80 -4.12
C HIS D 187 -6.01 25.26 -5.32
N LEU D 188 -4.82 25.82 -5.08
CA LEU D 188 -3.87 26.39 -6.09
C LEU D 188 -4.39 27.77 -6.56
N MET D 189 -5.47 28.28 -5.98
CA MET D 189 -6.07 29.56 -6.42
C MET D 189 -5.72 30.69 -5.46
N ASP D 190 -5.70 31.91 -5.99
CA ASP D 190 -5.33 33.13 -5.21
C ASP D 190 -6.19 33.19 -3.95
N ALA D 191 -5.54 33.29 -2.80
CA ALA D 191 -6.21 33.49 -1.52
C ALA D 191 -5.66 34.73 -0.81
N VAL D 192 -6.24 35.00 0.34
CA VAL D 192 -5.76 36.16 1.16
C VAL D 192 -4.32 35.99 1.59
N PRO D 193 -3.65 37.11 1.92
CA PRO D 193 -2.24 37.09 2.23
C PRO D 193 -1.81 36.20 3.41
N VAL D 194 -0.60 35.68 3.28
CA VAL D 194 0.14 35.02 4.38
C VAL D 194 1.57 35.54 4.31
N THR D 195 2.43 35.15 5.23
CA THR D 195 3.86 35.40 5.08
C THR D 195 4.58 34.11 4.73
N LEU D 196 5.69 34.23 4.08
CA LEU D 196 6.57 33.08 3.84
C LEU D 196 6.99 32.49 5.20
N GLY D 197 7.18 33.34 6.22
CA GLY D 197 7.51 32.87 7.57
C GLY D 197 6.44 31.96 8.14
N GLN D 198 5.19 32.31 8.00
CA GLN D 198 4.06 31.50 8.50
C GLN D 198 4.11 30.13 7.84
N GLU D 199 4.31 30.09 6.54
CA GLU D 199 4.34 28.81 5.80
C GLU D 199 5.44 27.95 6.40
N PHE D 200 6.64 28.52 6.57
CA PHE D 200 7.81 27.79 7.11
C PHE D 200 7.56 27.39 8.56
N SER D 201 6.76 28.14 9.32
CA SER D 201 6.41 27.75 10.71
C SER D 201 5.57 26.45 10.67
N GLY D 202 4.75 26.32 9.64
CA GLY D 202 3.94 25.11 9.41
C GLY D 202 4.86 23.95 9.07
N TYR D 203 5.80 24.12 8.16
CA TYR D 203 6.75 23.06 7.79
C TYR D 203 7.50 22.64 9.06
N ALA D 204 7.93 23.62 9.88
CA ALA D 204 8.75 23.29 11.05
C ALA D 204 7.89 22.47 12.01
N ARG D 205 6.62 22.82 12.19
CA ARG D 205 5.72 22.06 13.09
C ARG D 205 5.60 20.63 12.55
N GLN D 206 5.47 20.44 11.24
CA GLN D 206 5.36 19.07 10.69
C GLN D 206 6.57 18.25 11.12
N ILE D 207 7.77 18.82 11.07
CA ILE D 207 8.98 18.06 11.43
C ILE D 207 9.02 17.86 12.96
N GLU D 208 8.62 18.85 13.73
CA GLU D 208 8.58 18.73 15.21
C GLU D 208 7.60 17.60 15.59
N ALA D 209 6.46 17.53 14.92
CA ALA D 209 5.46 16.48 15.16
C ALA D 209 6.04 15.13 14.73
N GLY D 210 6.86 15.12 13.69
CA GLY D 210 7.58 13.90 13.27
C GLY D 210 8.45 13.39 14.39
N ILE D 211 9.18 14.29 15.03
CA ILE D 211 10.05 13.86 16.16
C ILE D 211 9.15 13.32 17.27
N GLU D 212 8.04 13.98 17.55
CA GLU D 212 7.09 13.48 18.58
C GLU D 212 6.63 12.07 18.22
N ARG D 213 6.33 11.84 16.94
CA ARG D 213 5.83 10.53 16.47
C ARG D 213 6.90 9.45 16.67
N VAL D 214 8.16 9.71 16.38
CA VAL D 214 9.25 8.74 16.59
C VAL D 214 9.39 8.48 18.09
N ARG D 215 9.41 9.55 18.89
N ARG D 215 9.42 9.53 18.91
CA ARG D 215 9.55 9.40 20.37
CA ARG D 215 9.56 9.33 20.38
C ARG D 215 8.43 8.51 20.89
C ARG D 215 8.41 8.47 20.89
N ALA D 216 7.19 8.67 20.42
CA ALA D 216 6.03 7.93 20.94
C ALA D 216 6.17 6.43 20.68
N CYS D 217 6.94 6.01 19.68
CA CYS D 217 6.99 4.57 19.35
C CYS D 217 8.11 3.88 20.14
N LEU D 218 8.98 4.65 20.81
CA LEU D 218 10.20 4.04 21.40
C LEU D 218 9.90 3.03 22.51
N PRO D 219 8.85 3.21 23.35
CA PRO D 219 8.56 2.24 24.42
C PRO D 219 8.35 0.83 23.86
N ARG D 220 7.87 0.70 22.62
CA ARG D 220 7.63 -0.63 22.01
C ARG D 220 8.73 -0.98 21.00
N LEU D 221 9.29 -0.01 20.29
CA LEU D 221 10.42 -0.33 19.39
C LEU D 221 11.61 -0.89 20.15
N GLY D 222 11.88 -0.41 21.37
CA GLY D 222 13.05 -0.81 22.13
C GLY D 222 12.88 -2.14 22.85
N GLU D 223 11.74 -2.80 22.76
CA GLU D 223 11.48 -4.11 23.41
C GLU D 223 12.34 -5.18 22.72
N LEU D 224 13.12 -5.94 23.51
CA LEU D 224 14.00 -7.00 23.02
C LEU D 224 13.44 -8.36 23.46
N ALA D 225 13.54 -9.35 22.57
CA ALA D 225 13.10 -10.72 22.80
C ALA D 225 14.11 -11.55 23.58
N ILE D 226 15.36 -11.09 23.71
CA ILE D 226 16.44 -11.96 24.24
C ILE D 226 16.01 -12.56 25.59
N GLY D 227 16.28 -13.84 25.76
CA GLY D 227 15.89 -14.59 26.96
C GLY D 227 14.64 -15.44 26.76
N GLY D 228 13.88 -15.20 25.69
CA GLY D 228 12.67 -16.01 25.43
C GLY D 228 13.00 -17.34 24.76
N THR D 229 14.22 -17.50 24.22
CA THR D 229 14.70 -18.73 23.54
C THR D 229 13.66 -19.20 22.51
N ALA D 230 13.51 -20.51 22.25
CA ALA D 230 12.95 -20.96 20.96
C ALA D 230 11.52 -20.51 20.73
N VAL D 231 10.70 -20.50 21.76
CA VAL D 231 9.23 -20.28 21.62
C VAL D 231 8.73 -19.15 22.52
N GLY D 232 9.56 -18.54 23.34
CA GLY D 232 9.09 -17.44 24.21
C GLY D 232 9.12 -17.81 25.68
N THR D 233 9.26 -19.10 25.98
CA THR D 233 9.13 -19.64 27.36
C THR D 233 10.44 -19.43 28.16
N GLY D 234 11.56 -19.18 27.52
CA GLY D 234 12.83 -19.04 28.22
C GLY D 234 13.44 -20.40 28.58
N LEU D 235 12.86 -21.50 28.10
CA LEU D 235 13.48 -22.83 28.29
C LEU D 235 14.93 -22.81 27.84
N ASN D 236 15.86 -23.31 28.68
CA ASN D 236 17.31 -23.43 28.39
C ASN D 236 18.04 -22.08 28.47
N ALA D 237 17.42 -21.08 29.07
CA ALA D 237 18.08 -19.83 29.47
C ALA D 237 17.86 -19.67 30.95
N PRO D 238 18.78 -18.96 31.62
CA PRO D 238 18.48 -18.43 32.95
C PRO D 238 17.21 -17.58 33.01
N ASP D 239 16.50 -17.63 34.14
CA ASP D 239 15.20 -16.89 34.31
C ASP D 239 15.38 -15.38 34.11
N ASP D 240 16.53 -14.83 34.46
CA ASP D 240 16.74 -13.36 34.35
C ASP D 240 17.72 -13.03 33.21
N PHE D 241 17.93 -13.94 32.27
CA PHE D 241 18.89 -13.73 31.16
C PHE D 241 18.56 -12.42 30.43
N GLY D 242 17.30 -12.23 30.04
CA GLY D 242 16.90 -11.05 29.28
C GLY D 242 17.18 -9.77 30.02
N VAL D 243 16.73 -9.67 31.27
N VAL D 243 16.76 -9.67 31.29
CA VAL D 243 16.95 -8.46 32.11
CA VAL D 243 16.96 -8.41 32.07
C VAL D 243 18.46 -8.18 32.23
C VAL D 243 18.47 -8.16 32.28
N ARG D 244 19.28 -9.20 32.44
CA ARG D 244 20.74 -9.02 32.61
C ARG D 244 21.38 -8.59 31.29
N VAL D 245 21.00 -9.20 30.17
CA VAL D 245 21.58 -8.86 28.84
C VAL D 245 21.16 -7.43 28.48
N VAL D 246 19.91 -7.07 28.69
CA VAL D 246 19.46 -5.68 28.39
C VAL D 246 20.29 -4.68 29.20
N ALA D 247 20.53 -4.94 30.47
CA ALA D 247 21.30 -3.97 31.27
C ALA D 247 22.72 -3.82 30.71
N VAL D 248 23.37 -4.89 30.27
CA VAL D 248 24.71 -4.79 29.64
C VAL D 248 24.60 -3.96 28.34
N LEU D 249 23.61 -4.24 27.51
CA LEU D 249 23.42 -3.47 26.25
C LEU D 249 23.20 -1.99 26.56
N VAL D 250 22.33 -1.65 27.50
CA VAL D 250 22.08 -0.22 27.82
C VAL D 250 23.40 0.43 28.25
N ALA D 251 24.16 -0.25 29.13
CA ALA D 251 25.46 0.26 29.62
C ALA D 251 26.42 0.52 28.46
N GLN D 252 26.51 -0.41 27.51
N GLN D 252 26.55 -0.47 27.57
CA GLN D 252 27.55 -0.35 26.45
CA GLN D 252 27.48 -0.42 26.42
C GLN D 252 27.13 0.57 25.28
C GLN D 252 27.11 0.73 25.47
N THR D 253 25.84 0.80 25.08
CA THR D 253 25.36 1.64 23.95
C THR D 253 24.94 3.01 24.44
N GLY D 254 24.60 3.17 25.71
CA GLY D 254 23.95 4.39 26.20
C GLY D 254 22.50 4.53 25.77
N LEU D 255 21.88 3.48 25.21
CA LEU D 255 20.50 3.53 24.72
C LEU D 255 19.57 3.10 25.83
N SER D 256 19.12 4.05 26.65
CA SER D 256 18.19 3.82 27.77
C SER D 256 16.82 3.33 27.28
N GLU D 257 16.54 3.44 25.97
CA GLU D 257 15.25 3.00 25.42
C GLU D 257 15.19 1.49 25.20
N LEU D 258 16.30 0.77 25.31
CA LEU D 258 16.25 -0.70 25.19
C LEU D 258 15.58 -1.22 26.45
N ARG D 259 14.77 -2.26 26.29
N ARG D 259 14.62 -2.13 26.28
CA ARG D 259 14.07 -2.84 27.44
CA ARG D 259 13.88 -2.75 27.40
C ARG D 259 13.72 -4.30 27.15
C ARG D 259 13.67 -4.24 27.13
N THR D 260 13.52 -5.08 28.19
N THR D 260 13.43 -5.02 28.18
CA THR D 260 12.95 -6.43 28.07
CA THR D 260 12.97 -6.41 28.03
C THR D 260 11.56 -6.29 27.45
C THR D 260 11.51 -6.36 27.59
N ALA D 261 11.10 -7.36 26.81
CA ALA D 261 9.72 -7.37 26.27
C ALA D 261 8.70 -7.43 27.40
N ALA D 262 7.63 -6.67 27.28
CA ALA D 262 6.46 -6.74 28.18
C ALA D 262 5.95 -8.20 28.24
N ASN D 263 5.86 -8.87 27.10
CA ASN D 263 5.34 -10.25 26.98
C ASN D 263 6.26 -11.00 26.05
N SER D 264 6.90 -12.06 26.54
N SER D 264 6.86 -12.08 26.54
CA SER D 264 7.93 -12.80 25.77
CA SER D 264 7.90 -12.84 25.82
C SER D 264 7.32 -13.51 24.57
C SER D 264 7.33 -13.53 24.59
N PHE D 265 6.03 -13.85 24.61
CA PHE D 265 5.37 -14.53 23.47
C PHE D 265 5.11 -13.50 22.38
N GLU D 266 4.55 -12.36 22.74
CA GLU D 266 4.29 -11.27 21.76
C GLU D 266 5.60 -10.90 21.07
N ALA D 267 6.72 -10.89 21.77
CA ALA D 267 8.00 -10.34 21.25
C ALA D 267 8.60 -11.28 20.21
N GLN D 268 8.10 -12.53 20.07
CA GLN D 268 8.66 -13.51 19.09
C GLN D 268 7.61 -13.88 18.06
N ALA D 269 6.35 -13.95 18.48
CA ALA D 269 5.22 -14.26 17.58
C ALA D 269 4.91 -13.11 16.62
N ALA D 270 5.32 -11.90 16.98
CA ALA D 270 5.01 -10.68 16.21
C ALA D 270 6.20 -9.73 16.23
N ARG D 271 6.23 -8.87 15.23
CA ARG D 271 7.20 -7.79 15.08
C ARG D 271 6.39 -6.50 15.00
N ASP D 272 5.33 -6.40 15.78
CA ASP D 272 4.40 -5.24 15.73
C ASP D 272 5.12 -3.90 16.00
N GLY D 273 6.15 -3.90 16.83
CA GLY D 273 6.94 -2.70 17.12
C GLY D 273 7.57 -2.13 15.87
N LEU D 274 7.97 -2.99 14.95
CA LEU D 274 8.57 -2.52 13.67
C LEU D 274 7.49 -1.94 12.77
N VAL D 275 6.33 -2.54 12.74
CA VAL D 275 5.15 -2.04 12.00
C VAL D 275 4.77 -0.66 12.56
N GLU D 276 4.70 -0.53 13.87
CA GLU D 276 4.37 0.76 14.52
C GLU D 276 5.41 1.82 14.12
N ALA D 277 6.68 1.51 14.27
CA ALA D 277 7.77 2.46 13.96
C ALA D 277 7.69 2.85 12.48
N SER D 278 7.46 1.90 11.58
CA SER D 278 7.38 2.23 10.15
C SER D 278 6.24 3.20 9.91
N GLY D 279 5.13 3.09 10.63
CA GLY D 279 4.05 4.08 10.48
C GLY D 279 4.51 5.49 10.83
N ALA D 280 5.35 5.69 11.85
CA ALA D 280 5.89 7.02 12.16
C ALA D 280 6.77 7.51 11.00
N LEU D 281 7.62 6.64 10.47
CA LEU D 281 8.50 7.00 9.34
C LEU D 281 7.64 7.35 8.12
N ARG D 282 6.61 6.59 7.84
CA ARG D 282 5.71 6.87 6.72
C ARG D 282 5.03 8.21 6.93
N THR D 283 4.61 8.56 8.14
CA THR D 283 4.02 9.89 8.37
C THR D 283 5.08 10.97 8.09
N ILE D 284 6.29 10.77 8.56
CA ILE D 284 7.39 11.73 8.24
C ILE D 284 7.56 11.87 6.73
N ALA D 285 7.48 10.77 5.99
CA ALA D 285 7.63 10.81 4.53
C ALA D 285 6.48 11.59 3.92
N VAL D 286 5.27 11.47 4.44
CA VAL D 286 4.12 12.27 4.00
C VAL D 286 4.38 13.75 4.26
N SER D 287 4.85 14.11 5.45
CA SER D 287 5.15 15.52 5.76
C SER D 287 6.23 16.02 4.78
N LEU D 288 7.35 15.30 4.66
CA LEU D 288 8.47 15.73 3.81
C LEU D 288 7.98 15.96 2.38
N THR D 289 7.08 15.12 1.89
CA THR D 289 6.57 15.25 0.50
C THR D 289 5.90 16.64 0.37
N LYS D 290 5.05 17.04 1.28
CA LYS D 290 4.36 18.35 1.26
C LYS D 290 5.41 19.46 1.30
N ILE D 291 6.38 19.37 2.20
CA ILE D 291 7.38 20.45 2.36
C ILE D 291 8.19 20.55 1.07
N ALA D 292 8.70 19.43 0.58
CA ALA D 292 9.57 19.43 -0.62
C ALA D 292 8.78 19.92 -1.84
N ASN D 293 7.55 19.46 -1.99
CA ASN D 293 6.76 19.88 -3.17
C ASN D 293 6.53 21.38 -3.12
N ASP D 294 6.21 21.92 -1.96
CA ASP D 294 5.94 23.38 -1.89
C ASP D 294 7.22 24.11 -2.27
N ILE D 295 8.35 23.66 -1.75
CA ILE D 295 9.64 24.36 -1.99
C ILE D 295 10.00 24.28 -3.46
N ARG D 296 9.83 23.13 -4.14
CA ARG D 296 10.17 23.15 -5.58
C ARG D 296 9.16 23.98 -6.34
N TRP D 297 7.89 24.03 -5.95
CA TRP D 297 6.95 24.92 -6.65
C TRP D 297 7.32 26.39 -6.39
N MET D 298 7.66 26.74 -5.16
N MET D 298 7.72 26.75 -5.18
CA MET D 298 8.11 28.12 -4.84
CA MET D 298 8.07 28.15 -4.90
C MET D 298 9.28 28.48 -5.77
C MET D 298 9.37 28.53 -5.64
N GLY D 299 10.22 27.56 -5.99
CA GLY D 299 11.43 27.80 -6.78
C GLY D 299 11.22 27.77 -8.28
N SER D 300 10.04 27.40 -8.75
CA SER D 300 9.75 27.08 -10.16
C SER D 300 9.98 28.30 -11.08
N GLY D 301 10.37 28.01 -12.32
CA GLY D 301 10.45 29.03 -13.38
C GLY D 301 11.84 29.08 -13.96
N PRO D 302 12.45 30.27 -14.04
CA PRO D 302 11.82 31.50 -13.48
C PRO D 302 10.60 32.08 -14.23
N LEU D 303 10.64 32.10 -15.56
CA LEU D 303 9.56 32.85 -16.27
C LEU D 303 8.22 32.12 -16.23
N THR D 304 8.22 30.81 -16.25
CA THR D 304 6.98 30.00 -16.43
C THR D 304 6.40 29.59 -15.08
N GLY D 305 7.06 29.90 -13.97
CA GLY D 305 6.68 29.34 -12.69
C GLY D 305 6.31 30.41 -11.69
N LEU D 306 6.45 30.08 -10.43
CA LEU D 306 5.99 30.99 -9.35
C LEU D 306 7.13 31.94 -8.95
N ALA D 307 8.37 31.50 -9.01
CA ALA D 307 9.58 32.31 -8.83
C ALA D 307 9.55 33.04 -7.48
N GLU D 308 9.06 32.39 -6.44
CA GLU D 308 8.98 33.02 -5.10
C GLU D 308 10.31 32.98 -4.39
N ILE D 309 11.09 31.92 -4.55
CA ILE D 309 12.35 31.73 -3.82
C ILE D 309 13.38 31.23 -4.81
N GLN D 310 14.65 31.37 -4.46
N GLN D 310 14.64 31.27 -4.41
CA GLN D 310 15.78 30.76 -5.18
CA GLN D 310 15.76 30.73 -5.20
C GLN D 310 16.31 29.59 -4.33
C GLN D 310 16.46 29.64 -4.40
N LEU D 311 16.53 28.44 -4.94
CA LEU D 311 17.21 27.32 -4.26
C LEU D 311 18.70 27.41 -4.55
N PRO D 312 19.55 27.01 -3.61
CA PRO D 312 20.97 26.90 -3.88
C PRO D 312 21.22 25.90 -5.02
N ASP D 313 22.12 26.31 -5.91
CA ASP D 313 22.65 25.52 -7.04
C ASP D 313 23.65 24.49 -6.49
N LEU D 314 23.39 23.23 -6.76
CA LEU D 314 24.22 22.06 -6.41
C LEU D 314 24.73 21.47 -7.74
N LYS D 324 18.89 29.19 -13.73
CA LYS D 324 17.86 28.12 -13.74
C LYS D 324 18.40 26.87 -13.01
N VAL D 325 18.13 26.79 -11.72
CA VAL D 325 18.60 25.70 -10.82
C VAL D 325 17.49 24.64 -10.72
N ASN D 326 17.79 23.40 -11.04
CA ASN D 326 16.82 22.30 -10.84
C ASN D 326 16.73 21.96 -9.35
N PRO D 327 15.52 21.63 -8.85
CA PRO D 327 15.32 21.42 -7.41
C PRO D 327 15.73 20.00 -7.03
N VAL D 328 17.01 19.71 -7.12
CA VAL D 328 17.49 18.32 -7.06
C VAL D 328 17.28 17.79 -5.64
N LEU D 329 17.44 18.58 -4.58
N LEU D 329 17.48 18.58 -4.58
CA LEU D 329 17.23 17.98 -3.23
CA LEU D 329 17.26 18.02 -3.24
C LEU D 329 15.74 17.79 -2.93
C LEU D 329 15.76 17.77 -3.00
N PRO D 330 14.80 18.67 -3.32
CA PRO D 330 13.37 18.29 -3.27
C PRO D 330 13.10 16.99 -4.03
N GLU D 331 13.73 16.78 -5.18
CA GLU D 331 13.54 15.51 -5.92
C GLU D 331 14.04 14.32 -5.12
N ALA D 332 15.21 14.44 -4.51
CA ALA D 332 15.77 13.33 -3.71
C ALA D 332 14.86 13.08 -2.51
N VAL D 333 14.33 14.14 -1.90
CA VAL D 333 13.42 13.97 -0.73
C VAL D 333 12.14 13.23 -1.15
N THR D 334 11.49 13.67 -2.22
CA THR D 334 10.20 13.08 -2.67
C THR D 334 10.45 11.63 -3.12
N GLN D 335 11.57 11.33 -3.76
CA GLN D 335 11.93 9.93 -4.10
C GLN D 335 12.15 9.07 -2.85
N VAL D 336 12.89 9.60 -1.86
CA VAL D 336 13.08 8.89 -0.57
C VAL D 336 11.69 8.63 0.06
N ALA D 337 10.79 9.61 0.06
CA ALA D 337 9.46 9.44 0.69
C ALA D 337 8.72 8.29 -0.01
N ALA D 338 8.78 8.21 -1.33
CA ALA D 338 8.15 7.12 -2.09
C ALA D 338 8.73 5.78 -1.61
N GLN D 339 10.04 5.72 -1.44
CA GLN D 339 10.71 4.46 -1.00
C GLN D 339 10.25 4.11 0.42
N VAL D 340 10.12 5.08 1.32
CA VAL D 340 9.67 4.79 2.71
C VAL D 340 8.24 4.27 2.66
N ILE D 341 7.36 4.83 1.79
CA ILE D 341 5.97 4.35 1.66
C ILE D 341 5.97 2.90 1.17
N GLY D 342 6.80 2.58 0.18
CA GLY D 342 6.89 1.17 -0.28
C GLY D 342 7.44 0.24 0.76
N ASN D 343 8.53 0.64 1.42
CA ASN D 343 9.11 -0.17 2.49
C ASN D 343 8.08 -0.40 3.60
N ASP D 344 7.27 0.62 3.92
CA ASP D 344 6.26 0.52 4.97
C ASP D 344 5.21 -0.54 4.61
N ALA D 345 4.82 -0.66 3.34
CA ALA D 345 3.87 -1.68 2.92
C ALA D 345 4.48 -3.07 3.08
N ALA D 346 5.75 -3.25 2.70
CA ALA D 346 6.44 -4.54 2.86
C ALA D 346 6.49 -4.92 4.33
N ILE D 347 6.77 -3.96 5.22
CA ILE D 347 6.91 -4.23 6.65
C ILE D 347 5.56 -4.73 7.19
N ALA D 348 4.48 -4.04 6.86
CA ALA D 348 3.15 -4.40 7.41
C ALA D 348 2.77 -5.80 6.91
N TRP D 349 3.06 -6.09 5.65
CA TRP D 349 2.76 -7.40 5.05
C TRP D 349 3.49 -8.51 5.83
N GLY D 350 4.77 -8.35 6.07
CA GLY D 350 5.52 -9.32 6.87
C GLY D 350 4.96 -9.36 8.28
N GLY D 351 4.69 -8.22 8.89
CA GLY D 351 4.20 -8.18 10.27
C GLY D 351 2.94 -8.98 10.47
N ALA D 352 2.07 -9.00 9.46
CA ALA D 352 0.71 -9.58 9.66
C ALA D 352 0.80 -11.10 9.60
N ASN D 353 1.87 -11.65 9.05
CA ASN D 353 1.85 -13.05 8.56
C ASN D 353 2.68 -13.99 9.45
N GLY D 354 2.85 -13.64 10.72
CA GLY D 354 3.39 -14.57 11.73
C GLY D 354 2.49 -15.78 11.90
N ALA D 355 3.01 -16.84 12.50
CA ALA D 355 2.18 -18.00 12.84
C ALA D 355 2.62 -18.55 14.20
N PHE D 356 1.66 -18.73 15.10
CA PHE D 356 1.92 -19.37 16.42
C PHE D 356 3.08 -18.66 17.11
N GLU D 357 4.16 -19.39 17.42
CA GLU D 357 5.22 -18.84 18.27
C GLU D 357 6.26 -17.99 17.52
N LEU D 358 6.17 -17.77 16.21
CA LEU D 358 7.28 -17.09 15.51
C LEU D 358 6.78 -16.38 14.27
N ASN D 359 7.07 -15.09 14.18
CA ASN D 359 7.00 -14.35 12.89
C ASN D 359 8.26 -14.62 12.09
N VAL D 360 8.12 -15.22 10.91
CA VAL D 360 9.27 -15.60 10.06
C VAL D 360 9.38 -14.67 8.83
N TYR D 361 9.30 -13.36 9.05
CA TYR D 361 9.57 -12.32 8.02
C TYR D 361 10.64 -11.35 8.50
N ILE D 362 11.44 -11.75 9.51
CA ILE D 362 12.26 -10.78 10.25
C ILE D 362 13.33 -10.22 9.32
N PRO D 363 14.09 -11.01 8.55
CA PRO D 363 15.12 -10.40 7.72
C PRO D 363 14.60 -9.35 6.74
N MET D 364 13.48 -9.64 6.11
CA MET D 364 12.86 -8.68 5.17
C MET D 364 12.39 -7.44 5.93
N MET D 365 11.68 -7.61 7.04
CA MET D 365 11.19 -6.47 7.82
C MET D 365 12.38 -5.62 8.29
N ALA D 366 13.44 -6.23 8.76
CA ALA D 366 14.68 -5.54 9.21
C ALA D 366 15.27 -4.72 8.07
N ARG D 367 15.46 -5.35 6.90
CA ARG D 367 16.02 -4.61 5.77
C ARG D 367 15.22 -3.32 5.54
N ASN D 368 13.90 -3.45 5.49
CA ASN D 368 13.02 -2.35 5.10
C ASN D 368 12.99 -1.28 6.16
N ILE D 369 12.86 -1.60 7.44
N ILE D 369 12.82 -1.64 7.45
CA ILE D 369 12.75 -0.48 8.39
CA ILE D 369 12.73 -0.64 8.55
C ILE D 369 14.12 0.17 8.54
C ILE D 369 14.07 0.10 8.65
N LEU D 370 15.19 -0.61 8.57
CA LEU D 370 16.53 0.03 8.73
C LEU D 370 16.86 0.91 7.52
N GLU D 371 16.44 0.50 6.32
CA GLU D 371 16.60 1.38 5.18
C GLU D 371 15.78 2.65 5.37
N SER D 372 14.53 2.56 5.74
CA SER D 372 13.70 3.76 5.92
C SER D 372 14.38 4.71 6.91
N PHE D 373 14.85 4.17 8.04
CA PHE D 373 15.55 5.06 8.99
C PHE D 373 16.72 5.76 8.31
N LYS D 374 17.55 5.02 7.63
CA LYS D 374 18.78 5.56 7.01
C LYS D 374 18.46 6.63 5.95
N LEU D 375 17.53 6.32 5.05
CA LEU D 375 17.18 7.28 3.99
C LEU D 375 16.65 8.57 4.62
N LEU D 376 15.75 8.49 5.61
CA LEU D 376 15.15 9.71 6.20
C LEU D 376 16.22 10.49 6.95
N THR D 377 17.15 9.82 7.61
CA THR D 377 18.21 10.50 8.37
C THR D 377 19.05 11.28 7.38
N ASN D 378 19.58 10.59 6.36
CA ASN D 378 20.55 11.20 5.45
C ASN D 378 19.91 12.31 4.63
N VAL D 379 18.74 12.08 4.05
CA VAL D 379 18.12 13.12 3.19
C VAL D 379 17.67 14.30 4.03
N SER D 380 17.25 14.12 5.29
CA SER D 380 16.84 15.25 6.15
C SER D 380 18.04 16.17 6.38
N ARG D 381 19.22 15.63 6.69
N ARG D 381 19.20 15.60 6.71
CA ARG D 381 20.41 16.48 6.96
CA ARG D 381 20.40 16.42 6.96
C ARG D 381 20.87 17.15 5.67
C ARG D 381 20.82 17.15 5.68
N LEU D 382 20.78 16.46 4.54
CA LEU D 382 21.15 17.12 3.25
C LEU D 382 20.13 18.22 2.92
N PHE D 383 18.85 17.94 3.08
CA PHE D 383 17.79 18.92 2.79
C PHE D 383 18.01 20.16 3.65
N ALA D 384 18.28 19.96 4.93
CA ALA D 384 18.43 21.09 5.89
C ALA D 384 19.64 21.91 5.47
N GLN D 385 20.77 21.27 5.21
CA GLN D 385 22.09 21.96 5.10
C GLN D 385 22.25 22.54 3.70
N ARG D 386 21.83 21.82 2.68
CA ARG D 386 22.15 22.12 1.27
C ARG D 386 20.97 22.68 0.49
N CYS D 387 19.81 22.77 1.10
CA CYS D 387 18.63 23.38 0.47
C CYS D 387 18.03 24.45 1.38
N ILE D 388 17.46 24.11 2.51
CA ILE D 388 16.71 25.06 3.37
C ILE D 388 17.62 26.22 3.79
N ALA D 389 18.79 25.91 4.33
CA ALA D 389 19.61 26.97 4.97
C ALA D 389 19.95 28.07 3.94
N GLY D 390 20.13 27.69 2.68
CA GLY D 390 20.56 28.60 1.60
C GLY D 390 19.44 29.24 0.80
N LEU D 391 18.17 28.95 1.05
CA LEU D 391 17.05 29.53 0.25
C LEU D 391 17.14 31.05 0.38
N THR D 392 16.84 31.75 -0.70
CA THR D 392 16.64 33.21 -0.67
C THR D 392 15.23 33.54 -1.17
N ALA D 393 14.56 34.43 -0.47
CA ALA D 393 13.23 34.94 -0.85
C ALA D 393 13.35 36.06 -1.88
N ASN D 394 12.45 36.07 -2.87
CA ASN D 394 12.31 37.16 -3.85
C ASN D 394 11.30 38.13 -3.26
N VAL D 395 11.73 38.93 -2.28
CA VAL D 395 10.85 39.72 -1.40
C VAL D 395 9.92 40.66 -2.21
N GLU D 396 10.43 41.42 -3.17
N GLU D 396 10.49 41.43 -3.16
CA GLU D 396 9.55 42.39 -3.89
CA GLU D 396 9.76 42.38 -4.06
C GLU D 396 8.57 41.63 -4.81
C GLU D 396 8.64 41.62 -4.76
N HIS D 397 8.99 40.52 -5.42
CA HIS D 397 8.02 39.69 -6.20
C HIS D 397 6.93 39.19 -5.27
N LEU D 398 7.28 38.68 -4.09
CA LEU D 398 6.30 38.14 -3.13
C LEU D 398 5.34 39.24 -2.66
N ARG D 399 5.82 40.45 -2.44
CA ARG D 399 4.89 41.55 -2.10
C ARG D 399 3.91 41.81 -3.27
N ARG D 400 4.45 41.89 -4.48
N ARG D 400 4.42 41.87 -4.48
CA ARG D 400 3.62 42.09 -5.70
CA ARG D 400 3.55 42.12 -5.66
C ARG D 400 2.50 41.04 -5.74
C ARG D 400 2.47 41.03 -5.72
N LEU D 401 2.80 39.78 -5.38
CA LEU D 401 1.78 38.72 -5.36
C LEU D 401 0.77 39.00 -4.25
N ALA D 402 1.22 39.40 -3.05
CA ALA D 402 0.31 39.72 -1.93
C ALA D 402 -0.65 40.85 -2.34
N GLU D 403 -0.12 41.85 -3.03
CA GLU D 403 -0.89 43.05 -3.51
C GLU D 403 -1.82 42.65 -4.65
N SER D 404 -1.79 41.37 -5.06
CA SER D 404 -2.73 40.84 -6.09
C SER D 404 -3.73 39.85 -5.47
N SER D 405 -3.59 39.48 -4.20
CA SER D 405 -4.53 38.61 -3.46
C SER D 405 -5.90 39.27 -3.39
N PRO D 406 -6.97 38.49 -3.23
CA PRO D 406 -8.23 39.08 -2.87
C PRO D 406 -8.13 39.78 -1.50
N SER D 407 -8.94 40.81 -1.38
CA SER D 407 -9.11 41.55 -0.13
C SER D 407 -10.51 41.29 0.42
N ILE D 408 -10.76 41.75 1.64
CA ILE D 408 -12.07 41.63 2.31
C ILE D 408 -12.51 43.02 2.79
N VAL D 409 -13.79 43.18 3.11
CA VAL D 409 -14.36 44.51 3.50
C VAL D 409 -14.38 44.66 5.03
N THR D 410 -14.29 43.55 5.76
CA THR D 410 -14.37 43.52 7.25
C THR D 410 -13.59 44.67 7.88
N PRO D 411 -12.31 44.92 7.50
CA PRO D 411 -11.52 46.00 8.09
C PRO D 411 -11.95 47.44 7.77
N LEU D 412 -13.04 47.60 7.01
CA LEU D 412 -13.68 48.92 6.75
C LEU D 412 -14.94 49.10 7.63
N ASN D 413 -15.43 48.05 8.30
CA ASN D 413 -16.68 48.09 9.11
C ASN D 413 -16.72 49.35 9.97
N SER D 414 -15.69 49.60 10.77
CA SER D 414 -15.63 50.66 11.80
C SER D 414 -15.67 52.05 11.16
N ALA D 415 -15.42 52.16 9.85
CA ALA D 415 -15.25 53.46 9.16
C ALA D 415 -16.50 53.78 8.30
N ILE D 416 -17.11 52.80 7.65
CA ILE D 416 -18.24 53.01 6.71
C ILE D 416 -19.49 52.27 7.19
N GLY D 417 -19.34 51.40 8.19
CA GLY D 417 -20.45 50.62 8.77
C GLY D 417 -20.70 49.34 7.99
N TYR D 418 -21.34 48.37 8.66
CA TYR D 418 -21.68 47.00 8.18
C TYR D 418 -22.41 47.09 6.84
N GLU D 419 -23.23 48.13 6.67
CA GLU D 419 -24.19 48.25 5.54
C GLU D 419 -23.44 48.66 4.26
N GLU D 420 -22.68 49.76 4.31
CA GLU D 420 -21.89 50.26 3.15
C GLU D 420 -20.83 49.20 2.78
N ALA D 421 -20.17 48.59 3.77
CA ALA D 421 -19.16 47.53 3.57
C ALA D 421 -19.78 46.38 2.78
N ALA D 422 -20.98 45.93 3.13
CA ALA D 422 -21.68 44.86 2.39
C ALA D 422 -21.95 45.32 0.95
N ALA D 423 -22.26 46.59 0.74
CA ALA D 423 -22.56 47.18 -0.60
C ALA D 423 -21.26 47.30 -1.42
N VAL D 424 -20.14 47.65 -0.79
CA VAL D 424 -18.79 47.55 -1.44
C VAL D 424 -18.55 46.10 -1.88
N ALA D 425 -18.73 45.13 -0.98
CA ALA D 425 -18.49 43.70 -1.28
C ALA D 425 -19.28 43.29 -2.51
N LYS D 426 -20.57 43.63 -2.56
CA LYS D 426 -21.49 43.21 -3.64
C LYS D 426 -21.04 43.86 -4.95
N GLN D 427 -20.78 45.17 -4.93
CA GLN D 427 -20.37 45.90 -6.15
C GLN D 427 -18.99 45.40 -6.65
N ALA D 428 -18.02 45.14 -5.76
CA ALA D 428 -16.69 44.60 -6.15
C ALA D 428 -16.88 43.28 -6.91
N LEU D 429 -17.74 42.40 -6.39
CA LEU D 429 -17.96 41.07 -7.00
C LEU D 429 -18.64 41.25 -8.37
N LYS D 430 -19.66 42.10 -8.45
CA LYS D 430 -20.47 42.24 -9.70
C LYS D 430 -19.57 42.82 -10.80
N GLU D 431 -18.75 43.82 -10.48
CA GLU D 431 -17.97 44.60 -11.47
C GLU D 431 -16.55 44.03 -11.60
N ARG D 432 -16.21 42.97 -10.84
CA ARG D 432 -14.88 42.30 -10.90
C ARG D 432 -13.80 43.35 -10.63
N LYS D 433 -14.03 44.14 -9.57
CA LYS D 433 -13.14 45.23 -9.13
C LYS D 433 -12.54 44.80 -7.81
N THR D 434 -11.44 45.44 -7.40
CA THR D 434 -10.85 45.25 -6.07
C THR D 434 -11.74 45.94 -5.03
N ILE D 435 -11.56 45.59 -3.78
CA ILE D 435 -12.24 46.30 -2.68
C ILE D 435 -11.78 47.77 -2.71
N ARG D 436 -10.47 47.99 -2.81
CA ARG D 436 -9.87 49.34 -2.72
C ARG D 436 -10.48 50.23 -3.80
N GLN D 437 -10.50 49.75 -5.04
CA GLN D 437 -10.99 50.57 -6.17
C GLN D 437 -12.51 50.79 -6.01
N THR D 438 -13.27 49.81 -5.54
CA THR D 438 -14.73 49.93 -5.36
C THR D 438 -14.98 51.03 -4.32
N VAL D 439 -14.16 51.10 -3.27
CA VAL D 439 -14.34 52.16 -2.25
C VAL D 439 -14.14 53.54 -2.90
N ILE D 440 -13.07 53.72 -3.64
CA ILE D 440 -12.73 54.99 -4.36
C ILE D 440 -13.88 55.34 -5.31
N ASP D 441 -14.33 54.37 -6.11
CA ASP D 441 -15.34 54.55 -7.18
C ASP D 441 -16.71 54.91 -6.59
N ARG D 442 -17.08 54.37 -5.43
CA ARG D 442 -18.35 54.69 -4.72
C ARG D 442 -18.25 56.03 -4.01
N GLY D 443 -17.13 56.75 -4.14
CA GLY D 443 -16.95 58.12 -3.60
C GLY D 443 -16.86 58.12 -2.07
N LEU D 444 -16.25 57.09 -1.47
CA LEU D 444 -16.33 56.90 0.00
C LEU D 444 -15.15 57.59 0.68
N ILE D 445 -14.12 57.98 -0.06
CA ILE D 445 -12.97 58.76 0.47
C ILE D 445 -13.52 60.13 0.91
N GLY D 446 -13.32 60.51 2.18
CA GLY D 446 -13.96 61.66 2.86
C GLY D 446 -13.60 61.68 4.33
N ASP D 447 -14.42 62.34 5.16
CA ASP D 447 -14.15 62.60 6.61
C ASP D 447 -14.15 61.27 7.40
N ARG D 448 -14.91 60.27 6.95
CA ARG D 448 -15.03 58.95 7.62
C ARG D 448 -13.86 58.04 7.19
N LEU D 449 -13.20 58.30 6.05
CA LEU D 449 -12.18 57.40 5.46
C LEU D 449 -11.25 58.17 4.52
N SER D 450 -10.07 58.53 5.00
CA SER D 450 -8.98 59.06 4.15
C SER D 450 -8.46 57.92 3.29
N ILE D 451 -7.69 58.26 2.27
CA ILE D 451 -6.88 57.26 1.52
C ILE D 451 -5.98 56.55 2.54
N GLU D 452 -5.32 57.29 3.44
CA GLU D 452 -4.36 56.71 4.41
C GLU D 452 -5.06 55.59 5.17
N ASP D 453 -6.26 55.88 5.69
CA ASP D 453 -7.10 54.97 6.51
C ASP D 453 -7.47 53.73 5.68
N LEU D 454 -7.78 53.91 4.40
CA LEU D 454 -8.14 52.81 3.47
C LEU D 454 -6.93 51.89 3.32
N ASP D 455 -5.79 52.50 3.03
CA ASP D 455 -4.49 51.82 2.78
C ASP D 455 -4.02 51.13 4.06
N ARG D 456 -4.22 51.71 5.24
CA ARG D 456 -3.83 51.04 6.51
C ARG D 456 -4.78 49.87 6.78
N ARG D 457 -6.09 50.04 6.56
CA ARG D 457 -7.09 49.03 6.93
C ARG D 457 -6.88 47.78 6.04
N LEU D 458 -6.47 47.99 4.78
CA LEU D 458 -6.39 46.92 3.75
C LEU D 458 -4.96 46.45 3.58
N ASP D 459 -4.02 46.93 4.39
CA ASP D 459 -2.59 46.64 4.21
C ASP D 459 -2.37 45.10 4.19
N VAL D 460 -1.67 44.60 3.20
CA VAL D 460 -1.57 43.12 3.00
C VAL D 460 -0.79 42.46 4.13
N LEU D 461 0.23 43.09 4.70
CA LEU D 461 0.95 42.49 5.84
C LEU D 461 0.00 42.46 7.05
N ALA D 462 -0.83 43.49 7.26
CA ALA D 462 -1.83 43.48 8.34
C ALA D 462 -2.82 42.34 8.13
N MET D 463 -3.23 42.14 6.87
N MET D 463 -3.24 42.13 6.87
CA MET D 463 -4.21 41.09 6.48
CA MET D 463 -4.21 41.07 6.50
C MET D 463 -3.61 39.70 6.78
C MET D 463 -3.60 39.70 6.83
N ALA D 464 -2.28 39.56 6.76
CA ALA D 464 -1.57 38.29 7.10
C ALA D 464 -1.59 38.05 8.60
N LYS D 465 -1.88 39.06 9.47
CA LYS D 465 -1.97 38.89 10.94
C LYS D 465 -0.68 38.27 11.48
N ALA D 466 0.49 38.81 11.11
CA ALA D 466 1.78 38.17 11.47
C ALA D 466 2.21 38.54 12.90
O3 KZK E . -2.06 -40.07 15.25
C4 KZK E . -2.70 -32.93 14.19
C5 KZK E . -4.00 -36.11 15.41
C6 KZK E . -6.41 -36.42 15.78
N1 KZK E . -10.67 -37.73 16.64
C7 KZK E . -7.73 -36.09 15.14
C8 KZK E . -8.91 -36.55 15.95
N2 KZK E . -2.37 -39.70 17.64
C9 KZK E . -9.71 -37.62 15.68
C10 KZK E . -10.51 -36.73 17.56
C11 KZK E . -9.42 -35.95 17.15
C12 KZK E . -9.04 -34.86 17.93
C13 KZK E . -9.74 -34.58 19.09
C14 KZK E . -10.81 -35.36 19.48
C15 KZK E . -11.21 -36.44 18.71
S KZK E . -1.62 -39.21 16.29
O KZK E . -0.23 -39.13 16.60
C22 KZK E . -3.63 -40.44 17.42
C21 KZK E . -3.55 -41.87 17.89
C20 KZK E . -3.39 -42.04 19.37
C19 KZK E . -2.32 -41.18 20.03
C18 KZK E . -2.58 -39.70 20.13
C17 KZK E . -2.28 -38.90 18.88
C KZK E . -2.19 -37.59 15.92
C16 KZK E . -3.55 -37.35 15.84
C3 KZK E . -3.06 -35.12 15.09
O1 KZK E . -3.60 -33.93 14.67
C2 KZK E . -1.71 -35.36 15.20
C1 KZK E . -1.27 -36.60 15.63
N KZK E . -5.36 -35.78 15.26
O2 KZK E . -6.33 -37.22 16.70
C FMT F . -11.27 28.56 -0.45
O1 FMT F . -10.21 28.70 0.07
O2 FMT F . -11.44 28.78 -1.69
MG MG G . 3.27 33.62 -14.76
O3 KZK H . -5.73 -39.82 14.88
C4 KZK H . -3.72 -34.13 10.80
C5 KZK H . -3.09 -37.40 12.23
C6 KZK H . -0.78 -38.32 12.33
N1 KZK H . 3.11 -40.60 12.72
C7 KZK H . 0.62 -37.89 12.69
C8 KZK H . 1.62 -38.96 12.43
N2 KZK H . -5.42 -41.14 12.85
C9 KZK H . 2.31 -39.70 13.34
C10 KZK H . 2.97 -40.46 11.36
C11 KZK H . 2.04 -39.44 11.15
C12 KZK H . 1.74 -39.08 9.83
C13 KZK H . 2.37 -39.73 8.79
C14 KZK H . 3.28 -40.74 9.03
C15 KZK H . 3.59 -41.12 10.32
S KZK H . -6.03 -39.79 13.49
O KZK H . -7.39 -39.72 13.07
C22 KZK H . -5.88 -41.55 11.51
C21 KZK H . -4.77 -41.84 10.52
C20 KZK H . -3.59 -42.52 11.15
C19 KZK H . -3.96 -43.68 12.06
C18 KZK H . -4.29 -43.29 13.47
C17 KZK H . -4.35 -41.79 13.63
C KZK H . -5.16 -38.45 12.76
C16 KZK H . -3.78 -38.47 12.76
C3 KZK H . -3.79 -36.32 11.72
O1 KZK H . -3.04 -35.30 11.21
C2 KZK H . -5.18 -36.31 11.72
C1 KZK H . -5.86 -37.38 12.25
N KZK H . -1.67 -37.31 12.21
O2 KZK H . -1.06 -39.50 12.17
MG MG I . 18.94 7.99 27.08
#